data_8ZJF
#
_entry.id   8ZJF
#
_cell.length_a   1.00
_cell.length_b   1.00
_cell.length_c   1.00
_cell.angle_alpha   90.00
_cell.angle_beta   90.00
_cell.angle_gamma   90.00
#
_symmetry.space_group_name_H-M   'P 1'
#
loop_
_entity.id
_entity.type
_entity.pdbx_description
1 polymer 'Integrin beta-7'
2 polymer 'Integrin alpha-E'
3 branched beta-D-mannopyranose-(1-4)-2-acetamido-2-deoxy-beta-D-glucopyranose-(1-4)-2-acetamido-2-deoxy-beta-D-glucopyranose
4 non-polymer 'MAGNESIUM ION'
5 non-polymer 'CALCIUM ION'
#
loop_
_entity_poly.entity_id
_entity_poly.type
_entity_poly.pdbx_seq_one_letter_code
_entity_poly.pdbx_strand_id
1 'polypeptide(L)'
;VALPMVLVLLLVLSRGESELDAKIPSTGDATEWRNPHLSMLGSCQPAPSCQKCILSHPSCAWCKQLNFTASGEAEARRCA
RREELLARGCPLEELEEPRGQQEVLQDQPLSQGARGEGATQLAPQRVRVTLRPGEPQQLQVRFLRAEGYPVDLYYLMDLS
YSMKDDLERVRQLGHALLVRLQEVTHSVRIGFGSFVDKTVLPFVSTVPSKLRHPCPTRLERCQSPFSFHHVLSLTGDAQA
FEREVGRQSVSGNLDSPEGGFDAILQAALCQEQIGWRNVSRLLVFTSDDTFHTAGDGKLGGIFMPSDGHCHLDSNGLYSR
STEFDYPSVGQVAQALSAANIQPIFAVTSAALPVYQELSKLIPKSAVGELSEDSSNVVQLIMDAYNSLSSTVTLEHSSLP
PGVHISYESQCEGPEKREGKAEDRGQCNHVRINQTVTFWVSLQATHCLPEPHLLRLRALGFSEELIVELHTLCDCNCSDT
QPQAPHCSDGQGHLQCGVCSCAPGRLGRLCECSVAELSSPDLESGCRAPNGTGPLCSGKGHCQCGRCSCSGQSSGHLCEC
DDASCERHEGILCGGFGRCQCGVCHCHANRTGRACECSGDMDSCISPEGGLCSGHGRCKCNRCQCLDGYYGALCDQCPGC
KTPCERHRDCAECGAFRTGPLATNCSTACAHTNVTLALAPILDDGWCKERTLDNQLFFFLVEDDARGTVVLRVRPQEKGA
DHTQAIVLGCVGGIVAVGLGLVLAYRLSVEIYDRREYSRFEKEQQQLNWKQDSNPLYKSAITTTINPRFQEADSPTLGSG
SGLNDIFEAQKIEWHEGSGSENLYFQ
;
B
2 'polypeptide(L)'
;WLFHTLLCIASLALLAAFNVDVARPWLTPKGGAPFVLSSLLHQDPSTNQTWLLVTSPRTKRTPGPLHRCSLVQDEILCHP
VEHVPIPKGRHRGVTVVRSHHGVLICIQVLVRRPHSLSSELTGTCSLLGPDLRPQAQANFFDLENLLDPDARVDTGDCYS
NKEGGGEDDVNTARQRRALEKEEEEDKEEEEDEEEEEAGTEIAIILDGSGSIDPPDFQRAKDFISNMMRNFYEKCFECNF
ALVQYGGVIQTEFDLRDSQDVMASLARVQNITQVGSVTKTASAMQHVLDSIFTSSHGSRRKASKVMVVLTDGGIFEDPLN
LTTVINSPKMQGVERFAIGVGEEFKSARTARELNLIASDPDETHAFKVTNYMALDGLLSKLRYNIISMEGTVGDALHYQL
AQIGFSAQILDERQVLLGAVGAFDWSGGALLYDTRSRRGRFLNQTAAAAADAEAAQYSYLGYAVAVLHKTCSLSYIAGAP
RYKHHGAVFELQKEGREASFLPVLEGEQMGSYFGSELCPVDIDMDGSTDFLLVAAPFYHVHGEEGRVYVYRLSEQDGSFS
LARILSGHPGFTNARFGFAMAAMGDLSQDKLTDVAIGAPLEGFGADDGASFGSVYIYNGHWDGLSASPSQRIRASTVAPG
LQYFGMSMAGGFDISGDGLADITVGTLGQAVVFRSRPVVRLKVSMAFTPSALPIGFNGVVNVRLCFEISSVTTASESGLR
EALLNFTLDVDVGKQRRRLQCSDVRSCLGCLREWSSGSQLCEDLLLMPTEGELCEEDCFSNASVKVSYQLQTPEGQTDHP
QPILDRYTEPFAIFQLPYEKACKNKLFCVAELQLATTVSQQELVVGLTKELTLNINLTNSGEDSYMTSMALNYPRNLQLK
RMQKPPSPNIQCDDPQPVASVLIMNCRIGHPVLKRSSAHVSVVWQLEENAFPNRTADITVTVTNSNERRSLANETHTLQF
RHGFVAVLSKPSIMYVNTGQGLSHHKEFLFHVHGENLFGAEYQLQICVPTKLRGLQVVAVKKLTRTQASTVCTWSQERAC
AYSSVQHVEEWHSVSCVIASDKENVTVAAEISWDHSEELLKDVTELQILGEISFNKSLYEGLNAENHRTKITVVFLKDEK
YHSLPIIIKGSVGGLLVLIVILVILFKCGFFKRKYQQLNLESIRKAQLKSENLLEEENLELEVLFQGPGSDYKDDDDK
;
A
#
loop_
_chem_comp.id
_chem_comp.type
_chem_comp.name
_chem_comp.formula
BMA D-saccharide, beta linking beta-D-mannopyranose 'C6 H12 O6'
CA non-polymer 'CALCIUM ION' 'Ca 2'
MG non-polymer 'MAGNESIUM ION' 'Mg 2'
NAG D-saccharide, beta linking 2-acetamido-2-deoxy-beta-D-glucopyranose 'C8 H15 N O6'
#
# COMPACT_ATOMS: atom_id res chain seq x y z
N SER A 43 33.17 11.17 23.87
CA SER A 43 32.48 12.23 23.13
C SER A 43 33.20 12.54 21.83
N CYS A 44 34.34 13.22 21.94
CA CYS A 44 35.13 13.62 20.78
C CYS A 44 36.48 12.91 20.83
N GLN A 45 36.94 12.50 19.65
CA GLN A 45 38.16 11.72 19.49
C GLN A 45 39.05 12.38 18.44
N PRO A 46 40.37 12.15 18.51
CA PRO A 46 41.28 12.78 17.53
C PRO A 46 40.93 12.43 16.09
N ALA A 47 40.90 13.44 15.24
CA ALA A 47 40.51 13.28 13.85
C ALA A 47 41.55 13.85 12.90
N PRO A 48 41.63 13.36 11.66
CA PRO A 48 42.66 13.86 10.74
C PRO A 48 42.49 15.32 10.35
N SER A 49 41.28 15.72 9.97
CA SER A 49 41.07 17.07 9.45
C SER A 49 39.88 17.70 10.14
N CYS A 50 39.73 19.01 9.93
CA CYS A 50 38.64 19.76 10.55
C CYS A 50 37.28 19.26 10.08
N GLN A 51 37.15 18.96 8.79
CA GLN A 51 35.88 18.50 8.25
C GLN A 51 35.43 17.20 8.91
N LYS A 52 36.32 16.20 8.93
CA LYS A 52 35.99 14.94 9.58
C LYS A 52 35.81 15.14 11.09
N CYS A 53 36.57 16.07 11.68
CA CYS A 53 36.46 16.32 13.11
C CYS A 53 35.07 16.85 13.47
N ILE A 54 34.55 17.80 12.70
CA ILE A 54 33.23 18.35 12.98
C ILE A 54 32.15 17.34 12.61
N LEU A 55 32.37 16.52 11.59
CA LEU A 55 31.40 15.49 11.26
C LEU A 55 31.38 14.37 12.30
N SER A 56 32.44 14.21 13.08
CA SER A 56 32.49 13.11 14.05
C SER A 56 31.52 13.33 15.20
N HIS A 57 31.51 14.54 15.78
CA HIS A 57 30.70 14.79 16.96
C HIS A 57 30.37 16.27 17.04
N PRO A 58 29.17 16.64 17.49
CA PRO A 58 28.83 18.08 17.59
C PRO A 58 29.67 18.83 18.62
N SER A 59 30.29 18.14 19.57
CA SER A 59 31.03 18.81 20.64
C SER A 59 32.51 19.03 20.31
N CYS A 60 32.96 18.62 19.14
CA CYS A 60 34.36 18.75 18.79
C CYS A 60 34.72 20.21 18.50
N ALA A 61 35.96 20.58 18.83
CA ALA A 61 36.43 21.96 18.85
C ALA A 61 37.78 22.09 18.15
N TRP A 62 37.86 21.58 16.92
CA TRP A 62 39.10 21.60 16.15
C TRP A 62 39.78 22.96 16.19
N CYS A 63 41.10 22.96 16.30
CA CYS A 63 41.92 24.16 16.41
C CYS A 63 42.70 24.38 15.13
N LYS A 64 42.91 25.65 14.79
CA LYS A 64 43.49 26.03 13.50
C LYS A 64 44.68 26.97 13.64
N GLN A 65 45.36 26.97 14.78
CA GLN A 65 46.47 27.89 14.97
C GLN A 65 47.62 27.55 14.03
N LEU A 66 48.42 28.58 13.70
CA LEU A 66 49.46 28.45 12.69
C LEU A 66 50.66 27.65 13.22
N ASN A 67 50.60 26.33 13.11
CA ASN A 67 51.73 25.45 13.40
C ASN A 67 52.23 25.64 14.83
N PHE A 68 51.30 25.61 15.79
CA PHE A 68 51.67 25.62 17.20
C PHE A 68 51.89 24.23 17.75
N THR A 69 51.73 23.20 16.94
CA THR A 69 52.05 21.82 17.31
C THR A 69 53.52 21.50 17.10
N ALA A 70 54.37 22.52 16.95
CA ALA A 70 55.80 22.30 16.77
C ALA A 70 56.49 22.10 18.12
N SER A 71 55.93 21.22 18.94
CA SER A 71 56.48 20.90 20.25
C SER A 71 56.40 19.40 20.51
N GLY A 72 56.52 18.60 19.44
CA GLY A 72 56.37 17.16 19.59
C GLY A 72 54.92 16.72 19.73
N GLU A 73 54.13 16.90 18.68
CA GLU A 73 52.76 16.44 18.69
C GLU A 73 52.30 16.19 17.25
N ALA A 74 51.71 15.02 17.01
CA ALA A 74 51.20 14.70 15.69
C ALA A 74 50.02 15.59 15.34
N GLU A 75 49.96 15.99 14.07
CA GLU A 75 48.91 16.91 13.63
C GLU A 75 47.63 16.16 13.30
N ALA A 76 47.18 15.29 14.21
CA ALA A 76 45.90 14.62 14.06
C ALA A 76 45.15 14.52 15.39
N ARG A 77 45.65 15.16 16.45
CA ARG A 77 45.07 15.06 17.78
C ARG A 77 44.48 16.40 18.22
N ARG A 78 44.05 17.22 17.26
CA ARG A 78 43.47 18.53 17.53
C ARG A 78 41.94 18.49 17.47
N CYS A 79 41.34 17.38 17.90
CA CYS A 79 39.89 17.19 17.83
C CYS A 79 39.41 16.73 19.20
N ALA A 80 39.02 17.68 20.05
CA ALA A 80 38.50 17.38 21.37
C ALA A 80 37.50 18.48 21.74
N ARG A 81 37.16 18.57 23.02
CA ARG A 81 36.16 19.53 23.49
C ARG A 81 36.75 20.95 23.45
N ARG A 82 35.95 21.92 23.89
CA ARG A 82 36.37 23.32 23.82
C ARG A 82 37.46 23.63 24.82
N GLU A 83 37.33 23.14 26.06
CA GLU A 83 38.30 23.48 27.10
C GLU A 83 39.66 22.89 26.81
N GLU A 84 39.71 21.64 26.34
CA GLU A 84 40.99 20.99 26.05
C GLU A 84 41.74 21.62 24.89
N LEU A 85 41.08 22.48 24.11
CA LEU A 85 41.77 23.18 23.03
C LEU A 85 41.97 24.66 23.33
N LEU A 86 41.16 25.25 24.21
CA LEU A 86 41.40 26.61 24.68
C LEU A 86 42.56 26.67 25.67
N ALA A 87 42.64 25.70 26.57
CA ALA A 87 43.75 25.69 27.53
C ALA A 87 45.05 25.26 26.87
N ARG A 88 44.96 24.46 25.81
CA ARG A 88 46.16 23.93 25.14
C ARG A 88 46.52 24.75 23.91
N GLY A 89 47.10 25.92 24.18
CA GLY A 89 47.78 26.71 23.16
C GLY A 89 46.98 27.75 22.40
N CYS A 90 46.10 27.34 21.49
CA CYS A 90 45.52 28.30 20.57
C CYS A 90 44.50 29.19 21.27
N PRO A 91 44.44 30.49 20.93
CA PRO A 91 43.49 31.40 21.58
C PRO A 91 42.12 31.36 20.92
N LEU A 92 41.24 32.28 21.34
CA LEU A 92 39.86 32.28 20.85
C LEU A 92 39.80 32.53 19.35
N GLU A 93 40.80 33.21 18.78
CA GLU A 93 40.77 33.51 17.36
C GLU A 93 41.15 32.30 16.51
N GLU A 94 42.07 31.47 16.98
CA GLU A 94 42.67 30.43 16.17
C GLU A 94 42.04 29.05 16.37
N LEU A 95 40.75 28.98 16.70
CA LEU A 95 40.00 27.73 16.63
C LEU A 95 38.63 28.03 16.03
N GLU A 96 38.15 27.10 15.20
CA GLU A 96 36.89 27.28 14.49
C GLU A 96 35.97 26.11 14.81
N GLU A 97 35.01 26.34 15.71
CA GLU A 97 33.95 25.37 15.96
C GLU A 97 32.70 25.83 15.23
N PRO A 98 32.30 25.17 14.15
CA PRO A 98 31.16 25.67 13.36
C PRO A 98 29.83 25.33 14.02
N ARG A 99 28.95 26.33 14.11
CA ARG A 99 27.62 26.16 14.67
C ARG A 99 26.60 26.59 13.64
N GLY A 100 25.66 25.70 13.33
CA GLY A 100 24.61 26.03 12.39
C GLY A 100 23.64 27.06 12.96
N GLN A 101 22.92 27.73 12.06
CA GLN A 101 22.00 28.77 12.45
C GLN A 101 20.79 28.75 11.51
N GLN A 102 19.79 29.55 11.86
CA GLN A 102 18.60 29.72 11.03
C GLN A 102 18.40 31.20 10.74
N GLU A 103 18.05 31.50 9.50
CA GLU A 103 17.81 32.87 9.06
C GLU A 103 16.42 32.97 8.46
N VAL A 104 15.66 33.96 8.89
CA VAL A 104 14.29 34.16 8.42
C VAL A 104 14.33 34.98 7.15
N LEU A 105 13.77 34.43 6.07
CA LEU A 105 13.76 35.13 4.79
C LEU A 105 12.62 36.14 4.71
N GLN A 106 11.38 35.67 4.81
CA GLN A 106 10.21 36.53 4.82
C GLN A 106 9.37 36.20 6.05
N ASP A 107 8.97 37.24 6.79
CA ASP A 107 8.16 37.07 7.99
C ASP A 107 7.15 38.23 8.04
N GLN A 108 5.99 38.01 7.45
CA GLN A 108 4.99 39.05 7.57
C GLN A 108 4.18 38.84 8.85
N PRO A 109 3.74 39.91 9.50
CA PRO A 109 3.10 39.77 10.81
C PRO A 109 1.74 39.09 10.70
N LEU A 110 1.34 38.46 11.81
CA LEU A 110 0.05 37.80 11.89
C LEU A 110 -1.06 38.84 11.86
N SER A 111 -1.76 38.95 10.73
CA SER A 111 -2.83 39.92 10.55
C SER A 111 -4.13 39.19 10.24
N GLN A 112 -5.23 39.71 10.77
CA GLN A 112 -6.55 39.12 10.55
C GLN A 112 -7.25 39.77 9.35
N GLY A 113 -6.53 39.88 8.25
CA GLY A 113 -7.02 40.48 7.02
C GLY A 113 -7.56 41.88 7.25
N ALA A 114 -8.61 42.21 6.50
CA ALA A 114 -9.39 43.42 6.74
C ALA A 114 -10.79 43.08 7.22
N ARG A 115 -11.54 42.31 6.44
CA ARG A 115 -12.75 41.63 6.90
C ARG A 115 -12.67 40.20 6.34
N GLY A 116 -11.93 39.35 7.05
CA GLY A 116 -11.67 38.00 6.56
C GLY A 116 -11.04 37.95 5.19
N GLU A 117 -10.32 38.99 4.77
CA GLU A 117 -9.84 39.09 3.40
C GLU A 117 -8.42 38.55 3.23
N GLY A 118 -7.46 39.14 3.94
CA GLY A 118 -6.06 38.79 3.76
C GLY A 118 -5.42 38.22 5.00
N ALA A 119 -6.14 37.34 5.71
CA ALA A 119 -5.68 36.81 6.98
C ALA A 119 -4.40 36.00 6.83
N THR A 120 -3.33 36.43 7.51
CA THR A 120 -2.09 35.67 7.60
C THR A 120 -2.06 34.99 8.97
N GLN A 121 -2.01 33.65 8.96
CA GLN A 121 -2.16 32.89 10.19
C GLN A 121 -0.90 32.15 10.61
N LEU A 122 0.00 31.83 9.69
CA LEU A 122 1.21 31.08 10.01
C LEU A 122 2.42 31.98 9.75
N ALA A 123 3.22 32.20 10.79
CA ALA A 123 4.43 33.01 10.69
C ALA A 123 5.55 32.30 11.44
N PRO A 124 6.77 32.29 10.90
CA PRO A 124 7.19 32.86 9.60
C PRO A 124 6.68 32.05 8.43
N GLN A 125 7.02 32.43 7.19
CA GLN A 125 6.55 31.73 6.01
C GLN A 125 7.66 31.13 5.17
N ARG A 126 8.90 31.60 5.30
CA ARG A 126 10.02 31.00 4.61
C ARG A 126 11.27 31.24 5.45
N VAL A 127 11.90 30.16 5.90
CA VAL A 127 13.09 30.24 6.74
C VAL A 127 14.17 29.36 6.12
N ARG A 128 15.43 29.75 6.34
CA ARG A 128 16.57 28.97 5.89
C ARG A 128 17.29 28.41 7.11
N VAL A 129 17.30 27.09 7.23
CA VAL A 129 17.87 26.42 8.40
C VAL A 129 19.09 25.65 7.93
N THR A 130 20.26 26.03 8.45
CA THR A 130 21.51 25.31 8.23
C THR A 130 21.93 24.69 9.55
N LEU A 131 22.00 23.36 9.60
CA LEU A 131 22.26 22.65 10.85
C LEU A 131 23.46 21.73 10.68
N ARG A 132 24.43 21.88 11.57
CA ARG A 132 25.55 20.96 11.61
C ARG A 132 25.07 19.59 12.05
N PRO A 133 25.55 18.50 11.46
CA PRO A 133 25.09 17.18 11.86
C PRO A 133 25.21 16.94 13.36
N GLY A 134 24.16 16.40 13.95
CA GLY A 134 24.12 16.13 15.37
C GLY A 134 23.71 17.30 16.24
N GLU A 135 23.38 18.46 15.65
CA GLU A 135 23.01 19.59 16.49
C GLU A 135 21.52 19.87 16.40
N PRO A 136 20.86 20.15 17.53
CA PRO A 136 19.47 20.60 17.49
C PRO A 136 19.31 21.95 16.82
N GLN A 137 18.16 22.18 16.19
CA GLN A 137 17.77 23.50 15.70
C GLN A 137 16.31 23.74 16.04
N GLN A 138 16.05 24.80 16.80
CA GLN A 138 14.72 25.08 17.32
C GLN A 138 14.05 26.13 16.44
N LEU A 139 12.89 25.79 15.88
CA LEU A 139 12.09 26.72 15.10
C LEU A 139 10.85 27.12 15.89
N GLN A 140 10.60 28.42 15.97
CA GLN A 140 9.43 28.95 16.66
C GLN A 140 8.37 29.26 15.61
N VAL A 141 7.30 28.46 15.61
CA VAL A 141 6.20 28.61 14.67
C VAL A 141 4.98 29.08 15.45
N ARG A 142 4.39 30.20 15.02
CA ARG A 142 3.21 30.76 15.66
C ARG A 142 2.02 30.62 14.74
N PHE A 143 0.86 30.29 15.30
CA PHE A 143 -0.38 30.21 14.56
C PHE A 143 -1.43 31.07 15.26
N LEU A 144 -2.06 31.96 14.50
CA LEU A 144 -3.12 32.82 15.00
C LEU A 144 -4.45 32.40 14.39
N ARG A 145 -5.46 32.22 15.25
CA ARG A 145 -6.81 31.86 14.79
C ARG A 145 -7.57 33.13 14.48
N ALA A 146 -7.43 33.61 13.25
CA ALA A 146 -8.14 34.81 12.83
C ALA A 146 -9.64 34.58 12.80
N GLU A 147 -10.39 35.56 13.27
CA GLU A 147 -11.84 35.48 13.23
C GLU A 147 -12.36 35.92 11.87
N GLY A 148 -13.51 35.37 11.49
CA GLY A 148 -14.09 35.70 10.20
C GLY A 148 -13.38 35.10 9.01
N TYR A 149 -12.64 34.02 9.21
CA TYR A 149 -11.96 33.36 8.10
C TYR A 149 -12.98 32.75 7.15
N PRO A 150 -12.89 32.99 5.85
CA PRO A 150 -13.90 32.48 4.93
C PRO A 150 -13.93 30.97 4.87
N VAL A 151 -15.10 30.43 4.55
CA VAL A 151 -15.30 28.99 4.48
C VAL A 151 -16.12 28.65 3.24
N ASP A 152 -15.74 27.56 2.57
CA ASP A 152 -16.50 27.00 1.47
C ASP A 152 -17.06 25.66 1.92
N LEU A 153 -18.37 25.48 1.77
CA LEU A 153 -19.06 24.28 2.23
C LEU A 153 -19.73 23.61 1.04
N TYR A 154 -19.21 22.46 0.63
CA TYR A 154 -19.82 21.65 -0.42
C TYR A 154 -20.69 20.58 0.24
N TYR A 155 -21.97 20.57 -0.10
CA TYR A 155 -22.93 19.61 0.46
C TYR A 155 -23.04 18.43 -0.49
N LEU A 156 -22.61 17.26 -0.04
CA LEU A 156 -22.57 16.05 -0.85
C LEU A 156 -23.57 15.05 -0.27
N MET A 157 -24.70 14.88 -0.94
CA MET A 157 -25.85 14.18 -0.42
C MET A 157 -25.99 12.77 -0.99
N ASP A 158 -26.62 11.91 -0.20
CA ASP A 158 -27.02 10.57 -0.63
C ASP A 158 -28.47 10.61 -1.10
N LEU A 159 -28.77 9.89 -2.18
CA LEU A 159 -30.06 9.97 -2.86
C LEU A 159 -30.57 8.57 -3.20
N SER A 160 -30.60 7.69 -2.21
CA SER A 160 -30.91 6.27 -2.41
C SER A 160 -32.28 5.88 -1.87
N TYR A 161 -33.25 6.80 -1.97
CA TYR A 161 -34.67 6.56 -1.68
C TYR A 161 -34.94 6.38 -0.18
N SER A 162 -33.90 6.23 0.61
CA SER A 162 -34.03 6.36 2.06
C SER A 162 -33.77 7.78 2.51
N MET A 163 -33.48 8.67 1.56
CA MET A 163 -33.22 10.08 1.82
C MET A 163 -34.28 10.97 1.17
N LYS A 164 -35.49 10.46 0.96
CA LYS A 164 -36.53 11.26 0.35
C LYS A 164 -36.92 12.44 1.23
N ASP A 165 -37.24 12.17 2.50
CA ASP A 165 -37.54 13.23 3.45
C ASP A 165 -36.33 14.08 3.76
N ASP A 166 -35.13 13.49 3.75
CA ASP A 166 -33.91 14.28 3.91
C ASP A 166 -33.78 15.30 2.79
N LEU A 167 -34.05 14.90 1.56
CA LEU A 167 -34.02 15.82 0.43
C LEU A 167 -35.10 16.88 0.56
N GLU A 168 -36.29 16.47 1.04
CA GLU A 168 -37.36 17.43 1.26
C GLU A 168 -36.95 18.52 2.25
N ARG A 169 -36.23 18.15 3.30
CA ARG A 169 -35.75 19.14 4.27
C ARG A 169 -34.58 19.96 3.71
N VAL A 170 -33.68 19.32 2.98
CA VAL A 170 -32.48 19.99 2.49
C VAL A 170 -32.85 21.03 1.42
N ARG A 171 -33.88 20.77 0.63
CA ARG A 171 -34.26 21.74 -0.39
C ARG A 171 -34.79 23.03 0.20
N GLN A 172 -35.05 23.09 1.52
CA GLN A 172 -35.40 24.32 2.20
C GLN A 172 -34.35 24.79 3.19
N LEU A 173 -33.43 23.92 3.61
CA LEU A 173 -32.46 24.28 4.65
C LEU A 173 -31.33 25.19 4.16
N GLY A 174 -31.30 25.57 2.88
CA GLY A 174 -30.17 26.33 2.36
C GLY A 174 -30.04 27.71 2.98
N HIS A 175 -31.15 28.43 3.08
CA HIS A 175 -31.12 29.76 3.69
C HIS A 175 -30.70 29.70 5.15
N ALA A 176 -31.23 28.72 5.88
CA ALA A 176 -30.85 28.56 7.29
C ALA A 176 -29.37 28.24 7.42
N LEU A 177 -28.85 27.37 6.56
CA LEU A 177 -27.42 27.03 6.62
C LEU A 177 -26.56 28.26 6.34
N LEU A 178 -26.91 29.03 5.31
CA LEU A 178 -26.12 30.22 5.00
C LEU A 178 -26.16 31.23 6.13
N VAL A 179 -27.35 31.48 6.69
CA VAL A 179 -27.47 32.45 7.77
C VAL A 179 -26.70 31.99 9.00
N ARG A 180 -26.81 30.71 9.35
CA ARG A 180 -26.12 30.21 10.53
C ARG A 180 -24.61 30.24 10.36
N LEU A 181 -24.11 29.89 9.17
CA LEU A 181 -22.68 29.95 8.93
C LEU A 181 -22.17 31.38 8.83
N GLN A 182 -23.04 32.34 8.51
CA GLN A 182 -22.61 33.73 8.47
C GLN A 182 -22.35 34.31 9.86
N GLU A 183 -22.67 33.59 10.93
CA GLU A 183 -22.41 34.08 12.28
C GLU A 183 -20.93 33.96 12.66
N VAL A 184 -20.25 32.91 12.18
CA VAL A 184 -18.85 32.72 12.56
C VAL A 184 -17.90 33.28 11.52
N THR A 185 -18.36 33.47 10.28
CA THR A 185 -17.54 34.01 9.21
C THR A 185 -18.38 34.97 8.37
N HIS A 186 -17.70 35.79 7.58
CA HIS A 186 -18.36 36.81 6.78
C HIS A 186 -18.49 36.46 5.31
N SER A 187 -17.61 35.63 4.79
CA SER A 187 -17.63 35.22 3.38
C SER A 187 -17.81 33.70 3.33
N VAL A 188 -19.06 33.26 3.18
CA VAL A 188 -19.40 31.84 3.14
C VAL A 188 -20.01 31.53 1.78
N ARG A 189 -19.62 30.38 1.22
CA ARG A 189 -20.12 29.94 -0.08
C ARG A 189 -20.49 28.47 0.02
N ILE A 190 -21.66 28.11 -0.51
CA ILE A 190 -22.19 26.75 -0.38
C ILE A 190 -22.46 26.17 -1.76
N GLY A 191 -22.19 24.86 -1.89
CA GLY A 191 -22.50 24.14 -3.12
C GLY A 191 -23.19 22.83 -2.77
N PHE A 192 -23.68 22.17 -3.82
CA PHE A 192 -24.45 20.94 -3.65
C PHE A 192 -24.01 19.89 -4.66
N GLY A 193 -23.91 18.65 -4.18
CA GLY A 193 -23.67 17.51 -5.04
C GLY A 193 -24.45 16.32 -4.52
N SER A 194 -24.44 15.24 -5.31
CA SER A 194 -25.19 14.05 -4.94
C SER A 194 -24.53 12.82 -5.56
N PHE A 195 -24.87 11.66 -5.01
CA PHE A 195 -24.36 10.38 -5.49
C PHE A 195 -25.38 9.30 -5.19
N VAL A 196 -25.37 8.24 -6.00
CA VAL A 196 -26.10 7.03 -5.65
C VAL A 196 -25.15 5.85 -5.62
N ASP A 197 -24.65 5.45 -6.79
CA ASP A 197 -23.80 4.27 -6.92
C ASP A 197 -23.42 4.09 -8.39
N LYS A 198 -22.46 3.21 -8.63
CA LYS A 198 -22.11 2.82 -9.99
C LYS A 198 -23.26 2.09 -10.65
N THR A 199 -23.55 2.43 -11.91
CA THR A 199 -24.75 1.97 -12.59
C THR A 199 -24.54 0.63 -13.28
N VAL A 200 -24.06 -0.37 -12.53
CA VAL A 200 -23.92 -1.72 -13.03
C VAL A 200 -24.34 -2.69 -11.93
N LEU A 201 -24.63 -3.93 -12.33
CA LEU A 201 -24.88 -4.97 -11.36
C LEU A 201 -23.57 -5.33 -10.64
N PRO A 202 -23.64 -5.72 -9.37
CA PRO A 202 -24.82 -5.88 -8.51
C PRO A 202 -25.17 -4.62 -7.73
N PHE A 203 -24.64 -3.46 -8.11
CA PHE A 203 -24.79 -2.24 -7.32
C PHE A 203 -26.15 -1.59 -7.55
N VAL A 204 -26.55 -1.40 -8.80
CA VAL A 204 -27.90 -0.94 -9.13
C VAL A 204 -28.51 -1.95 -10.09
N SER A 205 -29.84 -2.03 -10.06
CA SER A 205 -30.57 -2.93 -10.94
C SER A 205 -30.63 -2.32 -12.34
N THR A 206 -29.92 -2.93 -13.28
CA THR A 206 -29.80 -2.40 -14.63
C THR A 206 -30.94 -2.83 -15.55
N VAL A 207 -32.07 -3.26 -14.99
CA VAL A 207 -33.25 -3.51 -15.82
C VAL A 207 -33.69 -2.21 -16.45
N PRO A 208 -33.96 -2.17 -17.76
CA PRO A 208 -34.28 -0.88 -18.41
C PRO A 208 -35.47 -0.16 -17.78
N SER A 209 -36.50 -0.89 -17.38
CA SER A 209 -37.63 -0.26 -16.71
C SER A 209 -37.26 0.22 -15.32
N LYS A 210 -36.38 -0.51 -14.63
CA LYS A 210 -35.91 -0.13 -13.30
C LYS A 210 -34.72 0.81 -13.34
N LEU A 211 -34.20 1.12 -14.53
CA LEU A 211 -33.15 2.12 -14.66
C LEU A 211 -33.72 3.52 -14.83
N ARG A 212 -34.79 3.67 -15.60
CA ARG A 212 -35.45 4.98 -15.69
C ARG A 212 -36.15 5.35 -14.39
N HIS A 213 -36.80 4.38 -13.75
CA HIS A 213 -37.56 4.60 -12.52
C HIS A 213 -37.10 3.60 -11.47
N PRO A 214 -36.02 3.90 -10.75
CA PRO A 214 -35.49 2.95 -9.76
C PRO A 214 -36.29 2.92 -8.47
N CYS A 215 -37.48 3.50 -8.48
CA CYS A 215 -38.34 3.62 -7.31
C CYS A 215 -39.37 2.51 -7.26
N PRO A 216 -39.80 2.12 -6.06
CA PRO A 216 -40.76 1.01 -5.94
C PRO A 216 -42.09 1.28 -6.63
N THR A 217 -42.55 2.53 -6.66
CA THR A 217 -43.82 2.86 -7.28
C THR A 217 -43.62 3.95 -8.33
N ARG A 218 -44.48 3.94 -9.34
CA ARG A 218 -44.38 4.88 -10.45
C ARG A 218 -45.15 6.18 -10.21
N LEU A 219 -45.94 6.25 -9.14
CA LEU A 219 -46.73 7.45 -8.88
C LEU A 219 -45.92 8.59 -8.28
N GLU A 220 -44.70 8.32 -7.83
CA GLU A 220 -43.83 9.33 -7.25
C GLU A 220 -42.70 9.67 -8.22
N ARG A 221 -42.23 10.91 -8.14
CA ARG A 221 -41.20 11.37 -9.06
C ARG A 221 -39.81 11.04 -8.53
N CYS A 222 -38.96 10.54 -9.41
CA CYS A 222 -37.56 10.28 -9.08
C CYS A 222 -36.78 10.12 -10.37
N GLN A 223 -35.45 10.14 -10.23
CA GLN A 223 -34.54 10.18 -11.35
C GLN A 223 -33.74 8.88 -11.45
N SER A 224 -33.15 8.68 -12.63
CA SER A 224 -32.35 7.49 -12.88
C SER A 224 -31.08 7.50 -12.03
N PRO A 225 -30.58 6.34 -11.61
CA PRO A 225 -29.39 6.31 -10.76
C PRO A 225 -28.16 6.86 -11.47
N PHE A 226 -27.28 7.47 -10.69
CA PHE A 226 -26.03 8.05 -11.16
C PHE A 226 -24.96 7.78 -10.11
N SER A 227 -23.71 8.08 -10.45
CA SER A 227 -22.59 7.91 -9.53
C SER A 227 -22.20 9.18 -8.81
N PHE A 228 -22.18 10.31 -9.52
CA PHE A 228 -21.92 11.61 -8.90
C PHE A 228 -22.41 12.69 -9.84
N HIS A 229 -23.31 13.53 -9.36
CA HIS A 229 -23.85 14.66 -10.14
C HIS A 229 -23.52 15.94 -9.39
N HIS A 230 -22.61 16.73 -9.93
CA HIS A 230 -22.30 18.04 -9.38
C HIS A 230 -23.42 19.00 -9.73
N VAL A 231 -24.27 19.32 -8.76
CA VAL A 231 -25.50 20.06 -9.01
C VAL A 231 -25.28 21.56 -8.96
N LEU A 232 -24.62 22.06 -7.92
CA LEU A 232 -24.45 23.49 -7.73
C LEU A 232 -23.01 23.79 -7.34
N SER A 233 -22.45 24.83 -7.95
CA SER A 233 -21.11 25.28 -7.61
C SER A 233 -21.16 26.24 -6.43
N LEU A 234 -20.04 26.34 -5.73
CA LEU A 234 -19.97 27.14 -4.52
C LEU A 234 -20.35 28.58 -4.81
N THR A 235 -21.45 29.03 -4.21
CA THR A 235 -22.01 30.36 -4.46
C THR A 235 -22.43 30.98 -3.14
N GLY A 236 -22.60 32.31 -3.17
CA GLY A 236 -22.93 33.06 -1.98
C GLY A 236 -24.39 33.32 -1.73
N ASP A 237 -25.26 33.01 -2.68
CA ASP A 237 -26.70 33.22 -2.51
C ASP A 237 -27.40 31.90 -2.22
N ALA A 238 -28.34 31.94 -1.28
CA ALA A 238 -29.08 30.74 -0.92
C ALA A 238 -30.24 30.46 -1.87
N GLN A 239 -30.66 31.45 -2.66
CA GLN A 239 -31.75 31.24 -3.62
C GLN A 239 -31.36 30.21 -4.66
N ALA A 240 -30.13 30.29 -5.18
CA ALA A 240 -29.66 29.31 -6.13
C ALA A 240 -29.61 27.92 -5.51
N PHE A 241 -29.17 27.83 -4.26
CA PHE A 241 -29.17 26.55 -3.56
C PHE A 241 -30.58 25.97 -3.48
N GLU A 242 -31.54 26.79 -3.03
CA GLU A 242 -32.91 26.31 -2.90
C GLU A 242 -33.46 25.84 -4.25
N ARG A 243 -33.28 26.64 -5.29
CA ARG A 243 -33.81 26.29 -6.61
C ARG A 243 -33.18 25.01 -7.14
N GLU A 244 -31.85 24.94 -7.12
CA GLU A 244 -31.15 23.80 -7.71
C GLU A 244 -31.44 22.52 -6.94
N VAL A 245 -31.45 22.57 -5.60
CA VAL A 245 -31.74 21.38 -4.83
C VAL A 245 -33.19 20.96 -4.98
N GLY A 246 -34.12 21.93 -5.06
CA GLY A 246 -35.51 21.59 -5.30
C GLY A 246 -35.76 20.98 -6.66
N ARG A 247 -34.93 21.31 -7.65
CA ARG A 247 -35.05 20.64 -8.94
C ARG A 247 -34.64 19.18 -8.88
N GLN A 248 -33.85 18.79 -7.88
CA GLN A 248 -33.38 17.41 -7.77
C GLN A 248 -34.48 16.48 -7.29
N SER A 249 -34.34 15.21 -7.62
CA SER A 249 -35.26 14.17 -7.20
C SER A 249 -34.46 13.03 -6.58
N VAL A 250 -35.18 12.15 -5.88
CA VAL A 250 -34.56 11.01 -5.22
C VAL A 250 -34.24 9.96 -6.27
N SER A 251 -33.48 8.93 -5.89
CA SER A 251 -33.09 7.87 -6.81
C SER A 251 -33.07 6.56 -6.03
N GLY A 252 -32.38 5.57 -6.57
CA GLY A 252 -32.30 4.29 -5.90
C GLY A 252 -31.31 3.32 -6.50
N ASN A 253 -30.86 2.35 -5.71
CA ASN A 253 -29.94 1.32 -6.18
C ASN A 253 -30.34 -0.04 -5.63
N LEU A 254 -29.45 -1.03 -5.76
CA LEU A 254 -29.76 -2.41 -5.39
C LEU A 254 -29.17 -2.80 -4.04
N ASP A 255 -27.85 -2.69 -3.88
CA ASP A 255 -27.22 -3.09 -2.63
C ASP A 255 -27.05 -1.90 -1.69
N SER A 256 -26.89 -2.20 -0.41
CA SER A 256 -26.89 -1.22 0.67
C SER A 256 -25.73 -0.22 0.61
N PRO A 257 -24.48 -0.64 0.43
CA PRO A 257 -23.38 0.34 0.37
C PRO A 257 -23.51 1.23 -0.85
N GLU A 258 -23.02 2.46 -0.70
CA GLU A 258 -23.19 3.49 -1.72
C GLU A 258 -21.83 3.88 -2.30
N GLY A 259 -21.88 4.56 -3.44
CA GLY A 259 -20.68 5.04 -4.09
C GLY A 259 -20.37 6.48 -3.75
N GLY A 260 -20.28 6.80 -2.46
CA GLY A 260 -19.98 8.15 -2.02
C GLY A 260 -18.52 8.49 -2.08
N PHE A 261 -17.66 7.46 -2.08
CA PHE A 261 -16.23 7.70 -2.20
C PHE A 261 -15.87 8.26 -3.57
N ASP A 262 -16.55 7.80 -4.62
CA ASP A 262 -16.35 8.36 -5.95
C ASP A 262 -16.69 9.84 -5.97
N ALA A 263 -17.81 10.21 -5.36
CA ALA A 263 -18.22 11.61 -5.29
C ALA A 263 -17.22 12.43 -4.48
N ILE A 264 -16.73 11.87 -3.38
CA ILE A 264 -15.76 12.59 -2.55
C ILE A 264 -14.48 12.85 -3.33
N LEU A 265 -13.98 11.82 -4.02
CA LEU A 265 -12.76 11.97 -4.82
C LEU A 265 -12.96 12.98 -5.93
N GLN A 266 -14.10 12.93 -6.62
CA GLN A 266 -14.34 13.86 -7.72
C GLN A 266 -14.54 15.29 -7.23
N ALA A 267 -15.06 15.48 -6.02
CA ALA A 267 -15.15 16.82 -5.46
C ALA A 267 -13.79 17.34 -5.02
N ALA A 268 -12.93 16.45 -4.53
CA ALA A 268 -11.59 16.86 -4.12
C ALA A 268 -10.70 17.18 -5.33
N LEU A 269 -10.88 16.45 -6.43
CA LEU A 269 -9.98 16.59 -7.58
C LEU A 269 -10.43 17.70 -8.53
N CYS A 270 -11.72 17.87 -8.74
CA CYS A 270 -12.23 18.82 -9.74
C CYS A 270 -12.40 20.18 -9.07
N GLN A 271 -11.30 20.93 -9.00
CA GLN A 271 -11.31 22.22 -8.30
C GLN A 271 -12.02 23.29 -9.13
N GLU A 272 -11.78 23.31 -10.44
CA GLU A 272 -12.39 24.34 -11.28
C GLU A 272 -13.90 24.16 -11.40
N GLN A 273 -14.37 22.92 -11.44
CA GLN A 273 -15.80 22.64 -11.59
C GLN A 273 -16.57 22.82 -10.30
N ILE A 274 -16.05 22.33 -9.18
CA ILE A 274 -16.71 22.55 -7.89
C ILE A 274 -16.70 24.03 -7.53
N GLY A 275 -15.54 24.67 -7.66
CA GLY A 275 -15.43 26.09 -7.37
C GLY A 275 -14.71 26.39 -6.08
N TRP A 276 -13.80 25.52 -5.67
CA TRP A 276 -13.05 25.73 -4.44
C TRP A 276 -12.18 26.98 -4.55
N ARG A 277 -12.00 27.67 -3.43
CA ARG A 277 -11.04 28.75 -3.32
C ARG A 277 -10.00 28.37 -2.26
N ASN A 278 -9.15 29.33 -1.91
CA ASN A 278 -8.03 29.08 -1.00
C ASN A 278 -8.36 29.41 0.44
N VAL A 279 -9.59 29.12 0.84
CA VAL A 279 -10.06 29.32 2.21
C VAL A 279 -10.32 27.96 2.81
N SER A 280 -10.76 27.92 4.08
CA SER A 280 -11.09 26.65 4.71
C SER A 280 -12.22 25.96 3.96
N ARG A 281 -12.01 24.70 3.62
CA ARG A 281 -12.93 23.94 2.76
C ARG A 281 -13.58 22.83 3.59
N LEU A 282 -14.90 22.84 3.66
CA LEU A 282 -15.66 21.82 4.35
C LEU A 282 -16.44 20.97 3.34
N LEU A 283 -16.43 19.67 3.55
CA LEU A 283 -17.18 18.73 2.73
C LEU A 283 -18.15 17.99 3.65
N VAL A 284 -19.43 18.38 3.59
CA VAL A 284 -20.45 17.72 4.40
C VAL A 284 -20.94 16.49 3.64
N PHE A 285 -20.68 15.32 4.20
CA PHE A 285 -21.02 14.04 3.59
C PHE A 285 -22.16 13.44 4.41
N THR A 286 -23.35 13.40 3.83
CA THR A 286 -24.54 12.91 4.51
C THR A 286 -24.99 11.60 3.87
N SER A 287 -25.16 10.58 4.71
CA SER A 287 -25.59 9.26 4.25
C SER A 287 -26.23 8.54 5.42
N ASP A 288 -26.87 7.42 5.12
CA ASP A 288 -27.45 6.57 6.16
C ASP A 288 -27.08 5.11 5.95
N ASP A 289 -25.97 4.87 5.25
CA ASP A 289 -25.48 3.51 5.04
C ASP A 289 -23.97 3.59 4.82
N THR A 290 -23.35 2.41 4.65
CA THR A 290 -21.91 2.33 4.46
C THR A 290 -21.53 2.71 3.04
N PHE A 291 -20.25 2.52 2.72
CA PHE A 291 -19.69 2.95 1.45
C PHE A 291 -18.92 1.80 0.80
N HIS A 292 -18.82 1.86 -0.53
CA HIS A 292 -17.99 0.92 -1.27
C HIS A 292 -16.54 1.38 -1.27
N THR A 293 -15.62 0.42 -1.25
CA THR A 293 -14.20 0.71 -1.27
C THR A 293 -13.57 0.11 -2.53
N ALA A 294 -12.23 0.17 -2.59
CA ALA A 294 -11.52 -0.06 -3.84
C ALA A 294 -11.73 -1.47 -4.40
N GLY A 295 -11.84 -2.47 -3.54
CA GLY A 295 -11.97 -3.80 -4.09
C GLY A 295 -13.37 -4.22 -4.49
N ASP A 296 -14.38 -3.39 -4.23
CA ASP A 296 -15.77 -3.78 -4.44
C ASP A 296 -16.19 -3.78 -5.90
N GLY A 297 -15.51 -3.03 -6.76
CA GLY A 297 -15.90 -2.94 -8.15
C GLY A 297 -15.68 -4.23 -8.93
N LYS A 298 -14.86 -5.14 -8.41
CA LYS A 298 -14.62 -6.40 -9.10
C LYS A 298 -15.89 -7.22 -9.23
N LEU A 299 -16.82 -7.08 -8.28
CA LEU A 299 -18.10 -7.77 -8.37
C LEU A 299 -18.91 -7.35 -9.59
N GLY A 300 -18.71 -6.13 -10.08
CA GLY A 300 -19.36 -5.66 -11.28
C GLY A 300 -18.54 -5.80 -12.54
N GLY A 301 -17.41 -6.52 -12.49
CA GLY A 301 -16.56 -6.64 -13.66
C GLY A 301 -15.72 -5.42 -13.95
N ILE A 302 -15.39 -4.65 -12.93
CA ILE A 302 -14.61 -3.42 -13.08
C ILE A 302 -13.23 -3.71 -12.51
N PHE A 303 -12.24 -3.88 -13.38
CA PHE A 303 -10.89 -4.18 -12.95
C PHE A 303 -9.98 -2.96 -12.89
N MET A 304 -10.32 -1.90 -13.61
CA MET A 304 -9.45 -0.73 -13.69
C MET A 304 -9.46 0.04 -12.38
N PRO A 305 -8.30 0.26 -11.77
CA PRO A 305 -8.26 1.10 -10.56
C PRO A 305 -8.68 2.53 -10.87
N SER A 306 -9.24 3.19 -9.87
CA SER A 306 -9.51 4.61 -9.97
C SER A 306 -8.19 5.36 -10.20
N ASP A 307 -8.17 6.21 -11.22
CA ASP A 307 -6.93 6.82 -11.68
C ASP A 307 -6.61 8.16 -11.03
N GLY A 308 -7.51 8.69 -10.21
CA GLY A 308 -7.26 9.97 -9.58
C GLY A 308 -7.22 11.15 -10.53
N HIS A 309 -8.10 11.17 -11.52
CA HIS A 309 -8.22 12.28 -12.45
C HIS A 309 -9.66 12.79 -12.45
N CYS A 310 -9.81 14.06 -12.81
CA CYS A 310 -11.14 14.65 -12.88
C CYS A 310 -11.88 14.13 -14.11
N HIS A 311 -13.09 13.62 -13.89
CA HIS A 311 -13.85 12.98 -14.96
C HIS A 311 -15.27 13.54 -15.07
N LEU A 312 -15.51 14.74 -14.58
CA LEU A 312 -16.81 15.38 -14.71
C LEU A 312 -16.99 15.91 -16.13
N ASP A 313 -18.11 15.59 -16.75
CA ASP A 313 -18.39 16.06 -18.09
C ASP A 313 -19.03 17.45 -18.01
N SER A 314 -19.54 17.94 -19.15
CA SER A 314 -20.11 19.28 -19.20
C SER A 314 -21.40 19.40 -18.41
N ASN A 315 -22.10 18.28 -18.18
CA ASN A 315 -23.34 18.28 -17.42
C ASN A 315 -23.11 18.14 -15.93
N GLY A 316 -21.85 18.05 -15.48
CA GLY A 316 -21.56 17.80 -14.09
C GLY A 316 -21.65 16.35 -13.68
N LEU A 317 -21.88 15.44 -14.62
CA LEU A 317 -22.00 14.03 -14.30
C LEU A 317 -20.64 13.34 -14.35
N TYR A 318 -20.48 12.35 -13.48
CA TYR A 318 -19.31 11.48 -13.51
C TYR A 318 -19.72 10.24 -14.30
N SER A 319 -19.84 10.44 -15.62
CA SER A 319 -20.46 9.44 -16.49
C SER A 319 -19.61 8.21 -16.69
N ARG A 320 -18.29 8.36 -16.75
CA ARG A 320 -17.40 7.21 -16.93
C ARG A 320 -16.96 6.62 -15.59
N SER A 321 -17.94 6.38 -14.71
CA SER A 321 -17.67 5.78 -13.41
C SER A 321 -17.70 4.26 -13.44
N THR A 322 -18.34 3.66 -14.44
CA THR A 322 -18.36 2.22 -14.59
C THR A 322 -17.11 1.68 -15.25
N GLU A 323 -16.19 2.55 -15.64
CA GLU A 323 -14.91 2.15 -16.21
C GLU A 323 -13.78 2.14 -15.20
N PHE A 324 -13.96 2.76 -14.05
CA PHE A 324 -12.99 2.76 -12.97
C PHE A 324 -13.61 2.17 -11.72
N ASP A 325 -12.77 1.57 -10.88
CA ASP A 325 -13.21 1.01 -9.62
C ASP A 325 -13.37 2.12 -8.58
N TYR A 326 -13.93 1.76 -7.42
CA TYR A 326 -14.07 2.72 -6.34
C TYR A 326 -12.69 3.11 -5.82
N PRO A 327 -12.54 4.34 -5.33
CA PRO A 327 -11.31 4.72 -4.63
C PRO A 327 -11.20 4.01 -3.29
N SER A 328 -9.97 3.88 -2.82
CA SER A 328 -9.72 3.25 -1.54
C SER A 328 -9.75 4.29 -0.43
N VAL A 329 -9.72 3.80 0.82
CA VAL A 329 -9.63 4.70 1.97
C VAL A 329 -8.35 5.51 1.92
N GLY A 330 -7.24 4.86 1.57
CA GLY A 330 -5.98 5.58 1.48
C GLY A 330 -5.96 6.59 0.36
N GLN A 331 -6.50 6.24 -0.80
CA GLN A 331 -6.55 7.17 -1.93
C GLN A 331 -7.42 8.38 -1.61
N VAL A 332 -8.58 8.14 -1.00
CA VAL A 332 -9.48 9.24 -0.64
C VAL A 332 -8.83 10.13 0.41
N ALA A 333 -8.18 9.52 1.41
CA ALA A 333 -7.52 10.30 2.45
C ALA A 333 -6.40 11.15 1.87
N GLN A 334 -5.60 10.57 0.96
CA GLN A 334 -4.53 11.33 0.32
C GLN A 334 -5.07 12.49 -0.50
N ALA A 335 -6.13 12.25 -1.29
CA ALA A 335 -6.70 13.32 -2.08
C ALA A 335 -7.31 14.42 -1.22
N LEU A 336 -7.94 14.05 -0.10
CA LEU A 336 -8.51 15.05 0.78
C LEU A 336 -7.44 15.86 1.49
N SER A 337 -6.37 15.21 1.92
CA SER A 337 -5.26 15.92 2.56
C SER A 337 -4.57 16.86 1.58
N ALA A 338 -4.36 16.42 0.35
CA ALA A 338 -3.69 17.25 -0.64
C ALA A 338 -4.52 18.45 -1.06
N ALA A 339 -5.85 18.39 -0.89
CA ALA A 339 -6.72 19.49 -1.28
C ALA A 339 -7.15 20.36 -0.11
N ASN A 340 -6.68 20.08 1.10
CA ASN A 340 -6.99 20.84 2.30
C ASN A 340 -8.48 20.89 2.59
N ILE A 341 -9.20 19.82 2.29
CA ILE A 341 -10.64 19.73 2.53
C ILE A 341 -10.86 18.94 3.81
N GLN A 342 -11.71 19.45 4.69
CA GLN A 342 -12.03 18.79 5.94
C GLN A 342 -13.38 18.12 5.82
N PRO A 343 -13.45 16.78 5.81
CA PRO A 343 -14.75 16.12 5.65
C PRO A 343 -15.56 16.13 6.93
N ILE A 344 -16.86 16.36 6.77
CA ILE A 344 -17.82 16.27 7.86
C ILE A 344 -18.79 15.15 7.50
N PHE A 345 -18.76 14.06 8.26
CA PHE A 345 -19.62 12.91 8.01
C PHE A 345 -20.85 13.03 8.88
N ALA A 346 -21.98 13.40 8.27
CA ALA A 346 -23.26 13.50 8.96
C ALA A 346 -24.05 12.25 8.63
N VAL A 347 -23.91 11.22 9.46
CA VAL A 347 -24.50 9.92 9.20
C VAL A 347 -25.45 9.56 10.34
N THR A 348 -26.31 8.58 10.08
CA THR A 348 -27.30 8.17 11.06
C THR A 348 -26.63 7.33 12.15
N SER A 349 -27.43 6.91 13.13
CA SER A 349 -26.90 6.15 14.26
C SER A 349 -26.43 4.77 13.84
N ALA A 350 -27.08 4.15 12.85
CA ALA A 350 -26.72 2.81 12.43
C ALA A 350 -25.40 2.78 11.66
N ALA A 351 -24.97 3.90 11.10
CA ALA A 351 -23.73 3.98 10.34
C ALA A 351 -22.62 4.73 11.07
N LEU A 352 -22.86 5.12 12.32
CA LEU A 352 -21.87 5.93 13.04
C LEU A 352 -20.52 5.24 13.22
N PRO A 353 -20.43 3.98 13.70
CA PRO A 353 -19.09 3.41 13.97
C PRO A 353 -18.19 3.32 12.75
N VAL A 354 -18.74 3.02 11.58
CA VAL A 354 -17.91 2.90 10.39
C VAL A 354 -17.25 4.23 10.06
N TYR A 355 -18.02 5.32 10.13
CA TYR A 355 -17.46 6.63 9.85
C TYR A 355 -16.61 7.16 10.99
N GLN A 356 -16.82 6.68 12.22
CA GLN A 356 -15.86 6.97 13.29
C GLN A 356 -14.50 6.36 12.99
N GLU A 357 -14.49 5.10 12.53
CA GLU A 357 -13.23 4.49 12.10
C GLU A 357 -12.62 5.26 10.94
N LEU A 358 -13.45 5.63 9.96
CA LEU A 358 -12.95 6.34 8.79
C LEU A 358 -12.33 7.69 9.16
N SER A 359 -12.99 8.43 10.06
CA SER A 359 -12.44 9.68 10.55
C SER A 359 -11.22 9.49 11.43
N LYS A 360 -11.09 8.34 12.10
CA LYS A 360 -9.82 8.03 12.75
C LYS A 360 -8.72 7.81 11.71
N LEU A 361 -9.08 7.35 10.51
CA LEU A 361 -8.09 7.19 9.45
C LEU A 361 -7.83 8.47 8.67
N ILE A 362 -8.60 9.53 8.87
CA ILE A 362 -8.49 10.76 8.11
C ILE A 362 -8.28 11.92 9.08
N PRO A 363 -7.13 12.59 9.06
CA PRO A 363 -6.95 13.77 9.90
C PRO A 363 -7.84 14.91 9.46
N LYS A 364 -8.21 15.76 10.42
CA LYS A 364 -9.09 16.90 10.20
C LYS A 364 -10.42 16.46 9.58
N SER A 365 -11.12 15.61 10.31
CA SER A 365 -12.45 15.16 9.93
C SER A 365 -13.34 15.15 11.17
N ALA A 366 -14.64 15.23 10.93
CA ALA A 366 -15.62 15.24 12.01
C ALA A 366 -16.75 14.30 11.66
N VAL A 367 -17.36 13.72 12.69
CA VAL A 367 -18.47 12.79 12.53
C VAL A 367 -19.60 13.24 13.45
N GLY A 368 -20.79 13.43 12.88
CA GLY A 368 -21.98 13.74 13.66
C GLY A 368 -23.05 12.68 13.43
N GLU A 369 -24.07 12.73 14.27
CA GLU A 369 -25.19 11.80 14.20
C GLU A 369 -26.35 12.50 13.51
N LEU A 370 -26.65 12.05 12.28
CA LEU A 370 -27.69 12.66 11.47
C LEU A 370 -29.06 12.09 11.84
N SER A 371 -30.07 12.94 11.77
CA SER A 371 -31.44 12.52 12.01
C SER A 371 -31.97 11.75 10.79
N GLU A 372 -33.11 11.09 10.97
CA GLU A 372 -33.70 10.31 9.89
C GLU A 372 -34.21 11.16 8.74
N ASP A 373 -34.37 12.47 8.94
CA ASP A 373 -34.80 13.37 7.88
C ASP A 373 -33.87 14.57 7.73
N SER A 374 -32.64 14.46 8.25
CA SER A 374 -31.63 15.52 8.14
C SER A 374 -32.09 16.82 8.78
N SER A 375 -32.98 16.74 9.76
CA SER A 375 -33.52 17.92 10.41
C SER A 375 -32.53 18.61 11.34
N ASN A 376 -31.44 17.94 11.71
CA ASN A 376 -30.44 18.51 12.61
C ASN A 376 -29.11 18.78 11.91
N VAL A 377 -29.12 18.85 10.57
CA VAL A 377 -27.87 18.92 9.83
C VAL A 377 -27.16 20.26 10.04
N VAL A 378 -27.90 21.35 10.26
CA VAL A 378 -27.26 22.64 10.43
C VAL A 378 -26.52 22.72 11.75
N GLN A 379 -27.15 22.27 12.83
CA GLN A 379 -26.46 22.26 14.12
C GLN A 379 -25.30 21.27 14.11
N LEU A 380 -25.47 20.14 13.43
CA LEU A 380 -24.37 19.19 13.27
C LEU A 380 -23.19 19.84 12.57
N ILE A 381 -23.45 20.57 11.49
CA ILE A 381 -22.40 21.24 10.74
C ILE A 381 -21.72 22.29 11.60
N MET A 382 -22.51 23.06 12.36
CA MET A 382 -21.92 24.09 13.21
C MET A 382 -21.03 23.47 14.29
N ASP A 383 -21.49 22.40 14.92
CA ASP A 383 -20.67 21.73 15.94
C ASP A 383 -19.39 21.18 15.34
N ALA A 384 -19.49 20.55 14.17
CA ALA A 384 -18.30 20.00 13.52
C ALA A 384 -17.31 21.10 13.17
N TYR A 385 -17.80 22.22 12.63
CA TYR A 385 -16.92 23.31 12.25
C TYR A 385 -16.25 23.93 13.48
N ASN A 386 -16.99 24.07 14.58
CA ASN A 386 -16.38 24.58 15.80
C ASN A 386 -15.32 23.64 16.33
N SER A 387 -15.60 22.33 16.33
CA SER A 387 -14.62 21.36 16.83
C SER A 387 -13.42 21.23 15.90
N LEU A 388 -13.57 21.54 14.63
CA LEU A 388 -12.44 21.53 13.70
C LEU A 388 -11.60 22.79 13.79
N SER A 389 -12.24 23.95 13.97
CA SER A 389 -11.50 25.20 14.12
C SER A 389 -10.82 25.32 15.47
N SER A 390 -11.37 24.69 16.51
CA SER A 390 -10.75 24.77 17.83
C SER A 390 -9.41 24.03 17.87
N THR A 391 -9.14 23.18 16.89
CA THR A 391 -7.95 22.34 16.88
C THR A 391 -6.96 22.83 15.83
N VAL A 392 -5.69 22.95 16.24
CA VAL A 392 -4.62 23.36 15.35
C VAL A 392 -3.57 22.25 15.31
N THR A 393 -3.22 21.79 14.12
CA THR A 393 -2.25 20.74 13.92
C THR A 393 -1.15 21.23 12.96
N LEU A 394 0.09 20.93 13.30
CA LEU A 394 1.24 21.28 12.46
C LEU A 394 1.93 19.98 12.04
N GLU A 395 2.08 19.78 10.74
CA GLU A 395 2.62 18.54 10.20
C GLU A 395 3.71 18.86 9.18
N HIS A 396 4.65 17.94 9.04
CA HIS A 396 5.76 18.07 8.11
C HIS A 396 5.50 17.25 6.85
N SER A 397 5.95 17.78 5.71
CA SER A 397 5.75 17.13 4.43
C SER A 397 6.48 15.79 4.36
N SER A 398 7.81 15.82 4.43
CA SER A 398 8.61 14.60 4.36
C SER A 398 10.03 14.87 4.82
N LEU A 399 10.54 14.03 5.73
CA LEU A 399 11.89 14.32 6.17
C LEU A 399 12.91 13.60 5.28
N PRO A 400 14.04 14.26 4.97
CA PRO A 400 15.10 13.60 4.22
C PRO A 400 15.75 12.53 5.08
N PRO A 401 16.47 11.58 4.47
CA PRO A 401 17.06 10.51 5.27
C PRO A 401 18.08 11.04 6.27
N GLY A 402 17.96 10.58 7.51
CA GLY A 402 18.81 11.02 8.59
C GLY A 402 18.34 12.26 9.32
N VAL A 403 17.25 12.88 8.88
CA VAL A 403 16.72 14.07 9.53
C VAL A 403 15.50 13.70 10.35
N HIS A 404 15.49 14.16 11.61
CA HIS A 404 14.41 13.86 12.54
C HIS A 404 13.71 15.16 12.94
N ILE A 405 12.42 15.07 13.20
CA ILE A 405 11.60 16.23 13.55
C ILE A 405 10.85 15.93 14.84
N SER A 406 10.71 16.95 15.69
CA SER A 406 9.96 16.84 16.93
C SER A 406 9.24 18.17 17.18
N TYR A 407 8.16 18.10 17.94
CA TYR A 407 7.30 19.25 18.18
C TYR A 407 7.10 19.46 19.68
N GLU A 408 6.86 20.71 20.06
CA GLU A 408 6.61 21.09 21.44
C GLU A 408 5.49 22.13 21.42
N SER A 409 4.26 21.66 21.68
CA SER A 409 3.07 22.47 21.51
C SER A 409 2.89 23.38 22.72
N GLN A 410 3.45 24.58 22.62
CA GLN A 410 3.25 25.61 23.64
C GLN A 410 2.09 26.49 23.20
N CYS A 411 0.89 26.11 23.64
CA CYS A 411 -0.32 26.80 23.21
C CYS A 411 -1.26 27.19 24.34
N GLU A 412 -0.78 27.21 25.59
CA GLU A 412 -1.42 27.97 26.65
C GLU A 412 -0.34 28.44 27.61
N GLY A 413 -0.24 29.76 27.78
CA GLY A 413 0.81 30.34 28.57
C GLY A 413 2.11 30.43 27.79
N PRO A 414 2.81 31.57 27.90
CA PRO A 414 4.07 31.73 27.16
C PRO A 414 5.23 30.98 27.80
N GLU A 415 4.94 30.12 28.79
CA GLU A 415 6.01 29.40 29.48
C GLU A 415 5.72 27.90 29.54
N LYS A 416 4.45 27.52 29.49
CA LYS A 416 4.05 26.13 29.64
C LYS A 416 3.98 25.46 28.28
N ARG A 417 4.83 24.45 28.08
CA ARG A 417 4.86 23.67 26.84
C ARG A 417 4.86 22.18 27.18
N GLU A 418 4.21 21.39 26.34
CA GLU A 418 4.07 19.97 26.59
C GLU A 418 5.32 19.23 26.13
N GLY A 419 5.29 17.90 26.25
CA GLY A 419 6.45 17.09 25.96
C GLY A 419 6.81 17.06 24.49
N LYS A 420 8.03 16.61 24.22
CA LYS A 420 8.59 16.55 22.89
C LYS A 420 8.34 15.18 22.27
N ALA A 421 9.01 14.89 21.16
CA ALA A 421 8.99 13.58 20.50
C ALA A 421 7.58 13.24 20.00
N GLU A 422 7.04 14.10 19.14
CA GLU A 422 5.79 13.84 18.46
C GLU A 422 5.96 14.14 16.97
N ASP A 423 5.08 13.55 16.17
CA ASP A 423 5.05 13.78 14.73
C ASP A 423 4.04 14.83 14.33
N ARG A 424 3.44 15.53 15.30
CA ARG A 424 2.44 16.54 14.99
C ARG A 424 2.48 17.62 16.07
N GLY A 425 2.31 18.87 15.65
CA GLY A 425 2.14 19.98 16.56
C GLY A 425 0.68 20.20 16.89
N GLN A 426 0.12 19.35 17.74
CA GLN A 426 -1.31 19.31 17.98
C GLN A 426 -1.69 20.16 19.19
N CYS A 427 -2.67 21.04 18.99
CA CYS A 427 -3.31 21.78 20.07
C CYS A 427 -4.82 21.82 19.87
N ASN A 428 -5.56 21.62 20.95
CA ASN A 428 -7.01 21.61 20.94
C ASN A 428 -7.54 22.78 21.77
N HIS A 429 -8.82 23.09 21.55
CA HIS A 429 -9.51 24.15 22.26
C HIS A 429 -8.84 25.51 22.07
N VAL A 430 -8.28 25.75 20.88
CA VAL A 430 -7.75 27.06 20.55
C VAL A 430 -8.91 28.04 20.37
N ARG A 431 -8.81 29.19 21.01
CA ARG A 431 -9.87 30.19 20.99
C ARG A 431 -9.62 31.20 19.87
N ILE A 432 -10.64 32.05 19.64
CA ILE A 432 -10.54 33.10 18.64
C ILE A 432 -9.59 34.18 19.13
N ASN A 433 -8.76 34.69 18.22
CA ASN A 433 -7.74 35.70 18.44
C ASN A 433 -6.56 35.19 19.27
N GLN A 434 -6.55 33.92 19.65
CA GLN A 434 -5.47 33.36 20.45
C GLN A 434 -4.38 32.83 19.53
N THR A 435 -3.13 33.14 19.85
CA THR A 435 -1.97 32.70 19.09
C THR A 435 -1.30 31.55 19.83
N VAL A 436 -1.10 30.43 19.13
CA VAL A 436 -0.41 29.28 19.67
C VAL A 436 1.02 29.28 19.16
N THR A 437 1.87 28.45 19.78
CA THR A 437 3.27 28.36 19.41
C THR A 437 3.69 26.90 19.34
N PHE A 438 4.50 26.58 18.34
CA PHE A 438 5.09 25.26 18.19
C PHE A 438 6.60 25.38 18.10
N TRP A 439 7.30 24.48 18.79
CA TRP A 439 8.76 24.43 18.76
C TRP A 439 9.17 23.21 17.96
N VAL A 440 9.64 23.44 16.74
CA VAL A 440 10.04 22.38 15.83
C VAL A 440 11.55 22.20 15.95
N SER A 441 11.98 20.99 16.29
CA SER A 441 13.39 20.67 16.44
C SER A 441 13.84 19.77 15.28
N LEU A 442 14.94 20.13 14.65
CA LEU A 442 15.47 19.42 13.50
C LEU A 442 16.82 18.81 13.86
N GLN A 443 17.04 17.58 13.42
CA GLN A 443 18.23 16.82 13.76
C GLN A 443 18.74 16.06 12.54
N ALA A 444 19.88 16.48 12.01
CA ALA A 444 20.52 15.80 10.89
C ALA A 444 21.66 14.93 11.38
N THR A 445 21.80 13.74 10.80
CA THR A 445 22.79 12.78 11.27
C THR A 445 24.11 12.85 10.51
N HIS A 446 24.08 12.60 9.19
CA HIS A 446 25.33 12.53 8.46
C HIS A 446 25.65 13.78 7.64
N CYS A 447 24.81 14.08 6.65
CA CYS A 447 25.03 15.17 5.69
C CYS A 447 23.80 15.21 4.79
N LEU A 448 23.61 16.36 4.15
CA LEU A 448 22.59 16.49 3.10
C LEU A 448 23.23 17.07 1.84
N PRO A 449 23.28 16.31 0.74
CA PRO A 449 23.92 16.83 -0.47
C PRO A 449 23.19 17.99 -1.10
N GLU A 450 21.86 17.92 -1.16
CA GLU A 450 21.05 18.93 -1.82
C GLU A 450 20.18 19.68 -0.83
N PRO A 451 19.88 20.95 -1.11
CA PRO A 451 18.98 21.72 -0.22
C PRO A 451 17.52 21.30 -0.37
N HIS A 452 17.14 20.20 0.29
CA HIS A 452 15.77 19.73 0.20
C HIS A 452 14.85 20.67 0.99
N LEU A 453 13.73 21.05 0.38
CA LEU A 453 12.81 21.99 0.98
C LEU A 453 11.78 21.27 1.86
N LEU A 454 11.64 21.73 3.09
CA LEU A 454 10.64 21.22 4.02
C LEU A 454 9.44 22.16 4.02
N ARG A 455 8.25 21.59 4.18
CA ARG A 455 6.99 22.30 3.92
C ARG A 455 6.01 22.14 5.07
N LEU A 456 6.45 22.47 6.29
CA LEU A 456 5.55 22.49 7.43
C LEU A 456 4.31 23.33 7.14
N ARG A 457 3.14 22.80 7.51
CA ARG A 457 1.88 23.50 7.26
C ARG A 457 0.87 23.13 8.34
N ALA A 458 -0.14 23.99 8.48
CA ALA A 458 -1.24 23.74 9.38
C ALA A 458 -2.36 23.03 8.61
N LEU A 459 -2.81 21.89 9.14
CA LEU A 459 -3.83 21.09 8.45
C LEU A 459 -5.13 21.87 8.34
N GLY A 460 -5.75 21.80 7.16
CA GLY A 460 -6.96 22.55 6.89
C GLY A 460 -6.73 23.96 6.39
N PHE A 461 -5.49 24.34 6.10
CA PHE A 461 -5.17 25.69 5.66
C PHE A 461 -4.16 25.63 4.53
N SER A 462 -4.28 26.58 3.60
CA SER A 462 -3.35 26.68 2.48
C SER A 462 -2.05 27.37 2.86
N GLU A 463 -1.98 27.98 4.04
CA GLU A 463 -0.75 28.59 4.51
C GLU A 463 0.35 27.53 4.64
N GLU A 464 1.56 27.89 4.22
CA GLU A 464 2.68 26.97 4.23
C GLU A 464 3.90 27.63 4.83
N LEU A 465 4.76 26.81 5.44
CA LEU A 465 6.03 27.26 6.00
C LEU A 465 7.13 26.45 5.32
N ILE A 466 7.92 27.11 4.49
CA ILE A 466 8.97 26.46 3.71
C ILE A 466 10.29 26.57 4.45
N VAL A 467 10.91 25.43 4.73
CA VAL A 467 12.22 25.37 5.39
C VAL A 467 13.24 24.94 4.36
N GLU A 468 14.21 25.81 4.08
CA GLU A 468 15.32 25.47 3.21
C GLU A 468 16.37 24.76 4.05
N LEU A 469 16.42 23.44 3.95
CA LEU A 469 17.23 22.60 4.84
C LEU A 469 18.60 22.36 4.19
N HIS A 470 19.58 23.16 4.59
CA HIS A 470 20.97 22.94 4.24
C HIS A 470 21.69 22.31 5.43
N THR A 471 22.66 21.47 5.15
CA THR A 471 23.46 20.83 6.18
C THR A 471 24.88 21.39 6.16
N LEU A 472 25.29 21.95 7.31
CA LEU A 472 26.62 22.51 7.46
C LEU A 472 27.56 21.38 7.85
N CYS A 473 27.95 20.58 6.85
CA CYS A 473 28.93 19.53 7.06
C CYS A 473 30.16 19.70 6.17
N ASP A 474 30.49 20.94 5.80
CA ASP A 474 31.77 21.30 5.22
C ASP A 474 32.36 22.43 6.06
N CYS A 475 33.65 22.36 6.32
CA CYS A 475 34.31 23.28 7.25
C CYS A 475 35.11 24.32 6.49
N ASN A 476 34.96 25.59 6.90
CA ASN A 476 35.69 26.72 6.30
C ASN A 476 36.30 27.53 7.44
N CYS A 477 37.52 27.15 7.85
CA CYS A 477 38.18 27.87 8.94
C CYS A 477 39.00 29.05 8.41
N SER A 478 39.14 29.14 7.09
CA SER A 478 39.89 30.16 6.36
C SER A 478 41.39 30.10 6.66
N ASP A 479 41.85 29.12 7.45
CA ASP A 479 43.28 29.00 7.73
C ASP A 479 44.02 28.44 6.52
N THR A 480 43.30 27.76 5.63
CA THR A 480 43.92 27.16 4.46
C THR A 480 44.43 28.23 3.50
N GLN A 481 45.67 28.07 3.05
CA GLN A 481 46.26 28.95 2.05
C GLN A 481 46.90 28.08 0.98
N PRO A 482 46.58 28.30 -0.30
CA PRO A 482 47.15 27.45 -1.36
C PRO A 482 48.66 27.63 -1.46
N GLN A 483 49.40 26.55 -1.22
CA GLN A 483 50.86 26.54 -1.26
C GLN A 483 51.43 27.61 -0.33
N ALA A 484 50.96 27.61 0.91
CA ALA A 484 51.42 28.58 1.89
C ALA A 484 52.89 28.32 2.23
N PRO A 485 53.73 29.35 2.23
CA PRO A 485 55.12 29.14 2.68
C PRO A 485 55.21 28.74 4.14
N HIS A 486 54.24 29.14 4.95
CA HIS A 486 54.32 28.87 6.39
C HIS A 486 54.16 27.39 6.71
N CYS A 487 53.32 26.68 5.96
CA CYS A 487 53.06 25.27 6.19
C CYS A 487 53.67 24.44 5.07
N SER A 488 54.27 23.30 5.43
CA SER A 488 54.88 22.39 4.47
C SER A 488 56.06 23.05 3.77
N ASP A 489 56.50 22.48 2.65
CA ASP A 489 57.64 23.02 1.92
C ASP A 489 57.39 22.86 0.42
N GLY A 490 57.54 23.95 -0.31
CA GLY A 490 57.42 23.90 -1.77
C GLY A 490 56.01 23.58 -2.20
N GLN A 491 55.87 22.55 -3.05
CA GLN A 491 54.59 22.20 -3.63
C GLN A 491 53.65 21.62 -2.59
N GLY A 492 52.36 21.62 -2.92
CA GLY A 492 51.33 21.10 -2.05
C GLY A 492 50.57 22.21 -1.32
N HIS A 493 49.29 21.93 -1.06
CA HIS A 493 48.41 22.86 -0.37
C HIS A 493 47.87 22.20 0.90
N LEU A 494 47.53 23.04 1.87
CA LEU A 494 47.02 22.53 3.14
C LEU A 494 45.70 21.78 2.96
N GLN A 495 44.78 22.36 2.17
CA GLN A 495 43.45 21.83 1.92
C GLN A 495 42.61 21.75 3.20
N CYS A 496 43.14 22.21 4.33
CA CYS A 496 42.44 22.17 5.61
C CYS A 496 43.16 23.10 6.57
N GLY A 497 42.58 23.25 7.76
CA GLY A 497 43.23 24.06 8.79
C GLY A 497 44.59 23.48 9.16
N VAL A 498 44.66 22.16 9.32
CA VAL A 498 45.94 21.49 9.52
C VAL A 498 46.74 21.52 8.21
N CYS A 499 48.03 21.81 8.33
CA CYS A 499 48.87 21.89 7.13
C CYS A 499 49.14 20.50 6.57
N SER A 500 48.80 20.31 5.30
CA SER A 500 49.02 19.04 4.63
C SER A 500 50.47 18.93 4.22
N CYS A 501 51.12 17.84 4.61
CA CYS A 501 52.55 17.67 4.35
C CYS A 501 52.81 17.47 2.86
N ALA A 502 53.86 18.10 2.37
CA ALA A 502 54.22 17.96 0.97
C ALA A 502 54.74 16.55 0.71
N PRO A 503 54.45 15.97 -0.46
CA PRO A 503 54.98 14.63 -0.76
C PRO A 503 56.50 14.57 -0.85
N GLY A 504 57.16 15.71 -1.06
CA GLY A 504 58.61 15.68 -1.22
C GLY A 504 59.33 15.22 0.04
N ARG A 505 58.89 15.70 1.21
CA ARG A 505 59.51 15.32 2.46
C ARG A 505 58.45 15.37 3.56
N LEU A 506 58.67 14.59 4.62
CA LEU A 506 57.70 14.45 5.69
C LEU A 506 58.03 15.41 6.83
N GLY A 507 57.00 15.92 7.46
CA GLY A 507 57.17 16.77 8.64
C GLY A 507 56.10 17.83 8.69
N ARG A 508 56.17 18.63 9.76
CA ARG A 508 55.28 19.78 9.87
C ARG A 508 55.53 20.78 8.74
N LEU A 509 56.80 21.11 8.51
CA LEU A 509 57.22 21.88 7.34
C LEU A 509 58.15 21.07 6.45
N CYS A 510 58.02 19.74 6.48
CA CYS A 510 58.94 18.81 5.84
C CYS A 510 60.36 18.92 6.38
N GLU A 511 60.50 19.42 7.61
CA GLU A 511 61.82 19.63 8.21
C GLU A 511 62.44 18.33 8.69
N CYS A 512 61.63 17.44 9.25
CA CYS A 512 62.11 16.17 9.79
C CYS A 512 61.17 15.06 9.33
N SER A 513 61.70 14.13 8.52
CA SER A 513 60.88 13.07 7.95
C SER A 513 60.38 12.11 9.03
N VAL A 514 61.23 11.77 9.99
CA VAL A 514 60.91 10.75 10.97
C VAL A 514 61.11 11.20 12.42
N ALA A 515 61.83 12.30 12.67
CA ALA A 515 62.07 12.72 14.04
C ALA A 515 60.78 13.07 14.76
N GLU A 516 59.93 13.86 14.12
CA GLU A 516 58.65 14.22 14.73
C GLU A 516 57.67 13.06 14.72
N LEU A 517 57.71 12.25 13.66
CA LEU A 517 56.70 11.20 13.50
C LEU A 517 56.94 10.02 14.43
N SER A 518 58.20 9.62 14.61
CA SER A 518 58.53 8.35 15.24
C SER A 518 58.76 8.44 16.75
N SER A 519 59.34 9.53 17.23
CA SER A 519 59.78 9.59 18.62
C SER A 519 58.60 9.53 19.57
N PRO A 520 58.53 8.55 20.46
CA PRO A 520 57.41 8.44 21.41
C PRO A 520 57.67 9.06 22.78
N ASP A 521 58.79 9.75 22.98
CA ASP A 521 59.06 10.40 24.25
C ASP A 521 58.04 11.51 24.52
N LEU A 522 57.35 11.97 23.47
CA LEU A 522 56.39 13.04 23.63
C LEU A 522 55.15 12.59 24.40
N GLU A 523 54.82 11.30 24.34
CA GLU A 523 53.74 10.79 25.17
C GLU A 523 54.21 10.48 26.58
N SER A 524 55.47 10.04 26.72
CA SER A 524 55.97 9.61 28.02
C SER A 524 56.11 10.77 28.99
N GLY A 525 56.07 12.01 28.49
CA GLY A 525 56.18 13.17 29.34
C GLY A 525 54.95 13.42 30.18
N CYS A 526 53.86 12.72 29.89
CA CYS A 526 52.61 12.88 30.61
C CYS A 526 52.75 12.44 32.06
N GLY A 533 50.42 11.27 36.74
CA GLY A 533 51.09 12.55 36.83
C GLY A 533 51.42 12.97 38.25
N PRO A 534 52.44 13.81 38.41
CA PRO A 534 52.83 14.24 39.75
C PRO A 534 51.93 15.35 40.30
N LEU A 535 51.43 15.15 41.51
CA LEU A 535 50.56 16.07 42.25
C LEU A 535 49.23 16.31 41.55
N CYS A 536 48.94 15.61 40.44
CA CYS A 536 47.65 15.78 39.78
C CYS A 536 46.53 15.18 40.62
N SER A 537 46.82 14.13 41.38
CA SER A 537 45.95 13.49 42.36
C SER A 537 44.66 12.95 41.74
N GLY A 538 44.55 12.86 40.42
CA GLY A 538 43.35 12.37 39.77
C GLY A 538 42.28 13.41 39.50
N LYS A 539 42.37 14.59 40.13
CA LYS A 539 41.39 15.64 39.86
C LYS A 539 41.62 16.26 38.49
N GLY A 540 42.80 16.06 37.91
CA GLY A 540 43.14 16.59 36.61
C GLY A 540 43.54 15.47 35.66
N HIS A 541 43.12 15.61 34.41
CA HIS A 541 43.40 14.59 33.40
C HIS A 541 44.78 14.82 32.78
N CYS A 542 45.37 13.72 32.29
CA CYS A 542 46.70 13.79 31.73
C CYS A 542 46.70 14.53 30.38
N GLN A 543 47.85 15.11 30.06
CA GLN A 543 48.05 15.83 28.81
C GLN A 543 49.32 15.29 28.15
N CYS A 544 49.39 15.36 26.83
CA CYS A 544 50.56 14.81 26.15
C CYS A 544 51.80 15.61 26.52
N GLY A 545 52.73 14.97 27.22
CA GLY A 545 53.93 15.62 27.69
C GLY A 545 53.73 16.53 28.88
N ARG A 546 52.63 16.40 29.61
CA ARG A 546 52.35 17.29 30.74
C ARG A 546 51.26 16.63 31.59
N CYS A 547 50.82 17.33 32.63
CA CYS A 547 49.68 16.93 33.44
C CYS A 547 48.77 18.13 33.61
N SER A 548 47.54 18.01 33.15
CA SER A 548 46.59 19.12 33.15
C SER A 548 45.69 19.02 34.38
N CYS A 549 45.43 20.16 35.01
CA CYS A 549 44.61 20.23 36.21
C CYS A 549 43.61 21.37 36.10
N SER A 550 42.63 21.33 36.99
CA SER A 550 41.63 22.39 37.13
C SER A 550 41.40 22.66 38.61
N GLY A 551 40.55 23.65 38.89
CA GLY A 551 40.23 24.00 40.27
C GLY A 551 41.40 24.61 41.02
N GLN A 552 41.85 25.77 40.56
CA GLN A 552 42.93 26.57 41.15
C GLN A 552 44.30 25.89 41.02
N SER A 553 44.38 24.74 40.38
CA SER A 553 45.65 24.05 40.14
C SER A 553 45.84 23.89 38.65
N SER A 554 47.06 24.14 38.16
CA SER A 554 47.34 24.09 36.74
C SER A 554 48.80 23.73 36.52
N GLY A 555 49.10 23.26 35.30
CA GLY A 555 50.46 22.90 34.95
C GLY A 555 50.82 21.49 35.37
N HIS A 556 51.98 21.04 34.88
CA HIS A 556 52.46 19.70 35.20
C HIS A 556 52.68 19.55 36.70
N LEU A 557 53.20 20.60 37.35
CA LEU A 557 53.30 20.59 38.81
C LEU A 557 51.94 20.51 39.46
N CYS A 558 50.95 21.22 38.90
CA CYS A 558 49.57 21.17 39.36
C CYS A 558 49.44 21.53 40.84
N PHE B 18 18.15 -11.32 -9.32
CA PHE B 18 18.53 -12.70 -9.04
C PHE B 18 18.26 -13.59 -10.26
N ASN B 19 17.46 -14.64 -10.08
CA ASN B 19 17.26 -15.62 -11.16
C ASN B 19 16.55 -15.00 -12.35
N VAL B 20 15.57 -14.13 -12.12
CA VAL B 20 14.73 -13.64 -13.20
C VAL B 20 15.57 -12.84 -14.18
N ASP B 21 15.52 -13.21 -15.45
CA ASP B 21 16.28 -12.54 -16.51
C ASP B 21 15.42 -11.41 -17.05
N VAL B 22 15.49 -10.27 -16.38
CA VAL B 22 14.72 -9.10 -16.80
C VAL B 22 15.21 -8.53 -18.13
N ALA B 23 16.50 -8.70 -18.44
CA ALA B 23 17.05 -8.13 -19.66
C ALA B 23 16.46 -8.73 -20.94
N ARG B 24 15.89 -9.93 -20.86
CA ARG B 24 15.26 -10.57 -22.01
C ARG B 24 13.86 -11.01 -21.61
N PRO B 25 12.88 -10.12 -21.73
CA PRO B 25 11.49 -10.52 -21.52
C PRO B 25 10.77 -10.82 -22.83
N TRP B 26 9.66 -11.53 -22.71
CA TRP B 26 8.74 -11.77 -23.80
C TRP B 26 7.42 -11.06 -23.53
N LEU B 27 6.94 -10.31 -24.52
CA LEU B 27 5.73 -9.51 -24.40
C LEU B 27 4.71 -9.94 -25.43
N THR B 28 3.44 -9.92 -25.05
CA THR B 28 2.37 -10.01 -26.02
C THR B 28 2.17 -8.67 -26.69
N PRO B 29 1.70 -8.64 -27.94
CA PRO B 29 1.57 -7.37 -28.65
C PRO B 29 0.64 -6.41 -27.93
N LYS B 30 1.01 -5.13 -27.93
CA LYS B 30 0.26 -4.11 -27.21
C LYS B 30 -1.01 -3.70 -27.92
N GLY B 31 -1.22 -4.15 -29.16
CA GLY B 31 -2.44 -3.85 -29.88
C GLY B 31 -3.71 -4.34 -29.22
N GLY B 32 -3.58 -5.07 -28.12
CA GLY B 32 -4.74 -5.56 -27.38
C GLY B 32 -5.57 -6.58 -28.12
N ALA B 33 -4.93 -7.43 -28.94
CA ALA B 33 -5.66 -8.54 -29.53
C ALA B 33 -6.05 -9.57 -28.49
N PRO B 34 -5.13 -10.16 -27.71
CA PRO B 34 -5.54 -10.77 -26.44
C PRO B 34 -5.35 -9.82 -25.27
N PHE B 35 -6.21 -8.80 -25.13
CA PHE B 35 -6.07 -7.87 -24.01
C PHE B 35 -6.07 -8.64 -22.68
N VAL B 36 -4.94 -8.67 -22.00
CA VAL B 36 -4.72 -9.61 -20.90
C VAL B 36 -5.26 -9.01 -19.60
N LEU B 37 -6.15 -9.75 -18.94
CA LEU B 37 -6.57 -9.44 -17.58
C LEU B 37 -5.80 -10.24 -16.53
N SER B 38 -5.57 -11.52 -16.80
CA SER B 38 -4.80 -12.38 -15.92
C SER B 38 -4.06 -13.38 -16.78
N SER B 39 -2.94 -13.87 -16.26
CA SER B 39 -2.12 -14.83 -16.98
C SER B 39 -1.58 -15.87 -16.00
N LEU B 40 -1.59 -17.14 -16.43
CA LEU B 40 -1.01 -18.21 -15.63
C LEU B 40 -0.34 -19.22 -16.55
N LEU B 41 0.55 -20.00 -15.95
CA LEU B 41 1.23 -21.08 -16.65
C LEU B 41 0.57 -22.41 -16.29
N HIS B 42 0.26 -23.21 -17.30
CA HIS B 42 -0.36 -24.51 -17.11
C HIS B 42 0.50 -25.57 -17.77
N GLN B 43 0.73 -26.66 -17.04
CA GLN B 43 1.48 -27.79 -17.55
C GLN B 43 0.62 -29.05 -17.53
N ASP B 44 0.72 -29.84 -18.59
CA ASP B 44 0.09 -31.15 -18.62
C ASP B 44 1.07 -32.17 -18.05
N PRO B 45 0.79 -32.78 -16.91
CA PRO B 45 1.76 -33.73 -16.33
C PRO B 45 1.68 -35.11 -16.93
N SER B 46 1.56 -35.17 -18.25
CA SER B 46 1.67 -36.38 -19.04
C SER B 46 2.62 -36.22 -20.21
N THR B 47 2.60 -35.05 -20.86
CA THR B 47 3.53 -34.73 -21.94
C THR B 47 4.46 -33.58 -21.58
N ASN B 48 4.35 -33.03 -20.37
CA ASN B 48 5.18 -31.92 -19.91
C ASN B 48 5.10 -30.73 -20.86
N GLN B 49 3.88 -30.41 -21.30
CA GLN B 49 3.63 -29.29 -22.21
C GLN B 49 3.14 -28.10 -21.40
N THR B 50 3.85 -26.98 -21.51
CA THR B 50 3.57 -25.78 -20.75
C THR B 50 2.91 -24.74 -21.65
N TRP B 51 1.80 -24.17 -21.19
CA TRP B 51 1.07 -23.14 -21.91
C TRP B 51 1.12 -21.83 -21.13
N LEU B 52 0.50 -20.81 -21.71
CA LEU B 52 0.45 -19.46 -21.15
C LEU B 52 -0.99 -18.94 -21.22
N LEU B 53 -1.91 -19.73 -20.67
CA LEU B 53 -3.32 -19.34 -20.64
C LEU B 53 -3.48 -17.93 -20.09
N VAL B 54 -4.14 -17.07 -20.87
CA VAL B 54 -4.45 -15.71 -20.48
C VAL B 54 -5.95 -15.50 -20.59
N THR B 55 -6.49 -14.61 -19.76
CA THR B 55 -7.89 -14.27 -19.79
C THR B 55 -8.08 -12.84 -20.29
N SER B 56 -9.12 -12.64 -21.08
CA SER B 56 -9.38 -11.36 -21.72
C SER B 56 -10.83 -10.95 -21.55
N PRO B 57 -11.11 -9.65 -21.53
CA PRO B 57 -12.50 -9.20 -21.65
C PRO B 57 -12.96 -9.25 -23.09
N ARG B 58 -14.20 -9.68 -23.28
CA ARG B 58 -14.72 -9.85 -24.64
C ARG B 58 -14.88 -8.51 -25.33
N THR B 59 -14.53 -8.48 -26.62
CA THR B 59 -14.71 -7.31 -27.47
C THR B 59 -15.25 -7.79 -28.81
N LYS B 60 -15.32 -6.88 -29.78
CA LYS B 60 -15.71 -7.26 -31.13
C LYS B 60 -14.63 -8.08 -31.81
N ARG B 61 -13.37 -7.79 -31.51
CA ARG B 61 -12.25 -8.49 -32.16
C ARG B 61 -12.03 -9.86 -31.54
N THR B 62 -11.90 -9.93 -30.21
CA THR B 62 -11.70 -11.19 -29.51
C THR B 62 -12.90 -11.53 -28.65
N PRO B 63 -13.74 -12.48 -29.05
CA PRO B 63 -14.91 -12.83 -28.23
C PRO B 63 -14.58 -13.81 -27.12
N GLY B 64 -13.56 -14.64 -27.33
CA GLY B 64 -13.20 -15.67 -26.38
C GLY B 64 -12.67 -15.12 -25.08
N PRO B 65 -12.95 -15.81 -23.98
CA PRO B 65 -12.45 -15.36 -22.67
C PRO B 65 -11.08 -15.91 -22.34
N LEU B 66 -10.67 -17.01 -22.97
CA LEU B 66 -9.44 -17.70 -22.63
C LEU B 66 -8.64 -17.98 -23.91
N HIS B 67 -7.35 -17.68 -23.86
CA HIS B 67 -6.43 -17.97 -24.95
C HIS B 67 -5.24 -18.75 -24.41
N ARG B 68 -4.66 -19.59 -25.26
CA ARG B 68 -3.44 -20.32 -24.93
C ARG B 68 -2.30 -19.77 -25.78
N CYS B 69 -1.19 -19.43 -25.12
CA CYS B 69 -0.07 -18.76 -25.76
C CYS B 69 1.18 -19.61 -25.60
N SER B 70 1.98 -19.67 -26.66
CA SER B 70 3.20 -20.46 -26.68
C SER B 70 4.38 -19.61 -27.13
N LEU B 71 5.58 -20.04 -26.73
CA LEU B 71 6.83 -19.39 -27.12
C LEU B 71 7.31 -20.04 -28.41
N VAL B 72 7.02 -19.42 -29.54
CA VAL B 72 7.38 -19.95 -30.85
C VAL B 72 8.20 -18.90 -31.58
N GLN B 73 9.40 -19.27 -32.00
CA GLN B 73 10.31 -18.39 -32.75
C GLN B 73 10.55 -17.08 -32.01
N ASP B 74 10.83 -17.19 -30.71
CA ASP B 74 11.11 -16.04 -29.85
C ASP B 74 9.97 -15.02 -29.88
N GLU B 75 8.73 -15.53 -29.86
CA GLU B 75 7.55 -14.67 -29.88
C GLU B 75 6.40 -15.43 -29.23
N ILE B 76 5.54 -14.69 -28.56
CA ILE B 76 4.37 -15.26 -27.91
C ILE B 76 3.20 -15.23 -28.89
N LEU B 77 2.74 -16.40 -29.29
CA LEU B 77 1.59 -16.53 -30.18
C LEU B 77 0.42 -17.11 -29.41
N CYS B 78 -0.69 -16.38 -29.37
CA CYS B 78 -1.86 -16.76 -28.60
C CYS B 78 -2.96 -17.27 -29.51
N HIS B 79 -3.61 -18.36 -29.10
CA HIS B 79 -4.74 -18.93 -29.81
C HIS B 79 -5.90 -19.15 -28.84
N PRO B 80 -7.14 -18.89 -29.27
CA PRO B 80 -8.28 -19.08 -28.37
C PRO B 80 -8.46 -20.54 -27.98
N VAL B 81 -8.89 -20.75 -26.74
CA VAL B 81 -9.19 -22.08 -26.24
C VAL B 81 -10.66 -22.35 -26.49
N GLU B 82 -10.94 -23.35 -27.33
CA GLU B 82 -12.31 -23.67 -27.66
C GLU B 82 -12.99 -24.41 -26.50
N HIS B 83 -14.32 -24.54 -26.61
CA HIS B 83 -15.13 -25.26 -25.63
C HIS B 83 -15.09 -24.60 -24.24
N VAL B 84 -15.13 -23.28 -24.22
CA VAL B 84 -15.26 -22.53 -22.98
C VAL B 84 -16.47 -21.62 -23.12
N PRO B 85 -17.11 -21.25 -22.01
CA PRO B 85 -18.30 -20.39 -22.11
C PRO B 85 -17.96 -19.04 -22.73
N ILE B 86 -18.85 -18.56 -23.59
CA ILE B 86 -18.63 -17.34 -24.36
C ILE B 86 -19.34 -16.19 -23.65
N PRO B 87 -18.63 -15.15 -23.22
CA PRO B 87 -19.32 -14.00 -22.62
C PRO B 87 -20.20 -13.30 -23.63
N LYS B 88 -21.28 -12.71 -23.13
CA LYS B 88 -22.25 -11.99 -23.96
C LYS B 88 -22.38 -10.57 -23.46
N GLY B 89 -22.20 -9.60 -24.36
CA GLY B 89 -22.40 -8.21 -23.98
C GLY B 89 -21.27 -7.69 -23.11
N ARG B 90 -21.65 -7.10 -21.97
CA ARG B 90 -20.69 -6.46 -21.09
C ARG B 90 -19.81 -7.47 -20.38
N HIS B 91 -18.56 -7.07 -20.12
CA HIS B 91 -17.65 -7.89 -19.33
C HIS B 91 -18.07 -7.83 -17.87
N ARG B 92 -18.32 -9.00 -17.27
CA ARG B 92 -18.78 -9.08 -15.90
C ARG B 92 -17.82 -9.80 -14.96
N GLY B 93 -16.86 -10.54 -15.50
CA GLY B 93 -15.88 -11.21 -14.67
C GLY B 93 -15.50 -12.58 -15.18
N VAL B 94 -14.19 -12.84 -15.26
CA VAL B 94 -13.66 -14.13 -15.68
C VAL B 94 -12.63 -14.56 -14.66
N THR B 95 -12.73 -15.80 -14.18
CA THR B 95 -11.73 -16.38 -13.30
C THR B 95 -11.24 -17.69 -13.91
N VAL B 96 -9.94 -17.92 -13.85
CA VAL B 96 -9.31 -19.14 -14.35
C VAL B 96 -8.32 -19.61 -13.31
N VAL B 97 -8.47 -20.86 -12.86
CA VAL B 97 -7.54 -21.50 -11.96
C VAL B 97 -7.13 -22.83 -12.56
N ARG B 98 -5.91 -23.26 -12.24
CA ARG B 98 -5.41 -24.52 -12.75
C ARG B 98 -4.76 -25.30 -11.63
N SER B 99 -4.74 -26.62 -11.79
CA SER B 99 -3.93 -27.52 -10.98
C SER B 99 -3.46 -28.64 -11.90
N HIS B 100 -2.88 -29.68 -11.31
CA HIS B 100 -2.50 -30.83 -12.12
C HIS B 100 -3.71 -31.63 -12.58
N HIS B 101 -4.91 -31.32 -12.06
CA HIS B 101 -6.13 -32.00 -12.46
C HIS B 101 -6.81 -31.35 -13.66
N GLY B 102 -6.44 -30.13 -14.01
CA GLY B 102 -7.02 -29.47 -15.17
C GLY B 102 -7.09 -27.98 -14.97
N VAL B 103 -7.88 -27.33 -15.82
CA VAL B 103 -8.08 -25.89 -15.81
C VAL B 103 -9.56 -25.61 -15.67
N LEU B 104 -9.90 -24.69 -14.76
CA LEU B 104 -11.29 -24.33 -14.48
C LEU B 104 -11.49 -22.86 -14.81
N ILE B 105 -12.46 -22.57 -15.67
CA ILE B 105 -12.76 -21.22 -16.11
C ILE B 105 -14.23 -20.93 -15.83
N CYS B 106 -14.51 -19.79 -15.21
CA CYS B 106 -15.87 -19.37 -14.91
C CYS B 106 -16.07 -17.94 -15.39
N ILE B 107 -17.23 -17.67 -15.98
CA ILE B 107 -17.62 -16.34 -16.41
C ILE B 107 -18.93 -15.98 -15.73
N GLN B 108 -19.04 -14.72 -15.30
CA GLN B 108 -20.26 -14.22 -14.69
C GLN B 108 -21.26 -13.91 -15.79
N VAL B 109 -22.45 -14.51 -15.70
CA VAL B 109 -23.47 -14.42 -16.75
C VAL B 109 -24.72 -13.80 -16.17
N LEU B 110 -25.26 -12.80 -16.86
CA LEU B 110 -26.52 -12.17 -16.48
C LEU B 110 -27.67 -12.88 -17.17
N VAL B 111 -28.67 -13.28 -16.39
CA VAL B 111 -29.91 -13.86 -16.91
C VAL B 111 -31.06 -13.05 -16.36
N ARG B 112 -31.90 -12.54 -17.26
CA ARG B 112 -33.04 -11.71 -16.89
C ARG B 112 -34.31 -12.56 -16.97
N ARG B 113 -35.06 -12.60 -15.87
CA ARG B 113 -36.31 -13.35 -15.86
C ARG B 113 -37.36 -12.61 -16.66
N PRO B 114 -38.00 -13.26 -17.64
CA PRO B 114 -38.90 -12.53 -18.54
C PRO B 114 -40.08 -11.87 -17.85
N HIS B 115 -40.72 -12.57 -16.90
CA HIS B 115 -41.89 -12.05 -16.21
C HIS B 115 -41.56 -11.48 -14.84
N SER B 116 -40.32 -11.02 -14.63
CA SER B 116 -39.92 -10.45 -13.35
C SER B 116 -39.03 -9.24 -13.60
N LEU B 117 -39.06 -8.31 -12.65
CA LEU B 117 -38.22 -7.12 -12.68
C LEU B 117 -36.88 -7.34 -11.99
N SER B 118 -36.47 -8.60 -11.83
CA SER B 118 -35.20 -8.95 -11.19
C SER B 118 -34.24 -9.50 -12.22
N SER B 119 -33.07 -9.91 -11.76
CA SER B 119 -32.05 -10.46 -12.63
C SER B 119 -31.18 -11.42 -11.83
N GLU B 120 -30.70 -12.46 -12.52
CA GLU B 120 -29.81 -13.45 -11.93
C GLU B 120 -28.39 -13.22 -12.43
N LEU B 121 -27.43 -13.19 -11.50
CA LEU B 121 -26.03 -12.94 -11.82
C LEU B 121 -25.19 -13.99 -11.11
N THR B 122 -24.91 -15.10 -11.80
CA THR B 122 -24.07 -16.15 -11.27
C THR B 122 -23.15 -16.61 -12.41
N GLY B 123 -22.36 -17.64 -12.15
CA GLY B 123 -21.32 -18.07 -13.06
C GLY B 123 -21.69 -19.29 -13.89
N THR B 124 -21.18 -19.32 -15.11
CA THR B 124 -21.24 -20.50 -15.99
C THR B 124 -19.81 -21.02 -16.13
N CYS B 125 -19.56 -22.20 -15.58
CA CYS B 125 -18.21 -22.74 -15.50
C CYS B 125 -18.05 -23.93 -16.42
N SER B 126 -16.81 -24.13 -16.85
CA SER B 126 -16.42 -25.31 -17.62
C SER B 126 -15.12 -25.84 -17.07
N LEU B 127 -15.06 -27.14 -16.81
CA LEU B 127 -13.86 -27.80 -16.31
C LEU B 127 -13.15 -28.46 -17.47
N LEU B 128 -11.90 -28.08 -17.69
CA LEU B 128 -11.06 -28.68 -18.71
C LEU B 128 -10.09 -29.67 -18.07
N GLY B 129 -9.67 -30.66 -18.85
CA GLY B 129 -8.68 -31.60 -18.41
C GLY B 129 -7.30 -30.98 -18.43
N PRO B 130 -6.29 -31.72 -17.96
CA PRO B 130 -4.91 -31.20 -18.01
C PRO B 130 -4.43 -30.90 -19.42
N ASP B 131 -4.99 -31.55 -20.43
CA ASP B 131 -4.66 -31.27 -21.83
C ASP B 131 -5.60 -30.26 -22.46
N LEU B 132 -6.30 -29.46 -21.64
CA LEU B 132 -7.24 -28.44 -22.12
C LEU B 132 -8.38 -29.03 -22.95
N ARG B 133 -8.84 -30.22 -22.60
CA ARG B 133 -10.00 -30.81 -23.24
C ARG B 133 -11.20 -30.77 -22.30
N PRO B 134 -12.41 -30.60 -22.83
CA PRO B 134 -13.57 -30.41 -21.95
C PRO B 134 -13.87 -31.63 -21.11
N GLN B 135 -14.22 -31.40 -19.85
CA GLN B 135 -14.58 -32.46 -18.91
C GLN B 135 -15.99 -32.30 -18.38
N ALA B 136 -16.37 -31.10 -17.95
CA ALA B 136 -17.70 -30.86 -17.41
C ALA B 136 -18.10 -29.42 -17.63
N GLN B 137 -19.40 -29.19 -17.72
CA GLN B 137 -19.98 -27.86 -17.80
C GLN B 137 -20.96 -27.66 -16.66
N ALA B 138 -21.04 -26.44 -16.14
CA ALA B 138 -21.89 -26.19 -14.98
C ALA B 138 -22.35 -24.75 -14.99
N ASN B 139 -23.66 -24.54 -15.01
CA ASN B 139 -24.27 -23.24 -14.74
C ASN B 139 -25.06 -23.33 -13.45
N PHE B 140 -24.98 -22.26 -12.66
CA PHE B 140 -25.53 -22.26 -11.31
C PHE B 140 -26.73 -21.32 -11.21
N PHE B 141 -27.49 -21.23 -12.29
CA PHE B 141 -28.80 -20.61 -12.27
C PHE B 141 -29.81 -21.64 -11.78
N ASP B 142 -30.72 -21.20 -10.91
CA ASP B 142 -31.59 -22.09 -10.15
C ASP B 142 -30.73 -23.07 -9.33
N LEU B 143 -29.95 -22.50 -8.41
CA LEU B 143 -28.99 -23.28 -7.64
C LEU B 143 -29.68 -24.27 -6.70
N GLU B 144 -30.88 -23.93 -6.22
CA GLU B 144 -31.55 -24.78 -5.25
C GLU B 144 -31.84 -26.18 -5.79
N ASN B 145 -31.85 -26.34 -7.13
CA ASN B 145 -32.10 -27.66 -7.71
C ASN B 145 -30.94 -28.61 -7.44
N LEU B 146 -29.71 -28.13 -7.54
CA LEU B 146 -28.52 -28.96 -7.36
C LEU B 146 -27.96 -28.89 -5.95
N LEU B 147 -28.68 -28.29 -5.01
CA LEU B 147 -28.19 -28.11 -3.65
C LEU B 147 -28.69 -29.25 -2.78
N ASP B 148 -27.84 -30.28 -2.66
CA ASP B 148 -28.08 -31.34 -1.68
C ASP B 148 -27.17 -31.09 -0.47
N PRO B 149 -27.73 -30.74 0.69
CA PRO B 149 -26.90 -30.36 1.84
C PRO B 149 -26.39 -31.51 2.69
N ASP B 150 -26.82 -32.74 2.43
CA ASP B 150 -26.38 -33.88 3.23
C ASP B 150 -25.07 -34.48 2.74
N ALA B 151 -24.57 -34.05 1.58
CA ALA B 151 -23.29 -34.54 1.08
C ALA B 151 -22.17 -34.06 1.97
N ARG B 152 -21.60 -34.96 2.79
CA ARG B 152 -20.63 -34.57 3.79
C ARG B 152 -19.37 -34.00 3.14
N VAL B 153 -18.82 -32.95 3.76
CA VAL B 153 -17.58 -32.33 3.29
C VAL B 153 -16.41 -33.21 3.74
N ASP B 154 -15.47 -33.44 2.82
CA ASP B 154 -14.34 -34.31 3.15
C ASP B 154 -13.39 -33.64 4.14
N THR B 155 -12.80 -32.50 3.75
CA THR B 155 -11.76 -31.84 4.53
C THR B 155 -10.64 -32.82 4.87
N GLY B 156 -10.32 -33.70 3.93
CA GLY B 156 -9.27 -34.69 4.15
C GLY B 156 -9.55 -35.64 5.30
N ASP B 157 -10.81 -35.98 5.52
CA ASP B 157 -11.18 -36.89 6.60
C ASP B 157 -11.52 -38.27 6.05
N GLU B 195 -30.75 -5.79 -24.18
CA GLU B 195 -31.80 -5.92 -23.18
C GLU B 195 -33.09 -5.25 -23.65
N GLU B 196 -33.74 -5.87 -24.64
CA GLU B 196 -35.00 -5.35 -25.15
C GLU B 196 -36.07 -5.42 -24.07
N GLU B 197 -36.96 -4.44 -24.09
CA GLU B 197 -38.02 -4.34 -23.09
C GLU B 197 -39.35 -4.70 -23.74
N ALA B 198 -40.03 -5.71 -23.18
CA ALA B 198 -41.34 -6.09 -23.68
C ALA B 198 -42.37 -5.07 -23.23
N GLY B 199 -42.59 -4.96 -21.93
CA GLY B 199 -43.50 -3.96 -21.43
C GLY B 199 -44.96 -4.24 -21.81
N THR B 200 -45.75 -3.18 -21.72
CA THR B 200 -47.16 -3.23 -22.10
C THR B 200 -47.60 -1.82 -22.47
N GLU B 201 -48.26 -1.68 -23.62
CA GLU B 201 -48.72 -0.39 -24.11
C GLU B 201 -50.23 -0.42 -24.25
N ILE B 202 -50.90 0.56 -23.65
CA ILE B 202 -52.35 0.64 -23.64
C ILE B 202 -52.78 1.96 -24.26
N ALA B 203 -53.72 1.91 -25.19
CA ALA B 203 -54.27 3.08 -25.85
C ALA B 203 -55.73 3.21 -25.47
N ILE B 204 -56.13 4.42 -25.07
CA ILE B 204 -57.49 4.71 -24.64
C ILE B 204 -58.14 5.63 -25.67
N ILE B 205 -59.35 5.28 -26.09
CA ILE B 205 -60.12 6.07 -27.05
C ILE B 205 -61.33 6.60 -26.30
N LEU B 206 -61.30 7.88 -25.94
CA LEU B 206 -62.35 8.51 -25.17
C LEU B 206 -63.23 9.33 -26.10
N ASP B 207 -64.51 8.98 -26.17
CA ASP B 207 -65.44 9.70 -27.04
C ASP B 207 -65.73 11.09 -26.49
N GLY B 208 -65.86 12.05 -27.40
CA GLY B 208 -66.17 13.41 -27.03
C GLY B 208 -67.21 14.05 -27.94
N SER B 209 -68.15 13.23 -28.42
CA SER B 209 -69.16 13.72 -29.35
C SER B 209 -70.08 14.73 -28.67
N GLY B 210 -70.84 15.45 -29.50
CA GLY B 210 -71.74 16.47 -28.99
C GLY B 210 -72.87 15.92 -28.14
N SER B 211 -73.17 14.63 -28.26
CA SER B 211 -74.20 14.03 -27.42
C SER B 211 -73.80 13.99 -25.95
N ILE B 212 -72.50 14.06 -25.67
CA ILE B 212 -72.00 14.01 -24.30
C ILE B 212 -71.98 15.43 -23.74
N ASP B 213 -72.71 15.65 -22.65
CA ASP B 213 -72.71 16.93 -21.99
C ASP B 213 -71.39 17.15 -21.25
N PRO B 214 -71.01 18.41 -21.03
CA PRO B 214 -69.74 18.71 -20.34
C PRO B 214 -69.64 18.06 -18.98
N PRO B 215 -70.73 17.97 -18.18
CA PRO B 215 -70.62 17.26 -16.90
C PRO B 215 -70.18 15.81 -17.05
N ASP B 216 -70.64 15.11 -18.09
CA ASP B 216 -70.24 13.72 -18.29
C ASP B 216 -68.78 13.61 -18.69
N PHE B 217 -68.26 14.62 -19.39
CA PHE B 217 -66.85 14.60 -19.77
C PHE B 217 -65.95 14.58 -18.55
N GLN B 218 -66.31 15.32 -17.50
CA GLN B 218 -65.53 15.31 -16.27
C GLN B 218 -65.54 13.93 -15.63
N ARG B 219 -66.70 13.27 -15.62
CA ARG B 219 -66.78 11.92 -15.07
C ARG B 219 -65.92 10.94 -15.85
N ALA B 220 -65.96 11.02 -17.19
CA ALA B 220 -65.15 10.14 -18.01
C ALA B 220 -63.66 10.40 -17.78
N LYS B 221 -63.27 11.67 -17.68
CA LYS B 221 -61.87 12.02 -17.42
C LYS B 221 -61.42 11.49 -16.06
N ASP B 222 -62.25 11.63 -15.05
CA ASP B 222 -61.92 11.12 -13.72
C ASP B 222 -61.80 9.60 -13.73
N PHE B 223 -62.69 8.92 -14.45
CA PHE B 223 -62.59 7.47 -14.57
C PHE B 223 -61.30 7.06 -15.27
N ILE B 224 -60.92 7.78 -16.33
CA ILE B 224 -59.68 7.47 -17.03
C ILE B 224 -58.48 7.67 -16.12
N SER B 225 -58.47 8.77 -15.37
CA SER B 225 -57.36 9.03 -14.46
C SER B 225 -57.28 7.97 -13.36
N ASN B 226 -58.42 7.58 -12.80
CA ASN B 226 -58.42 6.55 -11.77
C ASN B 226 -57.96 5.21 -12.32
N MET B 227 -58.41 4.84 -13.51
CA MET B 227 -57.98 3.59 -14.11
C MET B 227 -56.49 3.59 -14.37
N MET B 228 -55.95 4.71 -14.88
CA MET B 228 -54.52 4.80 -15.09
C MET B 228 -53.75 4.69 -13.77
N ARG B 229 -54.26 5.33 -12.72
CA ARG B 229 -53.59 5.27 -11.42
C ARG B 229 -53.56 3.86 -10.87
N ASN B 230 -54.70 3.16 -10.93
CA ASN B 230 -54.72 1.78 -10.45
C ASN B 230 -53.83 0.88 -11.30
N PHE B 231 -53.81 1.11 -12.61
CA PHE B 231 -52.95 0.33 -13.49
C PHE B 231 -51.48 0.55 -13.16
N TYR B 232 -51.09 1.80 -12.88
CA TYR B 232 -49.72 2.09 -12.47
C TYR B 232 -49.41 1.49 -11.11
N GLU B 233 -50.41 1.42 -10.23
CA GLU B 233 -50.21 0.80 -8.93
C GLU B 233 -49.94 -0.70 -9.07
N LYS B 234 -50.71 -1.38 -9.90
CA LYS B 234 -50.58 -2.83 -10.04
C LYS B 234 -49.53 -3.20 -11.09
N CYS B 235 -49.33 -2.36 -12.11
CA CYS B 235 -48.37 -2.64 -13.16
C CYS B 235 -47.20 -1.64 -13.08
N PHE B 236 -46.02 -2.11 -13.48
CA PHE B 236 -44.84 -1.24 -13.54
C PHE B 236 -44.34 -0.95 -14.94
N GLU B 237 -44.06 -1.98 -15.74
CA GLU B 237 -43.36 -1.81 -17.01
C GLU B 237 -44.33 -1.58 -18.15
N CYS B 238 -45.25 -0.65 -17.93
CA CYS B 238 -46.39 -0.49 -18.80
C CYS B 238 -46.93 0.94 -18.79
N ASN B 239 -47.10 1.49 -19.99
CA ASN B 239 -47.34 2.91 -20.22
C ASN B 239 -48.75 3.15 -20.71
N PHE B 240 -49.07 4.42 -20.99
CA PHE B 240 -50.39 4.81 -21.44
C PHE B 240 -50.32 5.91 -22.49
N ALA B 241 -51.34 5.94 -23.35
CA ALA B 241 -51.52 6.99 -24.34
C ALA B 241 -53.00 7.02 -24.73
N LEU B 242 -53.44 8.17 -25.23
CA LEU B 242 -54.84 8.32 -25.62
C LEU B 242 -54.98 9.41 -26.67
N VAL B 243 -56.08 9.35 -27.42
CA VAL B 243 -56.46 10.38 -28.37
C VAL B 243 -57.90 10.78 -28.08
N GLN B 244 -58.24 12.01 -28.47
CA GLN B 244 -59.57 12.56 -28.19
C GLN B 244 -60.51 12.19 -29.33
N TYR B 245 -61.49 11.33 -29.03
CA TYR B 245 -62.46 10.88 -30.01
C TYR B 245 -63.71 11.77 -29.98
N GLY B 246 -63.46 13.07 -30.14
CA GLY B 246 -64.53 14.04 -30.12
C GLY B 246 -65.19 14.28 -31.46
N GLY B 247 -64.41 14.13 -32.53
CA GLY B 247 -64.90 14.40 -33.87
C GLY B 247 -63.83 15.02 -34.74
N VAL B 248 -62.82 15.60 -34.10
CA VAL B 248 -61.61 16.07 -34.77
C VAL B 248 -60.46 15.25 -34.23
N ILE B 249 -59.75 14.56 -35.12
CA ILE B 249 -58.72 13.60 -34.71
C ILE B 249 -57.51 14.39 -34.24
N GLN B 250 -57.35 14.53 -32.93
CA GLN B 250 -56.22 15.21 -32.33
C GLN B 250 -55.45 14.22 -31.46
N THR B 251 -54.12 14.38 -31.46
CA THR B 251 -53.24 13.47 -30.73
C THR B 251 -52.91 14.08 -29.38
N GLU B 252 -53.26 13.37 -28.31
CA GLU B 252 -52.94 13.78 -26.95
C GLU B 252 -51.57 13.19 -26.59
N PHE B 253 -51.22 13.21 -25.30
CA PHE B 253 -49.92 12.70 -24.87
C PHE B 253 -49.76 11.24 -25.27
N ASP B 254 -48.57 10.90 -25.77
CA ASP B 254 -48.27 9.55 -26.21
C ASP B 254 -47.52 8.81 -25.11
N LEU B 255 -47.19 7.54 -25.38
CA LEU B 255 -46.47 6.73 -24.41
C LEU B 255 -45.04 7.21 -24.19
N ARG B 256 -44.52 8.08 -25.06
CA ARG B 256 -43.24 8.72 -24.78
C ARG B 256 -43.35 9.62 -23.55
N ASP B 257 -44.45 10.37 -23.44
CA ASP B 257 -44.69 11.21 -22.27
C ASP B 257 -45.20 10.43 -21.07
N SER B 258 -45.54 9.15 -21.24
CA SER B 258 -46.05 8.34 -20.15
C SER B 258 -44.99 8.00 -19.10
N GLN B 259 -43.72 8.28 -19.38
CA GLN B 259 -42.68 8.03 -18.39
C GLN B 259 -42.89 8.88 -17.14
N ASP B 260 -43.24 10.15 -17.33
CA ASP B 260 -43.58 11.04 -16.21
C ASP B 260 -45.07 10.86 -15.93
N VAL B 261 -45.38 10.04 -14.94
CA VAL B 261 -46.77 9.69 -14.64
C VAL B 261 -47.55 10.92 -14.19
N MET B 262 -46.96 11.73 -13.31
CA MET B 262 -47.66 12.89 -12.77
C MET B 262 -47.99 13.89 -13.87
N ALA B 263 -47.06 14.12 -14.80
CA ALA B 263 -47.33 15.04 -15.91
C ALA B 263 -48.43 14.50 -16.80
N SER B 264 -48.44 13.18 -17.04
CA SER B 264 -49.49 12.58 -17.86
C SER B 264 -50.86 12.74 -17.22
N LEU B 265 -50.93 12.63 -15.89
CA LEU B 265 -52.20 12.83 -15.20
C LEU B 265 -52.72 14.24 -15.39
N ALA B 266 -51.85 15.24 -15.25
CA ALA B 266 -52.27 16.62 -15.47
C ALA B 266 -52.68 16.85 -16.91
N ARG B 267 -51.94 16.27 -17.87
CA ARG B 267 -52.30 16.41 -19.28
C ARG B 267 -53.68 15.81 -19.55
N VAL B 268 -53.97 14.66 -18.95
CA VAL B 268 -55.29 14.06 -19.07
C VAL B 268 -56.35 14.97 -18.46
N GLN B 269 -56.06 15.54 -17.29
CA GLN B 269 -56.99 16.46 -16.64
C GLN B 269 -57.17 17.76 -17.41
N ASN B 270 -56.30 18.07 -18.36
CA ASN B 270 -56.35 19.32 -19.09
C ASN B 270 -57.05 19.21 -20.44
N ILE B 271 -57.76 18.11 -20.69
CA ILE B 271 -58.43 17.93 -21.98
C ILE B 271 -59.70 18.77 -22.03
N THR B 272 -60.16 19.05 -23.25
CA THR B 272 -61.38 19.80 -23.49
C THR B 272 -62.13 19.17 -24.66
N GLN B 273 -63.43 18.96 -24.48
CA GLN B 273 -64.26 18.31 -25.50
C GLN B 273 -64.75 19.35 -26.50
N VAL B 274 -64.55 19.07 -27.79
CA VAL B 274 -65.06 19.95 -28.85
C VAL B 274 -66.32 19.34 -29.45
N GLY B 275 -66.17 18.19 -30.10
CA GLY B 275 -67.31 17.43 -30.57
C GLY B 275 -67.74 17.74 -32.00
N SER B 276 -67.41 16.87 -32.95
CA SER B 276 -67.89 17.02 -34.31
C SER B 276 -68.76 15.85 -34.76
N VAL B 277 -68.23 14.63 -34.77
CA VAL B 277 -68.97 13.46 -35.22
C VAL B 277 -68.20 12.21 -34.82
N THR B 278 -68.90 11.10 -34.67
CA THR B 278 -68.30 9.85 -34.20
C THR B 278 -67.68 9.11 -35.38
N LYS B 279 -66.38 9.34 -35.59
CA LYS B 279 -65.61 8.62 -36.61
C LYS B 279 -64.69 7.62 -35.92
N THR B 280 -65.24 6.43 -35.64
CA THR B 280 -64.50 5.43 -34.88
C THR B 280 -63.35 4.84 -35.69
N ALA B 281 -63.62 4.50 -36.95
CA ALA B 281 -62.59 3.89 -37.79
C ALA B 281 -61.41 4.83 -38.00
N SER B 282 -61.68 6.12 -38.21
CA SER B 282 -60.61 7.08 -38.35
C SER B 282 -59.79 7.18 -37.08
N ALA B 283 -60.45 7.15 -35.92
CA ALA B 283 -59.72 7.19 -34.65
C ALA B 283 -58.81 5.97 -34.50
N MET B 284 -59.33 4.78 -34.84
CA MET B 284 -58.50 3.57 -34.78
C MET B 284 -57.31 3.66 -35.73
N GLN B 285 -57.55 4.13 -36.95
CA GLN B 285 -56.46 4.23 -37.92
C GLN B 285 -55.40 5.23 -37.46
N HIS B 286 -55.82 6.35 -36.87
CA HIS B 286 -54.86 7.31 -36.35
C HIS B 286 -54.08 6.73 -35.17
N VAL B 287 -54.75 5.94 -34.32
CA VAL B 287 -54.04 5.26 -33.23
C VAL B 287 -52.99 4.33 -33.80
N LEU B 288 -53.33 3.56 -34.83
CA LEU B 288 -52.37 2.66 -35.45
C LEU B 288 -51.19 3.44 -36.04
N ASP B 289 -51.48 4.56 -36.70
CA ASP B 289 -50.45 5.33 -37.40
C ASP B 289 -49.56 6.14 -36.45
N SER B 290 -50.05 6.53 -35.27
CA SER B 290 -49.26 7.38 -34.41
C SER B 290 -48.93 6.73 -33.06
N ILE B 291 -49.96 6.25 -32.36
CA ILE B 291 -49.78 5.79 -30.98
C ILE B 291 -48.91 4.53 -30.95
N PHE B 292 -49.24 3.55 -31.79
CA PHE B 292 -48.57 2.26 -31.75
C PHE B 292 -47.33 2.19 -32.62
N THR B 293 -47.06 3.21 -33.42
CA THR B 293 -45.84 3.23 -34.23
C THR B 293 -44.64 3.59 -33.37
N SER B 294 -43.49 3.02 -33.72
CA SER B 294 -42.25 3.21 -32.97
C SER B 294 -41.62 4.58 -33.22
N SER B 295 -42.33 5.51 -33.85
CA SER B 295 -41.76 6.83 -34.13
C SER B 295 -41.40 7.56 -32.85
N HIS B 296 -42.25 7.49 -31.84
CA HIS B 296 -42.02 8.16 -30.57
C HIS B 296 -41.59 7.20 -29.45
N GLY B 297 -41.03 6.05 -29.81
CA GLY B 297 -40.50 5.13 -28.83
C GLY B 297 -41.38 3.94 -28.48
N SER B 298 -42.44 3.69 -29.23
CA SER B 298 -43.28 2.53 -28.98
C SER B 298 -42.49 1.25 -29.19
N ARG B 299 -42.60 0.33 -28.25
CA ARG B 299 -41.87 -0.94 -28.34
C ARG B 299 -42.56 -1.88 -29.30
N ARG B 300 -41.78 -2.51 -30.18
CA ARG B 300 -42.34 -3.36 -31.22
C ARG B 300 -43.06 -4.57 -30.65
N LYS B 301 -42.48 -5.22 -29.65
CA LYS B 301 -43.06 -6.42 -29.06
C LYS B 301 -43.91 -6.14 -27.83
N ALA B 302 -44.18 -4.87 -27.54
CA ALA B 302 -45.01 -4.54 -26.39
C ALA B 302 -46.44 -5.01 -26.60
N SER B 303 -47.05 -5.52 -25.54
CA SER B 303 -48.45 -5.91 -25.61
C SER B 303 -49.32 -4.68 -25.82
N LYS B 304 -50.07 -4.66 -26.90
CA LYS B 304 -50.87 -3.51 -27.30
C LYS B 304 -52.32 -3.78 -26.93
N VAL B 305 -52.87 -2.92 -26.07
CA VAL B 305 -54.24 -3.04 -25.59
C VAL B 305 -55.01 -1.79 -26.01
N MET B 306 -56.16 -1.99 -26.63
CA MET B 306 -57.04 -0.91 -27.06
C MET B 306 -58.23 -0.80 -26.12
N VAL B 307 -58.44 0.39 -25.59
CA VAL B 307 -59.58 0.68 -24.71
C VAL B 307 -60.44 1.72 -25.41
N VAL B 308 -61.66 1.34 -25.77
CA VAL B 308 -62.58 2.21 -26.51
C VAL B 308 -63.84 2.36 -25.68
N LEU B 309 -64.14 3.59 -25.27
CA LEU B 309 -65.38 3.93 -24.58
C LEU B 309 -66.13 4.90 -25.49
N THR B 310 -67.19 4.40 -26.13
CA THR B 310 -67.97 5.17 -27.08
C THR B 310 -69.44 5.15 -26.70
N ASP B 311 -70.17 6.15 -27.19
CA ASP B 311 -71.59 6.29 -26.89
C ASP B 311 -72.40 6.42 -28.18
N GLY B 312 -71.77 6.93 -29.23
CA GLY B 312 -72.43 7.12 -30.51
C GLY B 312 -71.84 6.21 -31.58
N GLY B 313 -72.71 5.72 -32.47
CA GLY B 313 -72.26 4.87 -33.54
C GLY B 313 -71.56 5.62 -34.65
N ILE B 314 -71.01 4.85 -35.60
CA ILE B 314 -70.28 5.44 -36.71
C ILE B 314 -71.22 6.24 -37.59
N PHE B 315 -70.82 7.47 -37.93
CA PHE B 315 -71.62 8.32 -38.80
C PHE B 315 -70.70 9.35 -39.44
N GLU B 316 -70.92 9.60 -40.73
CA GLU B 316 -70.12 10.56 -41.50
C GLU B 316 -68.63 10.21 -41.43
N ASP B 317 -68.34 8.92 -41.48
CA ASP B 317 -66.96 8.43 -41.41
C ASP B 317 -66.53 7.92 -42.77
N PRO B 318 -65.57 8.57 -43.44
CA PRO B 318 -65.12 8.04 -44.75
C PRO B 318 -64.57 6.63 -44.67
N LEU B 319 -63.90 6.29 -43.57
CA LEU B 319 -63.36 4.94 -43.40
C LEU B 319 -64.44 4.00 -42.86
N ASN B 320 -64.29 2.72 -43.17
CA ASN B 320 -65.23 1.70 -42.74
C ASN B 320 -64.68 0.96 -41.53
N LEU B 321 -65.56 0.63 -40.59
CA LEU B 321 -65.13 -0.05 -39.37
C LEU B 321 -64.55 -1.42 -39.66
N THR B 322 -65.18 -2.17 -40.57
CA THR B 322 -64.67 -3.49 -40.91
C THR B 322 -63.36 -3.43 -41.70
N THR B 323 -63.07 -2.29 -42.34
CA THR B 323 -61.83 -2.17 -43.09
C THR B 323 -60.62 -2.02 -42.18
N VAL B 324 -60.75 -1.20 -41.12
CA VAL B 324 -59.62 -0.93 -40.26
C VAL B 324 -59.27 -2.10 -39.34
N ILE B 325 -60.22 -2.99 -39.07
CA ILE B 325 -59.93 -4.13 -38.20
C ILE B 325 -59.21 -5.24 -38.96
N ASN B 326 -59.52 -5.40 -40.25
CA ASN B 326 -58.88 -6.43 -41.07
C ASN B 326 -57.61 -5.93 -41.72
N SER B 327 -56.68 -5.43 -40.89
CA SER B 327 -55.40 -4.92 -41.35
C SER B 327 -54.30 -5.93 -41.06
N PRO B 328 -53.28 -6.02 -41.92
CA PRO B 328 -52.18 -6.97 -41.67
C PRO B 328 -51.43 -6.73 -40.38
N LYS B 329 -51.39 -5.49 -39.88
CA LYS B 329 -50.68 -5.20 -38.65
C LYS B 329 -51.44 -5.65 -37.41
N MET B 330 -52.70 -6.05 -37.54
CA MET B 330 -53.50 -6.52 -36.41
C MET B 330 -53.45 -8.04 -36.24
N GLN B 331 -52.33 -8.67 -36.57
CA GLN B 331 -52.16 -10.11 -36.38
C GLN B 331 -51.87 -10.38 -34.91
N GLY B 332 -52.83 -10.00 -34.07
CA GLY B 332 -52.75 -10.18 -32.63
C GLY B 332 -52.55 -8.87 -31.89
N VAL B 333 -53.65 -8.27 -31.43
CA VAL B 333 -53.66 -7.02 -30.68
C VAL B 333 -54.87 -7.04 -29.77
N GLU B 334 -54.70 -6.67 -28.51
CA GLU B 334 -55.81 -6.66 -27.57
C GLU B 334 -56.69 -5.44 -27.79
N ARG B 335 -58.00 -5.66 -27.82
CA ARG B 335 -58.97 -4.59 -28.01
C ARG B 335 -60.10 -4.73 -27.00
N PHE B 336 -60.57 -3.60 -26.49
CA PHE B 336 -61.67 -3.56 -25.55
C PHE B 336 -62.65 -2.48 -25.97
N ALA B 337 -63.94 -2.73 -25.70
CA ALA B 337 -65.01 -1.82 -26.10
C ALA B 337 -66.01 -1.72 -24.94
N ILE B 338 -65.87 -0.67 -24.13
CA ILE B 338 -66.78 -0.41 -23.03
C ILE B 338 -67.80 0.61 -23.56
N GLY B 339 -68.89 0.09 -24.12
CA GLY B 339 -69.88 0.92 -24.78
C GLY B 339 -71.01 1.41 -23.91
N VAL B 340 -70.73 2.42 -23.06
CA VAL B 340 -71.78 3.01 -22.25
C VAL B 340 -72.81 3.68 -23.16
N GLY B 341 -74.08 3.41 -22.89
CA GLY B 341 -75.15 4.01 -23.67
C GLY B 341 -76.33 3.10 -23.90
N GLU B 342 -77.54 3.64 -23.74
CA GLU B 342 -78.76 2.85 -23.97
C GLU B 342 -79.01 2.60 -25.44
N GLU B 343 -78.44 3.42 -26.33
CA GLU B 343 -78.62 3.21 -27.76
C GLU B 343 -78.02 1.87 -28.19
N PHE B 344 -76.93 1.46 -27.54
CA PHE B 344 -76.34 0.15 -27.84
C PHE B 344 -77.30 -0.98 -27.49
N LYS B 345 -77.93 -0.89 -26.32
CA LYS B 345 -78.87 -1.93 -25.91
C LYS B 345 -80.12 -1.94 -26.78
N SER B 346 -80.59 -0.76 -27.20
CA SER B 346 -81.88 -0.63 -27.86
C SER B 346 -81.82 -0.66 -29.38
N ALA B 347 -80.64 -0.77 -29.98
CA ALA B 347 -80.53 -0.66 -31.43
C ALA B 347 -79.47 -1.64 -31.94
N ARG B 348 -79.23 -1.59 -33.25
CA ARG B 348 -78.27 -2.46 -33.93
C ARG B 348 -76.83 -2.18 -33.53
N THR B 349 -76.50 -0.96 -33.09
CA THR B 349 -75.12 -0.59 -32.85
C THR B 349 -74.46 -1.44 -31.76
N ALA B 350 -75.21 -2.32 -31.09
CA ALA B 350 -74.58 -3.34 -30.26
C ALA B 350 -73.73 -4.27 -31.12
N ARG B 351 -74.24 -4.64 -32.29
CA ARG B 351 -73.45 -5.43 -33.23
C ARG B 351 -72.22 -4.65 -33.70
N GLU B 352 -72.36 -3.33 -33.83
CA GLU B 352 -71.21 -2.48 -34.12
C GLU B 352 -70.18 -2.55 -32.99
N LEU B 353 -70.66 -2.55 -31.74
CA LEU B 353 -69.76 -2.71 -30.61
C LEU B 353 -69.05 -4.06 -30.64
N ASN B 354 -69.77 -5.12 -31.00
CA ASN B 354 -69.18 -6.45 -31.05
C ASN B 354 -68.07 -6.52 -32.11
N LEU B 355 -68.27 -5.83 -33.24
CA LEU B 355 -67.25 -5.82 -34.29
C LEU B 355 -66.05 -4.98 -33.92
N ILE B 356 -66.20 -4.02 -33.00
CA ILE B 356 -65.09 -3.16 -32.63
C ILE B 356 -63.98 -3.95 -31.95
N ALA B 357 -64.34 -4.78 -30.97
CA ALA B 357 -63.40 -5.59 -30.23
C ALA B 357 -63.82 -7.05 -30.28
N SER B 358 -62.87 -7.92 -30.59
CA SER B 358 -63.15 -9.35 -30.63
C SER B 358 -63.61 -9.85 -29.27
N ASP B 359 -64.71 -10.61 -29.27
CA ASP B 359 -65.31 -11.13 -28.04
C ASP B 359 -65.52 -12.63 -28.18
N PRO B 360 -64.44 -13.42 -28.11
CA PRO B 360 -64.62 -14.89 -28.13
C PRO B 360 -65.36 -15.40 -26.92
N ASP B 361 -65.00 -14.92 -25.73
CA ASP B 361 -65.66 -15.28 -24.48
C ASP B 361 -66.38 -14.10 -23.85
N GLU B 362 -66.66 -13.04 -24.61
CA GLU B 362 -67.24 -11.79 -24.14
C GLU B 362 -66.36 -11.10 -23.10
N THR B 363 -65.09 -11.48 -23.02
CA THR B 363 -64.19 -10.87 -22.05
C THR B 363 -63.95 -9.40 -22.35
N HIS B 364 -63.84 -9.04 -23.63
CA HIS B 364 -63.60 -7.66 -24.02
C HIS B 364 -64.88 -6.82 -24.00
N ALA B 365 -66.02 -7.41 -24.37
CA ALA B 365 -67.27 -6.69 -24.40
C ALA B 365 -67.73 -6.30 -23.00
N PHE B 366 -67.86 -5.00 -22.75
CA PHE B 366 -68.26 -4.47 -21.43
C PHE B 366 -69.40 -3.48 -21.66
N LYS B 367 -70.63 -3.98 -21.62
CA LYS B 367 -71.81 -3.14 -21.80
C LYS B 367 -72.27 -2.62 -20.44
N VAL B 368 -72.31 -1.30 -20.29
CA VAL B 368 -72.75 -0.66 -19.06
C VAL B 368 -73.80 0.39 -19.40
N THR B 369 -74.66 0.70 -18.44
CA THR B 369 -75.79 1.59 -18.67
C THR B 369 -75.45 3.06 -18.49
N ASN B 370 -74.52 3.40 -17.61
CA ASN B 370 -74.23 4.79 -17.31
C ASN B 370 -72.79 4.92 -16.85
N TYR B 371 -72.30 6.17 -16.84
CA TYR B 371 -70.95 6.46 -16.41
C TYR B 371 -70.76 6.29 -14.91
N MET B 372 -71.84 6.15 -14.14
CA MET B 372 -71.73 6.01 -12.70
C MET B 372 -71.16 4.66 -12.29
N ALA B 373 -71.26 3.65 -13.15
CA ALA B 373 -70.76 2.31 -12.86
C ALA B 373 -69.37 2.07 -13.45
N LEU B 374 -68.72 3.12 -13.96
CA LEU B 374 -67.38 2.97 -14.51
C LEU B 374 -66.42 2.45 -13.45
N ASP B 375 -66.45 3.05 -12.25
CA ASP B 375 -65.69 2.50 -11.14
C ASP B 375 -66.20 1.13 -10.72
N GLY B 376 -67.47 0.82 -11.02
CA GLY B 376 -68.00 -0.50 -10.71
C GLY B 376 -67.34 -1.60 -11.52
N LEU B 377 -67.16 -1.37 -12.82
CA LEU B 377 -66.54 -2.36 -13.68
C LEU B 377 -65.06 -2.09 -13.92
N LEU B 378 -64.48 -1.09 -13.24
CA LEU B 378 -63.05 -0.85 -13.37
C LEU B 378 -62.23 -2.04 -12.90
N SER B 379 -62.67 -2.71 -11.83
CA SER B 379 -61.95 -3.89 -11.36
C SER B 379 -61.96 -5.00 -12.41
N LYS B 380 -63.11 -5.24 -13.02
CA LYS B 380 -63.20 -6.24 -14.08
C LYS B 380 -62.33 -5.87 -15.28
N LEU B 381 -62.32 -4.57 -15.62
CA LEU B 381 -61.46 -4.11 -16.73
C LEU B 381 -59.98 -4.32 -16.40
N ARG B 382 -59.60 -4.09 -15.14
CA ARG B 382 -58.21 -4.28 -14.73
C ARG B 382 -57.84 -5.76 -14.73
N TYR B 383 -58.80 -6.63 -14.41
CA TYR B 383 -58.49 -8.03 -14.18
C TYR B 383 -57.89 -8.70 -15.42
N ASN B 384 -58.43 -8.40 -16.61
CA ASN B 384 -58.02 -9.06 -17.84
C ASN B 384 -57.01 -8.27 -18.65
N ILE B 385 -56.55 -7.12 -18.14
CA ILE B 385 -55.59 -6.32 -18.87
C ILE B 385 -54.28 -6.20 -18.10
N ILE B 386 -54.37 -6.01 -16.79
CA ILE B 386 -53.17 -5.78 -15.99
C ILE B 386 -52.30 -7.04 -16.05
N SER B 387 -51.00 -6.86 -15.75
CA SER B 387 -50.00 -7.82 -16.20
C SER B 387 -49.60 -8.81 -15.10
N MET B 388 -49.92 -8.51 -13.85
CA MET B 388 -49.42 -9.22 -12.68
C MET B 388 -47.94 -9.57 -12.83
N GLU B 389 -47.11 -8.54 -12.97
CA GLU B 389 -45.68 -8.80 -13.09
C GLU B 389 -45.15 -9.38 -11.77
N GLY B 390 -44.04 -10.09 -11.88
CA GLY B 390 -43.46 -10.81 -10.75
C GLY B 390 -43.18 -9.91 -9.57
N THR B 391 -43.36 -10.44 -8.36
CA THR B 391 -43.16 -9.63 -7.17
C THR B 391 -41.71 -9.17 -7.07
N VAL B 392 -41.54 -7.87 -6.82
CA VAL B 392 -40.23 -7.25 -6.67
C VAL B 392 -40.02 -6.94 -5.20
N GLY B 393 -38.84 -7.28 -4.69
CA GLY B 393 -38.53 -7.14 -3.28
C GLY B 393 -38.37 -8.46 -2.55
N ASP B 394 -38.37 -9.58 -3.28
CA ASP B 394 -38.16 -10.88 -2.65
C ASP B 394 -36.74 -10.98 -2.11
N ALA B 395 -36.56 -11.85 -1.12
CA ALA B 395 -35.27 -11.99 -0.46
C ALA B 395 -34.21 -12.42 -1.46
N LEU B 396 -33.01 -11.85 -1.32
CA LEU B 396 -31.88 -12.15 -2.18
C LEU B 396 -31.12 -13.32 -1.58
N HIS B 397 -31.40 -14.53 -2.07
CA HIS B 397 -30.74 -15.74 -1.59
C HIS B 397 -29.62 -16.20 -2.51
N TYR B 398 -29.95 -16.52 -3.76
CA TYR B 398 -28.98 -17.01 -4.73
C TYR B 398 -29.04 -16.30 -6.06
N GLN B 399 -29.91 -15.30 -6.22
CA GLN B 399 -30.06 -14.64 -7.51
C GLN B 399 -28.76 -13.97 -7.95
N LEU B 400 -28.15 -13.20 -7.05
CA LEU B 400 -26.89 -12.53 -7.31
C LEU B 400 -25.75 -13.13 -6.52
N ALA B 401 -25.76 -14.46 -6.34
CA ALA B 401 -24.73 -15.13 -5.55
C ALA B 401 -23.35 -15.06 -6.20
N GLN B 402 -23.30 -14.87 -7.52
CA GLN B 402 -22.03 -14.74 -8.25
C GLN B 402 -21.12 -15.93 -7.97
N ILE B 403 -21.68 -17.14 -8.08
CA ILE B 403 -20.92 -18.35 -7.82
C ILE B 403 -19.87 -18.55 -8.90
N GLY B 404 -18.66 -18.86 -8.48
CA GLY B 404 -17.52 -18.88 -9.37
C GLY B 404 -16.74 -17.60 -9.40
N PHE B 405 -17.01 -16.67 -8.48
CA PHE B 405 -16.23 -15.44 -8.39
C PHE B 405 -14.77 -15.75 -8.11
N SER B 406 -14.52 -16.66 -7.17
CA SER B 406 -13.22 -17.27 -6.97
C SER B 406 -13.40 -18.78 -7.02
N ALA B 407 -12.38 -19.49 -7.47
CA ALA B 407 -12.49 -20.92 -7.73
C ALA B 407 -11.24 -21.62 -7.23
N GLN B 408 -11.37 -22.94 -7.06
CA GLN B 408 -10.28 -23.77 -6.60
C GLN B 408 -10.59 -25.21 -6.96
N ILE B 409 -9.72 -25.85 -7.74
CA ILE B 409 -9.89 -27.25 -8.12
C ILE B 409 -9.38 -28.10 -6.96
N LEU B 410 -10.28 -28.90 -6.36
CA LEU B 410 -9.88 -29.74 -5.26
C LEU B 410 -9.33 -31.07 -5.75
N ASP B 411 -9.96 -31.64 -6.78
CA ASP B 411 -9.53 -32.89 -7.37
C ASP B 411 -10.15 -32.98 -8.76
N GLU B 412 -10.10 -34.19 -9.35
CA GLU B 412 -10.55 -34.36 -10.72
C GLU B 412 -12.03 -34.02 -10.88
N ARG B 413 -12.85 -34.32 -9.88
CA ARG B 413 -14.29 -34.14 -10.00
C ARG B 413 -14.84 -33.00 -9.16
N GLN B 414 -14.11 -32.52 -8.16
CA GLN B 414 -14.63 -31.56 -7.21
C GLN B 414 -13.91 -30.22 -7.33
N VAL B 415 -14.69 -29.15 -7.24
CA VAL B 415 -14.16 -27.78 -7.26
C VAL B 415 -14.78 -27.01 -6.12
N LEU B 416 -14.07 -25.96 -5.68
CA LEU B 416 -14.52 -25.08 -4.61
C LEU B 416 -14.73 -23.70 -5.20
N LEU B 417 -15.98 -23.24 -5.21
CA LEU B 417 -16.37 -22.02 -5.88
C LEU B 417 -16.86 -20.99 -4.87
N GLY B 418 -16.31 -19.77 -4.95
CA GLY B 418 -16.74 -18.71 -4.05
C GLY B 418 -18.02 -18.06 -4.51
N ALA B 419 -18.84 -17.65 -3.53
CA ALA B 419 -20.13 -17.01 -3.78
C ALA B 419 -20.19 -15.73 -2.93
N VAL B 420 -19.69 -14.63 -3.50
CA VAL B 420 -19.60 -13.38 -2.75
C VAL B 420 -20.97 -12.83 -2.39
N GLY B 421 -21.96 -13.00 -3.26
CA GLY B 421 -23.21 -12.28 -3.13
C GLY B 421 -24.38 -13.05 -2.53
N ALA B 422 -24.13 -14.28 -2.10
CA ALA B 422 -25.22 -15.10 -1.57
C ALA B 422 -25.73 -14.54 -0.25
N PHE B 423 -27.05 -14.50 -0.10
CA PHE B 423 -27.73 -14.08 1.12
C PHE B 423 -27.32 -12.66 1.53
N ASP B 424 -27.70 -11.70 0.68
CA ASP B 424 -27.43 -10.27 0.91
C ASP B 424 -25.94 -10.01 1.05
N TRP B 425 -25.15 -10.64 0.18
CA TRP B 425 -23.70 -10.46 0.11
C TRP B 425 -23.02 -10.88 1.41
N SER B 426 -23.67 -11.77 2.17
CA SER B 426 -23.01 -12.39 3.31
C SER B 426 -21.81 -13.21 2.85
N GLY B 427 -21.92 -13.82 1.69
CA GLY B 427 -20.85 -14.64 1.14
C GLY B 427 -21.07 -16.12 1.39
N GLY B 428 -20.10 -16.88 0.92
CA GLY B 428 -20.15 -18.32 1.07
C GLY B 428 -19.22 -18.99 0.08
N ALA B 429 -19.35 -20.30 -0.01
CA ALA B 429 -18.55 -21.09 -0.96
C ALA B 429 -19.33 -22.33 -1.34
N LEU B 430 -19.47 -22.58 -2.63
CA LEU B 430 -20.15 -23.77 -3.11
C LEU B 430 -19.14 -24.89 -3.33
N LEU B 431 -19.39 -26.01 -2.68
CA LEU B 431 -18.57 -27.22 -2.84
C LEU B 431 -19.28 -28.11 -3.86
N TYR B 432 -18.80 -28.09 -5.10
CA TYR B 432 -19.52 -28.65 -6.23
C TYR B 432 -18.80 -29.88 -6.77
N ASP B 433 -19.55 -30.96 -6.97
CA ASP B 433 -19.04 -32.17 -7.60
C ASP B 433 -19.50 -32.16 -9.05
N THR B 434 -18.53 -32.13 -9.97
CA THR B 434 -18.85 -31.91 -11.38
C THR B 434 -19.47 -33.14 -12.05
N ARG B 435 -19.12 -34.34 -11.61
CA ARG B 435 -19.66 -35.53 -12.25
C ARG B 435 -21.08 -35.84 -11.79
N SER B 436 -21.33 -35.79 -10.48
CA SER B 436 -22.66 -36.01 -9.96
C SER B 436 -23.55 -34.77 -10.10
N ARG B 437 -22.99 -33.63 -10.44
CA ARG B 437 -23.72 -32.38 -10.63
C ARG B 437 -24.54 -32.03 -9.39
N ARG B 438 -23.95 -32.25 -8.20
CA ARG B 438 -24.59 -31.93 -6.95
C ARG B 438 -23.58 -31.25 -6.04
N GLY B 439 -24.02 -30.22 -5.33
CA GLY B 439 -23.15 -29.48 -4.44
C GLY B 439 -23.88 -29.06 -3.18
N ARG B 440 -23.12 -28.51 -2.25
CA ARG B 440 -23.67 -27.96 -1.01
C ARG B 440 -23.05 -26.61 -0.73
N PHE B 441 -23.81 -25.75 -0.05
CA PHE B 441 -23.39 -24.39 0.21
C PHE B 441 -22.84 -24.25 1.63
N LEU B 442 -21.68 -23.63 1.75
CA LEU B 442 -21.02 -23.43 3.02
C LEU B 442 -20.88 -21.95 3.30
N ASN B 443 -21.27 -21.54 4.52
CA ASN B 443 -21.18 -20.13 4.88
C ASN B 443 -21.01 -20.03 6.40
N GLN B 444 -21.21 -18.83 6.94
CA GLN B 444 -20.92 -18.58 8.34
C GLN B 444 -21.93 -19.26 9.27
N THR B 445 -23.16 -19.47 8.80
CA THR B 445 -24.20 -20.18 9.57
C THR B 445 -24.47 -19.45 10.90
N ALA B 446 -25.05 -18.26 10.76
CA ALA B 446 -25.45 -17.48 11.91
C ALA B 446 -26.57 -18.19 12.68
N ALA B 447 -26.56 -18.03 14.00
CA ALA B 447 -27.47 -18.74 14.87
C ALA B 447 -28.74 -17.96 15.21
N ALA B 448 -28.90 -16.76 14.67
CA ALA B 448 -30.08 -15.94 14.96
C ALA B 448 -30.30 -14.98 13.80
N ALA B 449 -31.20 -14.02 14.00
CA ALA B 449 -31.48 -13.01 12.99
C ALA B 449 -30.62 -11.75 13.15
N ALA B 450 -30.06 -11.52 14.34
CA ALA B 450 -29.18 -10.37 14.54
C ALA B 450 -27.82 -10.58 13.90
N ASP B 451 -27.24 -11.77 14.01
CA ASP B 451 -25.96 -12.08 13.41
C ASP B 451 -26.07 -12.49 11.95
N ALA B 452 -27.27 -12.81 11.47
CA ALA B 452 -27.46 -12.97 10.04
C ALA B 452 -27.37 -11.63 9.32
N GLU B 453 -27.94 -10.58 9.90
CA GLU B 453 -27.81 -9.24 9.35
C GLU B 453 -26.43 -8.64 9.60
N ALA B 454 -25.76 -9.06 10.67
CA ALA B 454 -24.42 -8.55 10.96
C ALA B 454 -23.37 -9.14 10.03
N ALA B 455 -23.66 -10.28 9.39
CA ALA B 455 -22.75 -10.89 8.44
C ALA B 455 -22.95 -10.41 7.02
N GLN B 456 -23.94 -9.56 6.78
CA GLN B 456 -24.22 -9.09 5.43
C GLN B 456 -23.12 -8.17 4.93
N TYR B 457 -22.89 -8.22 3.62
CA TYR B 457 -21.88 -7.41 2.94
C TYR B 457 -20.48 -7.64 3.49
N SER B 458 -20.21 -8.88 3.90
CA SER B 458 -18.88 -9.27 4.35
C SER B 458 -18.04 -9.84 3.21
N TYR B 459 -18.67 -10.25 2.11
CA TYR B 459 -17.99 -10.69 0.90
C TYR B 459 -17.17 -11.96 1.14
N LEU B 460 -17.72 -12.90 1.90
CA LEU B 460 -17.04 -14.17 2.09
C LEU B 460 -17.04 -14.96 0.78
N GLY B 461 -15.92 -15.63 0.51
CA GLY B 461 -15.72 -16.24 -0.78
C GLY B 461 -15.13 -15.33 -1.83
N TYR B 462 -14.69 -14.12 -1.44
CA TYR B 462 -13.96 -13.26 -2.35
C TYR B 462 -12.66 -13.94 -2.81
N ALA B 463 -11.94 -14.55 -1.88
CA ALA B 463 -10.81 -15.40 -2.18
C ALA B 463 -10.98 -16.71 -1.43
N VAL B 464 -10.74 -17.82 -2.12
CA VAL B 464 -10.83 -19.14 -1.54
C VAL B 464 -9.51 -19.86 -1.77
N ALA B 465 -9.06 -20.62 -0.78
CA ALA B 465 -7.83 -21.38 -0.87
C ALA B 465 -8.00 -22.67 -0.09
N VAL B 466 -6.99 -23.54 -0.19
CA VAL B 466 -6.98 -24.82 0.49
C VAL B 466 -5.66 -24.95 1.25
N LEU B 467 -5.75 -25.28 2.53
CA LEU B 467 -4.58 -25.56 3.35
C LEU B 467 -4.37 -27.06 3.42
N HIS B 468 -3.17 -27.51 3.06
CA HIS B 468 -2.82 -28.92 3.09
C HIS B 468 -2.10 -29.25 4.39
N LYS B 469 -2.47 -30.38 4.99
CA LYS B 469 -1.89 -30.78 6.27
C LYS B 469 -1.38 -32.20 6.21
N THR B 470 -1.03 -32.77 7.36
CA THR B 470 -0.43 -34.10 7.42
C THR B 470 -1.30 -35.13 6.71
N CYS B 471 -2.55 -35.29 7.16
CA CYS B 471 -3.45 -36.26 6.56
C CYS B 471 -4.87 -35.70 6.44
N SER B 472 -4.99 -34.38 6.25
CA SER B 472 -6.30 -33.77 6.17
C SER B 472 -6.20 -32.48 5.35
N LEU B 473 -7.35 -32.03 4.85
CA LEU B 473 -7.47 -30.78 4.14
C LEU B 473 -8.20 -29.76 5.00
N SER B 474 -8.14 -28.49 4.56
CA SER B 474 -8.79 -27.41 5.30
C SER B 474 -9.07 -26.29 4.32
N TYR B 475 -10.35 -26.08 4.01
CA TYR B 475 -10.74 -25.00 3.11
C TYR B 475 -10.78 -23.69 3.88
N ILE B 476 -10.27 -22.63 3.25
CA ILE B 476 -10.28 -21.30 3.83
C ILE B 476 -10.86 -20.33 2.81
N ALA B 477 -11.44 -19.25 3.31
CA ALA B 477 -12.07 -18.25 2.46
C ALA B 477 -11.85 -16.87 3.06
N GLY B 478 -11.58 -15.90 2.19
CA GLY B 478 -11.36 -14.53 2.62
C GLY B 478 -12.65 -13.71 2.57
N ALA B 479 -12.82 -12.86 3.58
CA ALA B 479 -13.95 -11.94 3.68
C ALA B 479 -13.37 -10.54 3.85
N PRO B 480 -13.03 -9.86 2.74
CA PRO B 480 -12.21 -8.65 2.83
C PRO B 480 -12.90 -7.45 3.47
N ARG B 481 -14.20 -7.49 3.72
CA ARG B 481 -14.86 -6.41 4.46
C ARG B 481 -15.66 -6.96 5.63
N TYR B 482 -15.18 -8.03 6.24
CA TYR B 482 -15.78 -8.53 7.47
C TYR B 482 -15.40 -7.60 8.62
N LYS B 483 -16.40 -6.98 9.24
CA LYS B 483 -16.20 -5.97 10.29
C LYS B 483 -15.35 -4.80 9.79
N HIS B 484 -15.31 -4.61 8.48
CA HIS B 484 -14.65 -3.52 7.76
C HIS B 484 -13.13 -3.63 7.75
N HIS B 485 -12.53 -4.59 8.46
CA HIS B 485 -11.10 -4.80 8.35
C HIS B 485 -10.78 -5.85 7.31
N GLY B 486 -11.60 -6.89 7.23
CA GLY B 486 -11.31 -8.09 6.50
C GLY B 486 -10.96 -9.23 7.43
N ALA B 487 -11.22 -10.46 6.98
CA ALA B 487 -10.96 -11.63 7.80
C ALA B 487 -10.77 -12.85 6.89
N VAL B 488 -10.18 -13.89 7.47
CA VAL B 488 -10.02 -15.17 6.80
C VAL B 488 -10.81 -16.20 7.61
N PHE B 489 -11.77 -16.84 6.95
CA PHE B 489 -12.60 -17.87 7.57
C PHE B 489 -12.06 -19.25 7.20
N GLU B 490 -12.27 -20.21 8.09
CA GLU B 490 -11.88 -21.58 7.85
C GLU B 490 -13.05 -22.50 8.15
N LEU B 491 -13.29 -23.44 7.24
CA LEU B 491 -14.41 -24.38 7.40
C LEU B 491 -14.06 -25.39 8.48
N GLN B 492 -14.74 -25.31 9.61
CA GLN B 492 -14.55 -26.23 10.72
C GLN B 492 -15.78 -27.14 10.81
N LYS B 493 -15.57 -28.43 10.57
CA LYS B 493 -16.66 -29.39 10.57
C LYS B 493 -16.93 -29.92 11.96
N GLU B 494 -18.20 -30.24 12.22
CA GLU B 494 -18.61 -30.93 13.43
C GLU B 494 -19.89 -31.68 13.14
N GLY B 495 -19.90 -32.98 13.46
CA GLY B 495 -21.03 -33.81 13.11
C GLY B 495 -21.21 -33.92 11.61
N ARG B 496 -22.26 -33.30 11.09
CA ARG B 496 -22.50 -33.25 9.65
C ARG B 496 -22.72 -31.83 9.14
N GLU B 497 -22.62 -30.82 9.99
CA GLU B 497 -22.79 -29.42 9.58
C GLU B 497 -21.45 -28.71 9.67
N ALA B 498 -21.00 -28.17 8.53
CA ALA B 498 -19.74 -27.46 8.45
C ALA B 498 -19.99 -25.99 8.13
N SER B 499 -19.35 -25.10 8.88
CA SER B 499 -19.53 -23.68 8.71
C SER B 499 -18.18 -22.98 8.77
N PHE B 500 -18.10 -21.82 8.11
CA PHE B 500 -16.88 -21.02 8.07
C PHE B 500 -16.80 -20.17 9.33
N LEU B 501 -15.77 -20.39 10.13
CA LEU B 501 -15.59 -19.53 11.29
C LEU B 501 -14.31 -18.72 11.16
N PRO B 502 -14.30 -17.49 11.67
CA PRO B 502 -13.12 -16.63 11.49
C PRO B 502 -11.94 -17.13 12.31
N VAL B 503 -10.76 -17.12 11.69
CA VAL B 503 -9.53 -17.54 12.37
C VAL B 503 -8.52 -16.40 12.37
N LEU B 504 -8.62 -15.52 11.38
CA LEU B 504 -7.73 -14.37 11.27
C LEU B 504 -8.53 -13.14 10.91
N GLU B 505 -8.08 -11.98 11.38
CA GLU B 505 -8.76 -10.72 11.13
C GLU B 505 -7.76 -9.62 10.79
N GLY B 506 -8.23 -8.62 10.06
CA GLY B 506 -7.44 -7.44 9.79
C GLY B 506 -7.50 -6.44 10.93
N GLU B 507 -6.74 -5.36 10.77
CA GLU B 507 -6.70 -4.32 11.79
C GLU B 507 -7.01 -2.92 11.28
N GLN B 508 -6.93 -2.68 9.98
CA GLN B 508 -7.22 -1.36 9.42
C GLN B 508 -8.52 -1.41 8.62
N MET B 509 -9.30 -0.33 8.75
CA MET B 509 -10.56 -0.23 8.04
C MET B 509 -10.32 0.04 6.56
N GLY B 510 -10.95 -0.77 5.70
CA GLY B 510 -10.83 -0.60 4.27
C GLY B 510 -9.58 -1.17 3.65
N SER B 511 -8.73 -1.85 4.42
CA SER B 511 -7.48 -2.40 3.89
C SER B 511 -7.68 -3.64 3.05
N TYR B 512 -8.86 -4.25 3.08
CA TYR B 512 -9.15 -5.47 2.31
C TYR B 512 -8.24 -6.62 2.72
N PHE B 513 -8.22 -6.91 4.02
CA PHE B 513 -7.51 -8.08 4.53
C PHE B 513 -8.25 -9.34 4.13
N GLY B 514 -7.56 -10.26 3.49
CA GLY B 514 -8.15 -11.49 3.03
C GLY B 514 -8.60 -11.52 1.59
N SER B 515 -8.34 -10.46 0.83
CA SER B 515 -8.70 -10.46 -0.59
C SER B 515 -7.78 -11.33 -1.42
N GLU B 516 -6.55 -11.54 -0.97
CA GLU B 516 -5.59 -12.41 -1.63
C GLU B 516 -5.07 -13.43 -0.61
N LEU B 517 -5.09 -14.71 -0.99
CA LEU B 517 -4.64 -15.79 -0.13
C LEU B 517 -3.58 -16.60 -0.84
N CYS B 518 -2.43 -16.78 -0.19
CA CYS B 518 -1.31 -17.53 -0.77
C CYS B 518 -0.77 -18.52 0.24
N PRO B 519 -1.31 -19.74 0.26
CA PRO B 519 -0.71 -20.80 1.08
C PRO B 519 0.59 -21.28 0.46
N VAL B 520 1.65 -21.32 1.26
CA VAL B 520 2.99 -21.60 0.78
C VAL B 520 3.50 -22.87 1.45
N ASP B 521 3.91 -23.84 0.64
CA ASP B 521 4.56 -25.06 1.11
C ASP B 521 6.03 -24.95 0.69
N ILE B 522 6.89 -24.58 1.64
CA ILE B 522 8.24 -24.18 1.29
C ILE B 522 9.06 -25.36 0.80
N ASP B 523 9.04 -26.49 1.51
CA ASP B 523 9.90 -27.61 1.20
C ASP B 523 9.23 -28.68 0.34
N MET B 524 8.02 -28.40 -0.14
CA MET B 524 7.33 -29.26 -1.12
C MET B 524 7.14 -30.69 -0.60
N ASP B 525 6.75 -30.82 0.67
CA ASP B 525 6.46 -32.11 1.26
C ASP B 525 4.99 -32.48 1.20
N GLY B 526 4.13 -31.61 0.67
CA GLY B 526 2.71 -31.85 0.61
C GLY B 526 1.89 -31.22 1.72
N SER B 527 2.53 -30.52 2.66
CA SER B 527 1.85 -29.85 3.75
C SER B 527 2.26 -28.39 3.75
N THR B 528 1.29 -27.49 3.69
CA THR B 528 1.59 -26.07 3.66
C THR B 528 2.20 -25.64 4.99
N ASP B 529 3.23 -24.79 4.91
CA ASP B 529 3.91 -24.28 6.09
C ASP B 529 3.53 -22.85 6.42
N PHE B 530 3.18 -22.04 5.43
CA PHE B 530 2.87 -20.64 5.64
C PHE B 530 1.62 -20.26 4.86
N LEU B 531 0.92 -19.25 5.36
CA LEU B 531 -0.21 -18.65 4.68
C LEU B 531 0.06 -17.16 4.54
N LEU B 532 0.04 -16.67 3.31
CA LEU B 532 0.26 -15.25 3.03
C LEU B 532 -1.09 -14.59 2.80
N VAL B 533 -1.40 -13.60 3.63
CA VAL B 533 -2.65 -12.85 3.54
C VAL B 533 -2.30 -11.41 3.21
N ALA B 534 -2.95 -10.85 2.19
CA ALA B 534 -2.67 -9.51 1.72
C ALA B 534 -3.76 -8.55 2.13
N ALA B 535 -3.37 -7.31 2.42
CA ALA B 535 -4.26 -6.18 2.64
C ALA B 535 -3.80 -5.10 1.68
N PRO B 536 -4.13 -5.23 0.38
CA PRO B 536 -3.45 -4.42 -0.64
C PRO B 536 -3.70 -2.92 -0.53
N PHE B 537 -4.78 -2.50 0.11
CA PHE B 537 -5.10 -1.08 0.25
C PHE B 537 -4.76 -0.55 1.63
N TYR B 538 -3.81 -1.17 2.32
CA TYR B 538 -3.37 -0.68 3.61
C TYR B 538 -2.79 0.73 3.48
N HIS B 539 -3.18 1.61 4.40
CA HIS B 539 -2.93 3.03 4.28
C HIS B 539 -1.93 3.49 5.33
N VAL B 540 -0.86 4.15 4.89
CA VAL B 540 0.07 4.84 5.76
C VAL B 540 0.08 6.31 5.34
N HIS B 541 0.36 6.55 4.06
CA HIS B 541 0.21 7.85 3.43
C HIS B 541 -0.71 7.81 2.22
N GLY B 542 -0.72 6.70 1.50
CA GLY B 542 -1.67 6.49 0.41
C GLY B 542 -2.27 5.10 0.50
N GLU B 543 -2.16 4.34 -0.58
CA GLU B 543 -2.56 2.92 -0.60
C GLU B 543 -1.28 2.12 -0.81
N GLU B 544 -0.60 1.81 0.29
CA GLU B 544 0.70 1.16 0.21
C GLU B 544 0.58 -0.33 -0.01
N GLY B 545 -0.19 -1.01 0.82
CA GLY B 545 -0.30 -2.45 0.73
C GLY B 545 0.50 -3.16 1.82
N ARG B 546 0.02 -4.31 2.24
CA ARG B 546 0.65 -5.05 3.31
C ARG B 546 0.34 -6.53 3.16
N VAL B 547 1.36 -7.36 3.35
CA VAL B 547 1.20 -8.81 3.31
C VAL B 547 1.54 -9.36 4.69
N TYR B 548 0.65 -10.20 5.21
CA TYR B 548 0.83 -10.83 6.51
C TYR B 548 1.25 -12.28 6.29
N VAL B 549 2.38 -12.65 6.86
CA VAL B 549 2.87 -14.02 6.80
C VAL B 549 2.48 -14.73 8.08
N TYR B 550 1.78 -15.86 7.94
CA TYR B 550 1.30 -16.63 9.08
C TYR B 550 1.93 -18.02 9.05
N ARG B 551 2.48 -18.44 10.17
CA ARG B 551 3.10 -19.75 10.29
C ARG B 551 2.07 -20.77 10.77
N LEU B 552 1.79 -21.76 9.94
CA LEU B 552 0.83 -22.80 10.31
C LEU B 552 1.48 -23.77 11.27
N SER B 553 0.85 -24.00 12.41
CA SER B 553 1.36 -24.96 13.38
C SER B 553 1.21 -26.38 12.84
N GLU B 554 2.27 -27.17 13.00
CA GLU B 554 2.27 -28.54 12.50
C GLU B 554 1.47 -29.49 13.36
N GLN B 555 1.17 -29.11 14.60
CA GLN B 555 0.47 -30.00 15.53
C GLN B 555 -1.05 -29.88 15.40
N ASP B 556 -1.58 -28.67 15.29
CA ASP B 556 -3.02 -28.46 15.23
C ASP B 556 -3.48 -27.60 14.06
N GLY B 557 -2.60 -26.85 13.41
CA GLY B 557 -2.99 -26.00 12.31
C GLY B 557 -3.27 -24.56 12.66
N SER B 558 -2.93 -24.11 13.86
CA SER B 558 -3.16 -22.73 14.25
C SER B 558 -2.23 -21.79 13.49
N PHE B 559 -2.50 -20.50 13.61
CA PHE B 559 -1.79 -19.46 12.87
C PHE B 559 -1.05 -18.54 13.82
N SER B 560 0.20 -18.25 13.48
CA SER B 560 1.02 -17.29 14.24
C SER B 560 1.60 -16.28 13.27
N LEU B 561 1.44 -15.00 13.57
CA LEU B 561 1.92 -13.95 12.68
C LEU B 561 3.43 -13.95 12.69
N ALA B 562 4.02 -14.53 11.65
CA ALA B 562 5.48 -14.60 11.58
C ALA B 562 6.10 -13.26 11.20
N ARG B 563 5.50 -12.56 10.23
CA ARG B 563 6.12 -11.38 9.67
C ARG B 563 5.05 -10.52 9.02
N ILE B 564 5.39 -9.24 8.82
CA ILE B 564 4.59 -8.31 8.04
C ILE B 564 5.49 -7.76 6.94
N LEU B 565 5.08 -7.97 5.69
CA LEU B 565 5.87 -7.55 4.53
C LEU B 565 5.33 -6.24 3.97
N SER B 566 6.25 -5.42 3.45
CA SER B 566 5.90 -4.15 2.84
C SER B 566 6.77 -3.96 1.60
N GLY B 567 6.41 -2.96 0.80
CA GLY B 567 7.13 -2.65 -0.41
C GLY B 567 8.30 -1.72 -0.17
N HIS B 568 8.91 -1.29 -1.27
CA HIS B 568 10.03 -0.37 -1.20
C HIS B 568 9.58 0.97 -0.63
N PRO B 569 10.30 1.54 0.33
CA PRO B 569 9.90 2.84 0.88
C PRO B 569 10.00 3.95 -0.15
N GLY B 570 9.18 4.98 0.02
CA GLY B 570 9.15 6.09 -0.91
C GLY B 570 8.03 6.05 -1.92
N PHE B 571 7.20 5.02 -1.89
CA PHE B 571 6.04 4.91 -2.77
C PHE B 571 4.79 4.93 -1.90
N THR B 572 4.06 6.04 -1.93
CA THR B 572 2.82 6.15 -1.16
C THR B 572 1.69 5.34 -1.78
N ASN B 573 1.74 5.08 -3.09
CA ASN B 573 0.76 4.25 -3.77
C ASN B 573 1.51 3.09 -4.41
N ALA B 574 1.31 1.90 -3.87
CA ALA B 574 1.95 0.69 -4.39
C ALA B 574 0.98 -0.45 -4.59
N ARG B 575 -0.02 -0.58 -3.71
CA ARG B 575 -0.92 -1.74 -3.69
C ARG B 575 -0.12 -3.04 -3.54
N PHE B 576 0.78 -3.03 -2.57
CA PHE B 576 1.63 -4.19 -2.31
C PHE B 576 0.80 -5.36 -1.83
N GLY B 577 0.92 -6.49 -2.52
CA GLY B 577 0.16 -7.68 -2.18
C GLY B 577 -1.11 -7.88 -2.98
N PHE B 578 -1.42 -6.99 -3.94
CA PHE B 578 -2.62 -7.17 -4.74
C PHE B 578 -2.61 -8.50 -5.46
N ALA B 579 -1.42 -8.96 -5.87
CA ALA B 579 -1.23 -10.29 -6.44
C ALA B 579 -0.06 -10.95 -5.75
N MET B 580 -0.26 -12.20 -5.31
CA MET B 580 0.81 -13.03 -4.79
C MET B 580 0.63 -14.44 -5.31
N ALA B 581 1.74 -15.16 -5.47
CA ALA B 581 1.71 -16.51 -5.97
C ALA B 581 2.95 -17.26 -5.48
N ALA B 582 2.79 -18.58 -5.33
CA ALA B 582 3.91 -19.47 -5.05
C ALA B 582 4.50 -19.87 -6.40
N MET B 583 5.72 -19.41 -6.68
CA MET B 583 6.33 -19.51 -8.00
C MET B 583 7.04 -20.84 -8.21
N GLY B 584 6.71 -21.86 -7.40
CA GLY B 584 7.48 -23.09 -7.45
C GLY B 584 8.89 -22.84 -6.95
N ASP B 585 9.86 -23.41 -7.64
CA ASP B 585 11.27 -23.24 -7.29
C ASP B 585 11.96 -22.48 -8.42
N LEU B 586 12.25 -21.21 -8.18
CA LEU B 586 12.99 -20.41 -9.15
C LEU B 586 14.48 -20.45 -8.89
N SER B 587 14.89 -20.47 -7.62
CA SER B 587 16.29 -20.33 -7.24
C SER B 587 17.05 -21.65 -7.27
N GLN B 588 16.40 -22.75 -7.67
CA GLN B 588 17.05 -24.05 -7.82
C GLN B 588 17.67 -24.53 -6.51
N ASP B 589 16.95 -24.32 -5.40
CA ASP B 589 17.36 -24.84 -4.10
C ASP B 589 16.33 -25.81 -3.52
N LYS B 590 15.37 -26.26 -4.33
CA LYS B 590 14.29 -27.16 -3.94
C LYS B 590 13.40 -26.57 -2.84
N LEU B 591 13.38 -25.25 -2.70
CA LEU B 591 12.54 -24.57 -1.75
C LEU B 591 11.64 -23.58 -2.48
N THR B 592 10.36 -23.59 -2.15
CA THR B 592 9.40 -22.72 -2.83
C THR B 592 9.70 -21.27 -2.52
N ASP B 593 9.58 -20.42 -3.54
CA ASP B 593 9.76 -18.98 -3.41
C ASP B 593 8.52 -18.26 -3.91
N VAL B 594 8.34 -17.03 -3.44
CA VAL B 594 7.08 -16.30 -3.56
C VAL B 594 7.33 -15.01 -4.32
N ALA B 595 6.39 -14.66 -5.20
CA ALA B 595 6.39 -13.37 -5.87
C ALA B 595 5.18 -12.55 -5.41
N ILE B 596 5.43 -11.28 -5.08
CA ILE B 596 4.39 -10.35 -4.65
C ILE B 596 4.45 -9.14 -5.57
N GLY B 597 3.32 -8.83 -6.20
CA GLY B 597 3.26 -7.70 -7.12
C GLY B 597 2.71 -6.45 -6.47
N ALA B 598 3.27 -5.31 -6.85
CA ALA B 598 2.81 -3.98 -6.44
C ALA B 598 2.49 -3.21 -7.70
N PRO B 599 1.27 -3.33 -8.22
CA PRO B 599 0.97 -2.80 -9.56
C PRO B 599 1.00 -1.28 -9.66
N LEU B 600 0.95 -0.56 -8.55
CA LEU B 600 0.80 0.89 -8.58
C LEU B 600 2.09 1.63 -8.29
N GLU B 601 3.23 0.94 -8.23
CA GLU B 601 4.50 1.59 -7.96
C GLU B 601 4.95 2.40 -9.16
N GLY B 602 5.15 3.70 -8.96
CA GLY B 602 5.52 4.60 -10.03
C GLY B 602 4.37 5.16 -10.83
N PHE B 603 3.13 4.98 -10.38
CA PHE B 603 1.98 5.51 -11.10
C PHE B 603 1.98 7.03 -11.06
N GLY B 604 1.52 7.64 -12.16
CA GLY B 604 1.59 9.07 -12.31
C GLY B 604 2.91 9.58 -12.84
N ALA B 605 3.72 8.71 -13.41
CA ALA B 605 5.02 9.11 -13.94
C ALA B 605 4.86 9.94 -15.21
N ASP B 606 5.91 10.70 -15.52
CA ASP B 606 5.87 11.58 -16.69
C ASP B 606 6.07 10.77 -17.98
N ASP B 607 5.51 11.30 -19.06
CA ASP B 607 5.67 10.74 -20.41
C ASP B 607 5.09 9.34 -20.51
N GLY B 608 4.12 9.01 -19.65
CA GLY B 608 3.48 7.71 -19.69
C GLY B 608 4.44 6.56 -19.45
N ALA B 609 5.32 6.71 -18.47
CA ALA B 609 6.30 5.68 -18.18
C ALA B 609 5.64 4.45 -17.58
N SER B 610 6.27 3.30 -17.82
CA SER B 610 5.78 2.04 -17.26
C SER B 610 5.86 2.08 -15.74
N PHE B 611 4.85 1.52 -15.08
CA PHE B 611 4.77 1.49 -13.63
C PHE B 611 4.28 0.14 -13.16
N GLY B 612 4.62 -0.18 -11.91
CA GLY B 612 4.34 -1.47 -11.31
C GLY B 612 5.63 -2.21 -11.02
N SER B 613 5.58 -3.06 -9.99
CA SER B 613 6.76 -3.80 -9.54
C SER B 613 6.34 -5.20 -9.10
N VAL B 614 7.31 -6.10 -9.13
CA VAL B 614 7.15 -7.46 -8.63
C VAL B 614 8.32 -7.77 -7.70
N TYR B 615 7.99 -8.32 -6.53
CA TYR B 615 8.97 -8.63 -5.50
C TYR B 615 9.11 -10.15 -5.39
N ILE B 616 10.35 -10.64 -5.48
CA ILE B 616 10.64 -12.06 -5.36
C ILE B 616 11.19 -12.34 -3.98
N TYR B 617 10.56 -13.27 -3.27
CA TYR B 617 10.98 -13.68 -1.93
C TYR B 617 11.36 -15.15 -2.00
N ASN B 618 12.62 -15.45 -1.72
CA ASN B 618 13.09 -16.83 -1.72
C ASN B 618 12.75 -17.49 -0.39
N GLY B 619 12.22 -18.70 -0.46
CA GLY B 619 11.85 -19.42 0.75
C GLY B 619 13.04 -20.14 1.35
N HIS B 620 13.22 -19.96 2.64
CA HIS B 620 14.30 -20.60 3.38
C HIS B 620 13.73 -21.67 4.29
N TRP B 621 14.63 -22.42 4.93
CA TRP B 621 14.20 -23.49 5.84
C TRP B 621 13.42 -22.93 7.04
N ASP B 622 13.67 -21.68 7.40
CA ASP B 622 12.95 -21.02 8.49
C ASP B 622 11.75 -20.21 8.01
N GLY B 623 11.49 -20.18 6.71
CA GLY B 623 10.38 -19.42 6.18
C GLY B 623 10.73 -18.65 4.93
N LEU B 624 10.22 -17.42 4.81
CA LEU B 624 10.52 -16.56 3.68
C LEU B 624 11.74 -15.71 3.98
N SER B 625 12.20 -14.97 2.97
CA SER B 625 13.30 -14.04 3.17
C SER B 625 12.83 -12.83 3.96
N ALA B 626 13.79 -12.18 4.64
CA ALA B 626 13.47 -10.94 5.33
C ALA B 626 13.20 -9.81 4.33
N SER B 627 13.96 -9.77 3.25
CA SER B 627 13.87 -8.76 2.22
C SER B 627 13.75 -9.46 0.86
N PRO B 628 13.15 -8.81 -0.13
CA PRO B 628 13.05 -9.43 -1.45
C PRO B 628 14.40 -9.56 -2.12
N SER B 629 14.62 -10.71 -2.78
CA SER B 629 15.85 -10.91 -3.53
C SER B 629 15.88 -10.03 -4.78
N GLN B 630 14.72 -9.84 -5.40
CA GLN B 630 14.61 -9.09 -6.64
C GLN B 630 13.41 -8.18 -6.57
N ARG B 631 13.51 -7.05 -7.27
CA ARG B 631 12.41 -6.11 -7.44
C ARG B 631 12.40 -5.69 -8.90
N ILE B 632 11.46 -6.26 -9.66
CA ILE B 632 11.40 -6.04 -11.11
C ILE B 632 10.48 -4.86 -11.37
N ARG B 633 11.07 -3.71 -11.67
CA ARG B 633 10.30 -2.52 -12.02
C ARG B 633 9.89 -2.58 -13.48
N ALA B 634 8.70 -2.05 -13.77
CA ALA B 634 8.20 -2.06 -15.15
C ALA B 634 9.04 -1.17 -16.06
N SER B 635 9.70 -0.16 -15.49
CA SER B 635 10.50 0.75 -16.31
C SER B 635 11.65 0.03 -16.99
N THR B 636 12.23 -0.96 -16.32
CA THR B 636 13.36 -1.70 -16.84
C THR B 636 12.96 -2.93 -17.64
N VAL B 637 11.67 -3.16 -17.85
CA VAL B 637 11.21 -4.32 -18.61
C VAL B 637 10.89 -3.90 -20.03
N ALA B 638 9.93 -2.99 -20.18
CA ALA B 638 9.51 -2.50 -21.49
C ALA B 638 8.75 -1.20 -21.30
N PRO B 639 8.77 -0.32 -22.29
CA PRO B 639 7.95 0.90 -22.20
C PRO B 639 6.46 0.59 -22.32
N GLY B 640 5.66 1.47 -21.71
CA GLY B 640 4.22 1.36 -21.80
C GLY B 640 3.60 0.16 -21.12
N LEU B 641 4.06 -0.18 -19.93
CA LEU B 641 3.48 -1.27 -19.14
C LEU B 641 2.70 -0.66 -17.99
N GLN B 642 1.37 -0.78 -18.03
CA GLN B 642 0.50 -0.27 -16.99
C GLN B 642 0.15 -1.38 -16.02
N TYR B 643 0.29 -1.10 -14.73
CA TYR B 643 -0.08 -2.05 -13.67
C TYR B 643 0.69 -3.36 -13.80
N PHE B 644 1.99 -3.26 -14.06
CA PHE B 644 2.85 -4.42 -14.06
C PHE B 644 2.88 -5.04 -12.67
N GLY B 645 2.50 -6.31 -12.57
CA GLY B 645 2.30 -6.95 -11.29
C GLY B 645 0.86 -7.22 -10.92
N MET B 646 -0.07 -7.06 -11.86
CA MET B 646 -1.46 -7.38 -11.60
C MET B 646 -1.67 -8.87 -11.39
N SER B 647 -0.86 -9.70 -12.06
CA SER B 647 -0.96 -11.14 -11.95
C SER B 647 0.42 -11.74 -12.13
N MET B 648 0.59 -12.96 -11.63
CA MET B 648 1.86 -13.66 -11.74
C MET B 648 1.62 -15.15 -11.59
N ALA B 649 2.49 -15.94 -12.23
CA ALA B 649 2.44 -17.39 -12.10
C ALA B 649 3.77 -17.95 -12.58
N GLY B 650 4.21 -19.03 -11.96
CA GLY B 650 5.47 -19.64 -12.31
C GLY B 650 5.56 -21.11 -11.95
N GLY B 651 6.77 -21.67 -12.02
CA GLY B 651 7.00 -23.04 -11.63
C GLY B 651 7.12 -24.03 -12.77
N PHE B 652 6.99 -23.58 -14.02
CA PHE B 652 7.08 -24.46 -15.17
C PHE B 652 8.00 -23.85 -16.21
N ASP B 653 8.71 -24.72 -16.94
CA ASP B 653 9.65 -24.29 -17.96
C ASP B 653 8.89 -24.01 -19.25
N ILE B 654 8.88 -22.74 -19.67
CA ILE B 654 8.24 -22.35 -20.92
C ILE B 654 9.24 -21.91 -21.98
N SER B 655 10.49 -21.65 -21.61
CA SER B 655 11.50 -21.23 -22.57
C SER B 655 12.32 -22.40 -23.10
N GLY B 656 12.11 -23.61 -22.59
CA GLY B 656 12.81 -24.78 -23.07
C GLY B 656 14.17 -25.03 -22.47
N ASP B 657 14.65 -24.16 -21.57
CA ASP B 657 15.98 -24.31 -20.99
C ASP B 657 16.03 -25.36 -19.89
N GLY B 658 14.89 -25.81 -19.39
CA GLY B 658 14.84 -26.78 -18.34
C GLY B 658 14.59 -26.20 -16.96
N LEU B 659 14.82 -24.90 -16.78
CA LEU B 659 14.61 -24.23 -15.50
C LEU B 659 13.26 -23.54 -15.52
N ALA B 660 12.47 -23.74 -14.47
CA ALA B 660 11.15 -23.14 -14.37
C ALA B 660 11.26 -21.61 -14.35
N ASP B 661 10.35 -20.95 -15.05
CA ASP B 661 10.36 -19.51 -15.16
C ASP B 661 8.95 -18.98 -14.93
N ILE B 662 8.79 -17.66 -14.99
CA ILE B 662 7.60 -16.99 -14.50
C ILE B 662 6.94 -16.20 -15.63
N THR B 663 5.72 -15.76 -15.35
CA THR B 663 5.00 -14.80 -16.18
C THR B 663 4.39 -13.76 -15.28
N VAL B 664 4.40 -12.51 -15.71
CA VAL B 664 3.79 -11.40 -14.98
C VAL B 664 2.78 -10.74 -15.89
N GLY B 665 1.55 -10.62 -15.39
CA GLY B 665 0.48 -10.01 -16.17
C GLY B 665 0.26 -8.56 -15.80
N THR B 666 0.29 -7.70 -16.81
CA THR B 666 -0.12 -6.31 -16.67
C THR B 666 -1.56 -6.17 -17.13
N LEU B 667 -2.11 -4.97 -16.95
CA LEU B 667 -3.47 -4.70 -17.43
C LEU B 667 -3.39 -4.44 -18.92
N GLY B 668 -3.49 -5.50 -19.72
CA GLY B 668 -3.45 -5.38 -21.16
C GLY B 668 -2.42 -6.27 -21.83
N GLN B 669 -1.41 -6.70 -21.08
CA GLN B 669 -0.32 -7.48 -21.66
C GLN B 669 0.15 -8.51 -20.65
N ALA B 670 0.84 -9.53 -21.17
CA ALA B 670 1.47 -10.55 -20.35
C ALA B 670 2.96 -10.57 -20.66
N VAL B 671 3.79 -10.53 -19.62
CA VAL B 671 5.24 -10.53 -19.75
C VAL B 671 5.76 -11.88 -19.28
N VAL B 672 6.70 -12.44 -20.03
CA VAL B 672 7.31 -13.72 -19.70
C VAL B 672 8.80 -13.51 -19.50
N PHE B 673 9.32 -13.99 -18.37
CA PHE B 673 10.73 -13.90 -18.03
C PHE B 673 11.28 -15.30 -17.89
N ARG B 674 12.46 -15.54 -18.45
CA ARG B 674 13.15 -16.79 -18.23
C ARG B 674 14.01 -16.71 -16.97
N SER B 675 14.22 -17.85 -16.33
CA SER B 675 15.03 -17.91 -15.13
C SER B 675 16.46 -18.31 -15.48
N ARG B 676 17.41 -17.62 -14.85
CA ARG B 676 18.82 -17.85 -15.08
C ARG B 676 19.33 -19.01 -14.24
N PRO B 677 20.34 -19.75 -14.72
CA PRO B 677 20.96 -20.78 -13.89
C PRO B 677 21.73 -20.15 -12.74
N VAL B 678 21.73 -20.84 -11.61
CA VAL B 678 22.43 -20.39 -10.40
C VAL B 678 23.65 -21.25 -10.20
N VAL B 679 24.81 -20.61 -10.04
CA VAL B 679 26.07 -21.28 -9.83
C VAL B 679 26.63 -20.84 -8.48
N ARG B 680 27.33 -21.76 -7.83
CA ARG B 680 28.12 -21.45 -6.64
C ARG B 680 29.53 -21.97 -6.84
N LEU B 681 30.53 -21.13 -6.59
CA LEU B 681 31.91 -21.48 -6.84
C LEU B 681 32.61 -21.86 -5.53
N LYS B 682 33.62 -22.72 -5.65
CA LYS B 682 34.45 -23.13 -4.53
C LYS B 682 35.91 -22.81 -4.88
N VAL B 683 36.54 -22.00 -4.06
CA VAL B 683 37.90 -21.53 -4.32
C VAL B 683 38.86 -22.30 -3.43
N SER B 684 40.15 -22.28 -3.81
CA SER B 684 41.18 -22.98 -3.05
C SER B 684 42.55 -22.43 -3.41
N MET B 685 43.33 -22.06 -2.40
CA MET B 685 44.72 -21.70 -2.60
C MET B 685 45.62 -22.93 -2.42
N ALA B 686 46.79 -22.87 -3.03
CA ALA B 686 47.77 -23.95 -2.97
C ALA B 686 49.17 -23.36 -2.77
N PHE B 687 49.32 -22.48 -1.77
CA PHE B 687 50.59 -21.87 -1.45
C PHE B 687 51.72 -22.89 -1.48
N THR B 688 52.75 -22.62 -2.29
CA THR B 688 53.85 -23.55 -2.46
C THR B 688 54.73 -23.62 -1.22
N PRO B 689 55.24 -22.49 -0.69
CA PRO B 689 56.03 -22.59 0.55
C PRO B 689 55.24 -23.14 1.73
N SER B 690 53.95 -22.79 1.81
CA SER B 690 53.02 -23.29 2.83
C SER B 690 53.38 -22.78 4.22
N ALA B 691 54.51 -22.09 4.34
CA ALA B 691 54.94 -21.50 5.61
C ALA B 691 56.00 -20.46 5.28
N LEU B 692 55.73 -19.20 5.59
CA LEU B 692 56.69 -18.14 5.28
C LEU B 692 57.85 -18.21 6.26
N PRO B 693 59.07 -18.42 5.79
CA PRO B 693 60.22 -18.48 6.70
C PRO B 693 60.66 -17.10 7.15
N ILE B 694 61.58 -17.10 8.12
CA ILE B 694 62.11 -15.86 8.69
C ILE B 694 62.87 -15.10 7.62
N GLY B 695 62.36 -13.93 7.24
CA GLY B 695 62.97 -13.14 6.19
C GLY B 695 63.01 -13.89 4.87
N PHE B 696 61.84 -14.32 4.39
CA PHE B 696 61.79 -15.16 3.19
C PHE B 696 62.36 -14.44 1.98
N ASN B 697 61.87 -13.23 1.69
CA ASN B 697 62.31 -12.44 0.54
C ASN B 697 62.32 -13.28 -0.74
N GLY B 698 61.35 -14.18 -0.86
CA GLY B 698 61.28 -15.08 -1.99
C GLY B 698 59.90 -15.08 -2.60
N VAL B 699 59.82 -15.66 -3.79
CA VAL B 699 58.56 -15.69 -4.54
C VAL B 699 57.60 -16.69 -3.91
N VAL B 700 56.40 -16.21 -3.55
CA VAL B 700 55.37 -17.09 -3.04
C VAL B 700 54.42 -17.46 -4.17
N ASN B 701 54.26 -18.77 -4.40
CA ASN B 701 53.46 -19.24 -5.52
C ASN B 701 52.03 -19.51 -5.08
N VAL B 702 51.08 -19.03 -5.87
CA VAL B 702 49.65 -19.15 -5.59
C VAL B 702 49.00 -19.89 -6.75
N ARG B 703 48.11 -20.82 -6.42
CA ARG B 703 47.47 -21.69 -7.42
C ARG B 703 45.95 -21.67 -7.22
N LEU B 704 45.36 -20.47 -7.19
CA LEU B 704 43.92 -20.29 -7.22
C LEU B 704 43.28 -21.23 -8.23
N CYS B 705 42.18 -21.88 -7.81
CA CYS B 705 41.49 -22.87 -8.64
C CYS B 705 40.00 -22.79 -8.33
N PHE B 706 39.27 -22.05 -9.17
CA PHE B 706 37.83 -21.96 -9.01
C PHE B 706 37.15 -23.20 -9.57
N GLU B 707 36.14 -23.69 -8.86
CA GLU B 707 35.41 -24.89 -9.26
C GLU B 707 33.92 -24.64 -9.12
N ILE B 708 33.15 -25.16 -10.08
CA ILE B 708 31.70 -25.03 -10.06
C ILE B 708 31.13 -26.05 -9.08
N SER B 709 30.75 -25.58 -7.89
CA SER B 709 30.16 -26.45 -6.88
C SER B 709 28.67 -26.65 -7.06
N SER B 710 28.02 -25.87 -7.93
CA SER B 710 26.59 -25.99 -8.13
C SER B 710 26.24 -27.29 -8.84
N VAL B 711 25.08 -27.83 -8.52
CA VAL B 711 24.59 -29.06 -9.12
C VAL B 711 23.46 -28.78 -10.11
N THR B 712 23.39 -27.56 -10.64
CA THR B 712 22.38 -27.20 -11.62
C THR B 712 22.76 -27.74 -13.00
N THR B 713 23.01 -29.05 -13.08
CA THR B 713 23.53 -29.68 -14.30
C THR B 713 24.71 -28.91 -14.83
N ALA B 714 24.78 -28.75 -16.15
CA ALA B 714 25.77 -27.88 -16.78
C ALA B 714 25.08 -26.60 -17.20
N SER B 715 25.62 -25.47 -16.75
CA SER B 715 25.04 -24.17 -17.11
C SER B 715 25.08 -23.99 -18.61
N GLU B 716 23.91 -24.00 -19.24
CA GLU B 716 23.79 -23.99 -20.69
C GLU B 716 24.10 -22.59 -21.21
N SER B 717 25.23 -22.47 -21.91
CA SER B 717 25.74 -21.17 -22.36
C SER B 717 25.76 -20.17 -21.21
N GLY B 718 26.35 -20.60 -20.10
CA GLY B 718 26.43 -19.82 -18.88
C GLY B 718 27.74 -19.09 -18.81
N LEU B 719 28.69 -19.55 -17.99
CA LEU B 719 30.02 -18.99 -18.04
C LEU B 719 30.69 -19.19 -19.38
N ARG B 720 30.00 -19.82 -20.34
CA ARG B 720 30.41 -19.77 -21.73
C ARG B 720 30.52 -18.33 -22.22
N GLU B 721 29.67 -17.44 -21.70
CA GLU B 721 29.69 -16.04 -22.08
C GLU B 721 30.00 -15.10 -20.92
N ALA B 722 29.62 -15.45 -19.70
CA ALA B 722 29.94 -14.62 -18.54
C ALA B 722 31.41 -14.76 -18.18
N LEU B 723 31.93 -13.75 -17.49
CA LEU B 723 33.33 -13.68 -17.12
C LEU B 723 33.49 -13.58 -15.62
N LEU B 724 34.46 -14.31 -15.09
CA LEU B 724 34.84 -14.20 -13.69
C LEU B 724 35.73 -12.99 -13.47
N ASN B 725 35.68 -12.44 -12.26
CA ASN B 725 36.42 -11.22 -11.92
C ASN B 725 37.01 -11.39 -10.54
N PHE B 726 38.31 -11.70 -10.46
CA PHE B 726 38.98 -11.88 -9.18
C PHE B 726 39.37 -10.54 -8.59
N THR B 727 39.61 -10.54 -7.28
CA THR B 727 40.16 -9.38 -6.58
C THR B 727 40.93 -9.92 -5.38
N LEU B 728 42.24 -10.04 -5.52
CA LEU B 728 43.06 -10.57 -4.43
C LEU B 728 43.41 -9.46 -3.45
N ASP B 729 42.98 -9.63 -2.21
CA ASP B 729 43.25 -8.68 -1.13
C ASP B 729 44.23 -9.36 -0.17
N VAL B 730 45.52 -9.20 -0.44
CA VAL B 730 46.55 -9.80 0.39
C VAL B 730 46.72 -8.98 1.66
N ASP B 731 46.80 -9.68 2.79
CA ASP B 731 46.97 -9.06 4.11
C ASP B 731 45.82 -8.09 4.42
N VAL B 732 44.62 -8.65 4.47
CA VAL B 732 43.42 -7.87 4.75
C VAL B 732 43.31 -7.66 6.25
N GLY B 733 43.17 -6.40 6.67
CA GLY B 733 42.99 -6.08 8.07
C GLY B 733 44.14 -5.30 8.68
N LYS B 734 45.36 -5.57 8.21
CA LYS B 734 46.54 -4.91 8.76
C LYS B 734 46.73 -3.53 8.12
N GLN B 735 47.04 -2.55 8.95
CA GLN B 735 47.27 -1.20 8.44
C GLN B 735 48.50 -1.13 7.55
N ARG B 736 49.57 -1.85 7.90
CA ARG B 736 50.79 -1.90 7.10
C ARG B 736 50.95 -3.33 6.60
N ARG B 737 50.53 -3.57 5.37
CA ARG B 737 50.59 -4.91 4.79
C ARG B 737 52.04 -5.34 4.59
N ARG B 738 52.34 -6.58 4.97
CA ARG B 738 53.67 -7.15 4.80
C ARG B 738 53.74 -8.10 3.60
N LEU B 739 52.71 -8.12 2.76
CA LEU B 739 52.71 -8.96 1.57
C LEU B 739 51.88 -8.28 0.49
N GLN B 740 52.31 -8.43 -0.76
CA GLN B 740 51.60 -7.85 -1.88
C GLN B 740 51.93 -8.64 -3.14
N CYS B 741 51.06 -8.52 -4.14
CA CYS B 741 51.22 -9.28 -5.37
C CYS B 741 52.43 -8.81 -6.16
N SER B 742 53.09 -9.74 -6.83
CA SER B 742 54.22 -9.37 -7.69
C SER B 742 53.78 -8.44 -8.81
N ASP B 743 52.62 -8.73 -9.41
CA ASP B 743 52.02 -7.88 -10.43
C ASP B 743 50.76 -7.25 -9.86
N VAL B 744 50.71 -5.92 -9.86
CA VAL B 744 49.60 -5.21 -9.25
C VAL B 744 48.34 -5.20 -10.12
N ARG B 745 48.44 -5.63 -11.37
CA ARG B 745 47.29 -5.67 -12.26
C ARG B 745 46.48 -6.96 -12.16
N SER B 746 47.00 -7.97 -11.47
CA SER B 746 46.33 -9.25 -11.32
C SER B 746 45.65 -9.39 -9.97
N CYS B 747 45.59 -8.32 -9.17
CA CYS B 747 44.96 -8.38 -7.85
C CYS B 747 44.08 -7.16 -7.61
N LEU B 748 43.67 -6.47 -8.66
CA LEU B 748 42.68 -5.40 -8.58
C LEU B 748 41.39 -5.76 -9.31
N GLY B 749 41.49 -6.30 -10.51
CA GLY B 749 40.36 -6.84 -11.24
C GLY B 749 40.85 -7.63 -12.43
N CYS B 750 40.40 -8.87 -12.56
CA CYS B 750 40.93 -9.79 -13.55
C CYS B 750 39.76 -10.52 -14.21
N LEU B 751 39.36 -10.04 -15.39
CA LEU B 751 38.21 -10.59 -16.11
C LEU B 751 38.69 -11.73 -17.00
N ARG B 752 38.62 -12.95 -16.46
CA ARG B 752 38.98 -14.14 -17.23
C ARG B 752 37.74 -14.83 -17.78
N GLU B 753 37.93 -15.51 -18.89
CA GLU B 753 36.85 -16.21 -19.60
C GLU B 753 36.90 -17.69 -19.23
N TRP B 754 35.75 -18.23 -18.81
CA TRP B 754 35.64 -19.61 -18.39
C TRP B 754 35.24 -20.55 -19.54
N SER B 755 34.13 -20.25 -20.21
CA SER B 755 33.62 -21.07 -21.31
C SER B 755 33.45 -22.52 -20.89
N SER B 756 34.15 -23.43 -21.57
CA SER B 756 34.04 -24.84 -21.26
C SER B 756 34.81 -25.18 -19.98
N GLY B 757 34.48 -26.33 -19.42
CA GLY B 757 35.18 -26.80 -18.23
C GLY B 757 34.54 -26.31 -16.95
N SER B 758 34.65 -27.14 -15.91
CA SER B 758 34.13 -26.80 -14.59
C SER B 758 35.20 -26.31 -13.64
N GLN B 759 36.42 -26.09 -14.12
CA GLN B 759 37.53 -25.66 -13.28
C GLN B 759 38.31 -24.56 -13.96
N LEU B 760 38.65 -23.52 -13.20
CA LEU B 760 39.49 -22.43 -13.67
C LEU B 760 40.62 -22.25 -12.66
N CYS B 761 41.86 -22.52 -13.09
CA CYS B 761 43.02 -22.45 -12.22
C CYS B 761 43.95 -21.34 -12.69
N GLU B 762 44.67 -20.74 -11.73
CA GLU B 762 45.55 -19.63 -11.98
C GLU B 762 46.90 -19.84 -11.28
N ASP B 763 47.86 -18.99 -11.62
CA ASP B 763 49.21 -19.02 -11.03
C ASP B 763 49.61 -17.59 -10.75
N LEU B 764 49.49 -17.17 -9.49
CA LEU B 764 49.85 -15.82 -9.09
C LEU B 764 51.20 -15.82 -8.38
N LEU B 765 51.60 -14.65 -7.86
CA LEU B 765 52.89 -14.51 -7.19
C LEU B 765 52.77 -13.41 -6.14
N LEU B 766 53.30 -13.69 -4.95
CA LEU B 766 53.25 -12.75 -3.83
C LEU B 766 54.68 -12.34 -3.45
N MET B 767 54.86 -11.04 -3.23
CA MET B 767 56.17 -10.46 -2.96
C MET B 767 56.11 -9.65 -1.68
N PRO B 768 57.23 -9.49 -0.99
CA PRO B 768 57.27 -8.59 0.17
C PRO B 768 57.15 -7.13 -0.25
N THR B 769 56.80 -6.29 0.72
CA THR B 769 56.49 -4.88 0.48
C THR B 769 57.65 -4.01 0.94
N GLU B 770 58.32 -3.36 -0.02
CA GLU B 770 59.28 -2.29 0.26
C GLU B 770 60.35 -2.71 1.27
N GLY B 771 60.85 -3.94 1.15
CA GLY B 771 61.88 -4.47 2.01
C GLY B 771 61.34 -5.36 3.11
N GLU B 772 60.09 -5.15 3.53
CA GLU B 772 59.40 -6.00 4.48
C GLU B 772 60.15 -6.08 5.81
N LEU B 773 60.25 -4.94 6.48
CA LEU B 773 60.83 -4.91 7.81
C LEU B 773 59.94 -5.66 8.80
N CYS B 774 60.58 -6.42 9.68
CA CYS B 774 59.88 -7.25 10.65
C CYS B 774 59.50 -6.48 11.92
N GLU B 775 59.48 -5.15 11.86
CA GLU B 775 59.07 -4.36 13.03
C GLU B 775 57.60 -4.60 13.37
N GLU B 776 56.77 -4.89 12.36
CA GLU B 776 55.36 -5.17 12.59
C GLU B 776 55.21 -6.55 13.23
N ASP B 777 53.95 -6.95 13.44
CA ASP B 777 53.65 -8.25 14.04
C ASP B 777 53.88 -9.34 13.00
N CYS B 778 55.14 -9.75 12.88
CA CYS B 778 55.49 -10.83 11.95
C CYS B 778 54.87 -12.15 12.38
N PHE B 779 54.50 -12.28 13.66
CA PHE B 779 53.97 -13.52 14.20
C PHE B 779 52.43 -13.55 14.10
N SER B 780 51.95 -13.46 12.87
CA SER B 780 50.52 -13.53 12.61
C SER B 780 50.31 -13.99 11.17
N ASN B 781 49.32 -14.85 10.96
CA ASN B 781 49.05 -15.37 9.62
C ASN B 781 48.58 -14.26 8.70
N ALA B 782 49.11 -14.26 7.49
CA ALA B 782 48.69 -13.31 6.47
C ALA B 782 47.43 -13.82 5.77
N SER B 783 46.33 -13.09 5.90
CA SER B 783 45.06 -13.50 5.34
C SER B 783 44.88 -12.86 3.97
N VAL B 784 44.57 -13.68 2.98
CA VAL B 784 44.33 -13.22 1.61
C VAL B 784 42.89 -13.55 1.23
N LYS B 785 42.16 -12.56 0.74
CA LYS B 785 40.72 -12.68 0.46
C LYS B 785 40.50 -12.65 -1.04
N VAL B 786 40.08 -13.78 -1.61
CA VAL B 786 39.64 -13.81 -3.00
C VAL B 786 38.20 -13.33 -3.07
N SER B 787 37.94 -12.33 -3.91
CA SER B 787 36.61 -11.73 -4.06
C SER B 787 36.21 -11.86 -5.52
N TYR B 788 35.55 -12.97 -5.86
CA TYR B 788 35.14 -13.19 -7.24
C TYR B 788 33.83 -12.49 -7.54
N GLN B 789 33.53 -12.35 -8.83
CA GLN B 789 32.36 -11.64 -9.31
C GLN B 789 32.07 -12.14 -10.73
N LEU B 790 30.82 -11.97 -11.15
CA LEU B 790 30.37 -12.43 -12.45
C LEU B 790 29.95 -11.23 -13.29
N GLN B 791 30.49 -11.15 -14.51
CA GLN B 791 30.22 -10.04 -15.43
C GLN B 791 29.54 -10.59 -16.67
N THR B 792 28.23 -10.38 -16.77
CA THR B 792 27.47 -10.85 -17.93
C THR B 792 27.70 -9.91 -19.11
N PRO B 793 27.58 -10.44 -20.34
CA PRO B 793 27.73 -9.57 -21.52
C PRO B 793 26.56 -8.61 -21.69
N GLU B 794 26.61 -7.80 -22.74
CA GLU B 794 25.56 -6.84 -23.06
C GLU B 794 24.87 -7.25 -24.34
N GLY B 795 23.55 -7.37 -24.29
CA GLY B 795 22.76 -7.77 -25.43
C GLY B 795 21.78 -8.87 -25.06
N GLN B 796 21.04 -9.33 -26.08
CA GLN B 796 20.05 -10.39 -25.91
C GLN B 796 20.73 -11.72 -26.18
N THR B 797 21.16 -12.39 -25.11
CA THR B 797 21.77 -13.70 -25.24
C THR B 797 20.72 -14.75 -25.59
N ASP B 798 21.08 -15.70 -26.45
CA ASP B 798 20.15 -16.74 -26.85
C ASP B 798 19.76 -17.61 -25.67
N HIS B 799 20.72 -17.95 -24.81
CA HIS B 799 20.48 -18.75 -23.63
C HIS B 799 20.78 -17.95 -22.37
N PRO B 800 20.08 -18.22 -21.26
CA PRO B 800 20.27 -17.40 -20.05
C PRO B 800 21.69 -17.51 -19.51
N GLN B 801 22.15 -16.40 -18.96
CA GLN B 801 23.48 -16.30 -18.38
C GLN B 801 23.42 -16.56 -16.88
N PRO B 802 24.46 -17.18 -16.30
CA PRO B 802 24.37 -17.63 -14.93
C PRO B 802 24.54 -16.49 -13.94
N ILE B 803 24.01 -16.69 -12.74
CA ILE B 803 24.11 -15.72 -11.67
C ILE B 803 24.62 -16.44 -10.42
N LEU B 804 25.56 -15.81 -9.74
CA LEU B 804 26.07 -16.37 -8.49
C LEU B 804 24.96 -16.40 -7.44
N ASP B 805 24.98 -17.44 -6.62
CA ASP B 805 23.97 -17.57 -5.56
C ASP B 805 24.04 -16.38 -4.63
N ARG B 806 22.88 -15.78 -4.35
CA ARG B 806 22.82 -14.59 -3.51
C ARG B 806 23.08 -14.91 -2.04
N TYR B 807 22.78 -16.13 -1.60
CA TYR B 807 22.88 -16.50 -0.20
C TYR B 807 24.16 -17.28 0.09
N THR B 808 25.10 -17.28 -0.85
CA THR B 808 26.46 -17.76 -0.61
C THR B 808 27.39 -16.58 -0.72
N GLU B 809 28.19 -16.33 0.31
CA GLU B 809 29.08 -15.19 0.32
C GLU B 809 30.15 -15.35 -0.75
N PRO B 810 30.38 -14.35 -1.60
CA PRO B 810 31.35 -14.48 -2.71
C PRO B 810 32.78 -14.08 -2.33
N PHE B 811 33.29 -14.67 -1.27
CA PHE B 811 34.68 -14.48 -0.90
C PHE B 811 35.17 -15.69 -0.13
N ALA B 812 36.49 -15.93 -0.21
CA ALA B 812 37.09 -17.19 0.19
C ALA B 812 38.38 -16.95 0.99
N ILE B 813 38.28 -16.16 2.05
CA ILE B 813 39.44 -15.78 2.88
C ILE B 813 40.32 -17.00 3.19
N PHE B 814 41.60 -16.89 2.85
CA PHE B 814 42.59 -17.92 3.14
C PHE B 814 43.79 -17.28 3.83
N GLN B 815 44.51 -18.08 4.61
CA GLN B 815 45.63 -17.58 5.39
C GLN B 815 46.83 -18.50 5.22
N LEU B 816 48.01 -17.91 5.02
CA LEU B 816 49.26 -18.64 5.04
C LEU B 816 50.04 -18.26 6.29
N PRO B 817 50.54 -19.23 7.05
CA PRO B 817 51.12 -18.91 8.36
C PRO B 817 52.62 -18.65 8.30
N TYR B 818 53.04 -17.59 9.00
CA TYR B 818 54.45 -17.39 9.28
C TYR B 818 54.93 -18.45 10.26
N GLU B 819 56.06 -19.08 9.95
CA GLU B 819 56.58 -20.11 10.85
C GLU B 819 57.14 -19.42 12.10
N LYS B 820 56.36 -19.44 13.17
CA LYS B 820 56.73 -18.74 14.40
C LYS B 820 57.90 -19.47 15.05
N ALA B 821 58.99 -18.74 15.30
CA ALA B 821 60.20 -19.35 15.85
C ALA B 821 59.96 -19.89 17.24
N CYS B 822 59.87 -21.21 17.36
CA CYS B 822 59.55 -21.88 18.62
C CYS B 822 59.97 -23.35 18.47
N LYS B 823 59.60 -24.16 19.46
CA LYS B 823 59.83 -25.61 19.36
C LYS B 823 59.04 -26.19 18.20
N ASN B 824 57.77 -25.82 18.09
CA ASN B 824 56.93 -26.17 16.95
C ASN B 824 56.76 -24.90 16.11
N LYS B 825 57.34 -24.88 14.92
CA LYS B 825 57.41 -23.64 14.15
C LYS B 825 56.13 -23.39 13.37
N LEU B 826 54.99 -23.48 14.06
CA LEU B 826 53.72 -23.02 13.50
C LEU B 826 52.86 -22.28 14.51
N PHE B 827 53.27 -22.20 15.77
CA PHE B 827 52.54 -21.50 16.82
C PHE B 827 53.43 -21.39 18.03
N CYS B 828 53.39 -20.23 18.70
CA CYS B 828 54.14 -19.99 19.92
C CYS B 828 53.14 -19.77 21.05
N VAL B 829 53.03 -20.75 21.95
CA VAL B 829 52.11 -20.68 23.08
C VAL B 829 52.94 -20.55 24.36
N ALA B 830 52.65 -19.53 25.14
CA ALA B 830 53.37 -19.25 26.37
C ALA B 830 52.38 -19.02 27.50
N GLU B 831 52.85 -19.24 28.72
CA GLU B 831 52.04 -19.06 29.92
C GLU B 831 52.30 -17.68 30.51
N LEU B 832 51.23 -16.97 30.84
CA LEU B 832 51.31 -15.64 31.44
C LEU B 832 50.89 -15.77 32.91
N GLN B 833 51.86 -16.06 33.77
CA GLN B 833 51.60 -16.28 35.19
C GLN B 833 51.78 -14.96 35.94
N LEU B 834 50.81 -14.64 36.79
CA LEU B 834 50.84 -13.44 37.61
C LEU B 834 50.79 -13.82 39.08
N ALA B 835 51.48 -13.04 39.91
CA ALA B 835 51.60 -13.28 41.34
C ALA B 835 51.32 -11.99 42.11
N THR B 836 50.21 -11.34 41.78
CA THR B 836 49.87 -10.07 42.41
C THR B 836 49.71 -10.23 43.92
N THR B 837 50.17 -9.22 44.66
CA THR B 837 50.15 -9.22 46.11
C THR B 837 49.29 -8.06 46.59
N VAL B 838 48.40 -8.35 47.54
CA VAL B 838 47.53 -7.31 48.10
C VAL B 838 48.19 -6.72 49.33
N SER B 839 48.35 -5.40 49.34
CA SER B 839 48.94 -4.72 50.49
C SER B 839 48.01 -4.79 51.70
N GLN B 840 46.74 -4.41 51.52
CA GLN B 840 45.74 -4.51 52.57
C GLN B 840 44.44 -4.99 51.94
N GLN B 841 43.75 -5.89 52.66
CA GLN B 841 42.58 -6.54 52.05
C GLN B 841 41.38 -5.61 52.00
N GLU B 842 41.12 -4.83 53.05
CA GLU B 842 40.07 -3.81 53.04
C GLU B 842 40.06 -3.05 54.35
N LEU B 843 39.40 -1.89 54.34
CA LEU B 843 39.17 -1.06 55.51
C LEU B 843 38.17 0.03 55.12
N VAL B 844 37.73 0.83 56.09
CA VAL B 844 36.70 1.84 55.86
C VAL B 844 37.04 3.12 56.65
N VAL B 845 36.21 4.15 56.47
CA VAL B 845 36.17 5.38 57.27
C VAL B 845 37.52 6.09 57.26
N GLY B 846 38.05 6.36 56.08
CA GLY B 846 39.27 7.13 55.95
C GLY B 846 40.52 6.45 56.45
N LEU B 847 40.41 5.39 57.25
CA LEU B 847 41.59 4.64 57.65
C LEU B 847 42.19 3.89 56.46
N THR B 848 41.45 3.80 55.35
CA THR B 848 42.01 3.24 54.13
C THR B 848 43.20 4.06 53.65
N LYS B 849 43.07 5.38 53.70
CA LYS B 849 44.08 6.32 53.19
C LYS B 849 44.34 5.94 51.74
N GLU B 850 45.53 5.47 51.39
CA GLU B 850 45.84 5.09 50.01
C GLU B 850 45.87 3.57 49.91
N LEU B 851 44.77 2.98 49.44
CA LEU B 851 44.72 1.55 49.20
C LEU B 851 45.74 1.18 48.12
N THR B 852 46.52 0.14 48.38
CA THR B 852 47.65 -0.21 47.53
C THR B 852 47.49 -1.62 46.98
N LEU B 853 47.79 -1.77 45.68
CA LEU B 853 47.82 -3.06 45.01
C LEU B 853 49.12 -3.17 44.23
N ASN B 854 49.52 -4.39 43.95
CA ASN B 854 50.77 -4.64 43.23
C ASN B 854 50.59 -5.88 42.37
N ILE B 855 50.75 -5.74 41.06
CA ILE B 855 50.64 -6.84 40.12
C ILE B 855 51.95 -6.96 39.36
N ASN B 856 52.48 -8.18 39.28
CA ASN B 856 53.69 -8.47 38.52
C ASN B 856 53.39 -9.58 37.52
N LEU B 857 53.47 -9.26 36.23
CA LEU B 857 53.22 -10.22 35.17
C LEU B 857 54.51 -10.92 34.80
N THR B 858 54.50 -12.25 34.81
CA THR B 858 55.67 -13.05 34.48
C THR B 858 55.36 -13.93 33.28
N ASN B 859 56.15 -13.82 32.23
CA ASN B 859 56.04 -14.65 31.04
C ASN B 859 57.26 -15.55 30.97
N SER B 860 57.04 -16.86 30.99
CA SER B 860 58.15 -17.81 30.99
C SER B 860 57.92 -18.98 30.04
N GLY B 861 56.97 -18.87 29.12
CA GLY B 861 56.71 -19.93 28.17
C GLY B 861 57.59 -19.83 26.95
N GLU B 862 57.01 -20.09 25.77
CA GLU B 862 57.78 -19.98 24.53
C GLU B 862 57.86 -18.54 24.05
N ASP B 863 56.71 -17.97 23.72
CA ASP B 863 56.62 -16.59 23.26
C ASP B 863 55.18 -16.10 23.40
N SER B 864 55.02 -14.87 23.87
CA SER B 864 53.70 -14.25 24.05
C SER B 864 53.51 -13.18 22.99
N TYR B 865 52.43 -13.28 22.23
CA TYR B 865 52.16 -12.40 21.11
C TYR B 865 50.86 -11.64 21.32
N MET B 866 50.93 -10.31 21.19
CA MET B 866 49.82 -9.38 21.47
C MET B 866 48.94 -9.87 22.62
N THR B 867 49.56 -10.13 23.77
CA THR B 867 48.80 -10.48 24.96
C THR B 867 48.02 -9.27 25.45
N SER B 868 47.01 -9.53 26.28
CA SER B 868 46.10 -8.49 26.74
C SER B 868 45.96 -8.53 28.26
N MET B 869 45.67 -7.36 28.82
CA MET B 869 45.38 -7.18 30.23
C MET B 869 43.88 -7.04 30.45
N ALA B 870 43.47 -7.27 31.70
CA ALA B 870 42.07 -7.07 32.09
C ALA B 870 42.04 -6.90 33.61
N LEU B 871 41.73 -5.69 34.06
CA LEU B 871 41.59 -5.40 35.49
C LEU B 871 40.14 -5.02 35.75
N ASN B 872 39.46 -5.80 36.58
CA ASN B 872 38.04 -5.63 36.85
C ASN B 872 37.86 -5.28 38.32
N TYR B 873 37.69 -3.99 38.60
CA TYR B 873 37.43 -3.49 39.94
C TYR B 873 36.28 -2.50 39.89
N PRO B 874 35.47 -2.42 40.95
CA PRO B 874 34.31 -1.54 40.93
C PRO B 874 34.72 -0.07 40.88
N ARG B 875 33.85 0.74 40.27
CA ARG B 875 34.08 2.17 40.08
C ARG B 875 34.03 2.97 41.39
N ASN B 876 33.86 2.30 42.54
CA ASN B 876 33.82 2.99 43.83
C ASN B 876 35.19 3.50 44.26
N LEU B 877 36.26 3.12 43.57
CA LEU B 877 37.62 3.52 43.92
C LEU B 877 38.34 3.97 42.66
N GLN B 878 39.34 4.84 42.87
CA GLN B 878 39.97 5.55 41.75
C GLN B 878 41.45 5.69 42.02
N LEU B 879 42.22 5.81 40.93
CA LEU B 879 43.69 5.82 40.96
C LEU B 879 44.20 7.26 40.89
N LYS B 880 44.90 7.68 41.94
CA LYS B 880 45.53 9.00 41.90
C LYS B 880 46.72 9.01 40.93
N ARG B 881 47.59 8.01 41.04
CA ARG B 881 48.77 7.90 40.20
C ARG B 881 48.93 6.46 39.73
N MET B 882 49.64 6.31 38.61
CA MET B 882 49.85 5.01 37.97
C MET B 882 51.32 4.86 37.65
N GLN B 883 51.86 3.66 37.84
CA GLN B 883 53.28 3.38 37.69
C GLN B 883 53.50 2.30 36.65
N LYS B 884 54.39 2.55 35.71
CA LYS B 884 54.73 1.61 34.65
C LYS B 884 55.81 0.65 35.12
N PRO B 885 55.90 -0.52 34.48
CA PRO B 885 57.00 -1.44 34.81
C PRO B 885 58.31 -0.96 34.19
N PRO B 886 59.32 -0.71 35.02
CA PRO B 886 60.56 -0.12 34.49
C PRO B 886 61.40 -1.09 33.65
N SER B 887 61.55 -2.33 34.10
CA SER B 887 62.43 -3.28 33.45
C SER B 887 61.65 -4.44 32.85
N PRO B 888 61.48 -4.51 31.53
CA PRO B 888 61.89 -3.51 30.53
C PRO B 888 60.80 -2.48 30.30
N ASN B 889 60.94 -1.61 29.29
CA ASN B 889 59.93 -0.60 29.00
C ASN B 889 58.82 -1.22 28.15
N ILE B 890 58.08 -2.14 28.76
CA ILE B 890 56.96 -2.78 28.10
C ILE B 890 55.82 -1.78 27.95
N GLN B 891 55.33 -1.61 26.74
CA GLN B 891 54.20 -0.73 26.50
C GLN B 891 52.95 -1.27 27.19
N CYS B 892 52.10 -0.35 27.66
CA CYS B 892 50.86 -0.70 28.34
C CYS B 892 49.89 0.46 28.08
N ASP B 893 48.99 0.27 27.10
CA ASP B 893 48.01 1.28 26.73
C ASP B 893 46.80 1.17 27.67
N ASP B 894 46.94 1.78 28.83
CA ASP B 894 45.89 1.72 29.84
C ASP B 894 44.70 2.58 29.43
N PRO B 895 43.50 2.03 29.33
CA PRO B 895 42.33 2.84 28.99
C PRO B 895 41.75 3.55 30.21
N GLN B 896 40.78 4.42 29.94
CA GLN B 896 40.14 5.17 31.00
C GLN B 896 39.22 4.26 31.81
N PRO B 897 38.95 4.60 33.06
CA PRO B 897 37.98 3.82 33.85
C PRO B 897 36.58 3.92 33.26
N VAL B 898 35.81 2.87 33.47
CA VAL B 898 34.46 2.75 32.91
C VAL B 898 33.46 2.59 34.06
N ALA B 899 32.25 3.10 33.84
CA ALA B 899 31.20 3.01 34.86
C ALA B 899 30.84 1.55 35.15
N SER B 900 30.81 0.72 34.12
CA SER B 900 30.49 -0.70 34.28
C SER B 900 31.68 -1.44 34.88
N VAL B 901 31.61 -2.78 34.85
CA VAL B 901 32.72 -3.59 35.31
C VAL B 901 33.98 -3.20 34.55
N LEU B 902 35.03 -2.90 35.29
CA LEU B 902 36.23 -2.32 34.69
C LEU B 902 36.89 -3.30 33.74
N ILE B 903 37.30 -2.78 32.58
CA ILE B 903 38.09 -3.55 31.63
C ILE B 903 39.31 -2.71 31.25
N MET B 904 40.41 -2.90 31.97
CA MET B 904 41.66 -2.19 31.67
C MET B 904 42.45 -3.04 30.69
N ASN B 905 41.98 -3.05 29.44
CA ASN B 905 42.61 -3.84 28.38
C ASN B 905 43.90 -3.15 27.98
N CYS B 906 44.90 -3.27 28.85
CA CYS B 906 46.18 -2.64 28.66
C CYS B 906 47.02 -3.42 27.65
N ARG B 907 47.60 -2.69 26.71
CA ARG B 907 48.32 -3.31 25.58
C ARG B 907 49.73 -3.71 26.02
N ILE B 908 49.80 -4.74 26.85
CA ILE B 908 51.05 -5.35 27.26
C ILE B 908 51.47 -6.37 26.21
N GLY B 909 52.71 -6.84 26.29
CA GLY B 909 53.15 -7.94 25.46
C GLY B 909 53.84 -7.55 24.18
N HIS B 910 53.12 -7.68 23.05
CA HIS B 910 53.59 -7.44 21.69
C HIS B 910 54.49 -8.60 21.28
N PRO B 911 54.58 -8.92 19.98
CA PRO B 911 55.45 -10.03 19.56
C PRO B 911 56.89 -9.91 20.02
N VAL B 912 57.39 -8.70 20.24
CA VAL B 912 58.77 -8.50 20.67
C VAL B 912 58.99 -9.09 22.06
N LEU B 913 57.93 -9.20 22.85
CA LEU B 913 58.02 -9.61 24.26
C LEU B 913 58.84 -10.88 24.42
N LYS B 914 59.89 -10.79 25.22
CA LYS B 914 60.76 -11.92 25.54
C LYS B 914 60.24 -12.59 26.82
N ARG B 915 61.04 -13.48 27.41
CA ARG B 915 60.68 -14.19 28.63
C ARG B 915 60.89 -13.36 29.89
N SER B 916 60.93 -12.03 29.77
CA SER B 916 61.12 -11.15 30.91
C SER B 916 59.80 -11.02 31.68
N SER B 917 59.78 -10.13 32.66
CA SER B 917 58.62 -9.94 33.52
C SER B 917 58.35 -8.45 33.71
N ALA B 918 57.11 -8.14 34.08
CA ALA B 918 56.68 -6.78 34.33
C ALA B 918 56.27 -6.62 35.79
N HIS B 919 56.13 -5.37 36.21
CA HIS B 919 55.77 -5.06 37.60
C HIS B 919 55.00 -3.74 37.61
N VAL B 920 53.71 -3.80 37.87
CA VAL B 920 52.83 -2.64 37.85
C VAL B 920 52.40 -2.31 39.27
N SER B 921 52.57 -1.05 39.65
CA SER B 921 52.19 -0.56 40.98
C SER B 921 50.92 0.27 40.87
N VAL B 922 49.97 -0.02 41.75
CA VAL B 922 48.66 0.65 41.73
C VAL B 922 48.32 1.09 43.15
N VAL B 923 47.89 2.35 43.29
CA VAL B 923 47.56 2.94 44.59
C VAL B 923 46.14 3.49 44.47
N TRP B 924 45.17 2.76 45.02
CA TRP B 924 43.77 3.14 44.85
C TRP B 924 43.29 4.02 46.00
N GLN B 925 42.21 4.76 45.74
CA GLN B 925 41.48 5.51 46.76
C GLN B 925 40.02 5.61 46.32
N LEU B 926 39.12 5.54 47.30
CA LEU B 926 37.70 5.60 46.99
C LEU B 926 37.34 6.94 46.34
N GLU B 927 36.60 6.87 45.24
CA GLU B 927 36.19 8.06 44.48
C GLU B 927 34.90 8.61 45.10
N GLU B 928 35.01 9.03 46.35
CA GLU B 928 33.88 9.56 47.12
C GLU B 928 32.71 8.56 47.15
N ASN B 929 33.04 7.28 47.23
CA ASN B 929 32.06 6.21 47.22
C ASN B 929 32.33 5.25 48.36
N ALA B 930 31.27 4.75 48.99
CA ALA B 930 31.37 3.73 50.03
C ALA B 930 30.47 2.57 49.64
N PHE B 931 31.02 1.36 49.70
CA PHE B 931 30.29 0.17 49.28
C PHE B 931 30.40 -0.92 50.35
N PRO B 932 29.35 -1.72 50.52
CA PRO B 932 29.37 -2.78 51.53
C PRO B 932 30.12 -4.00 51.04
N ASN B 933 30.10 -5.04 51.87
CA ASN B 933 30.75 -6.30 51.53
C ASN B 933 30.07 -6.95 50.33
N ARG B 934 30.87 -7.50 49.43
CA ARG B 934 30.38 -8.03 48.17
C ARG B 934 30.99 -9.41 47.95
N THR B 935 30.76 -9.97 46.77
CA THR B 935 31.30 -11.27 46.40
C THR B 935 32.06 -11.15 45.07
N ALA B 936 32.88 -12.17 44.80
CA ALA B 936 33.73 -12.34 43.64
C ALA B 936 34.95 -11.42 43.65
N ASP B 937 35.03 -10.47 44.59
CA ASP B 937 36.20 -9.61 44.82
C ASP B 937 36.61 -8.95 43.50
N ILE B 938 37.90 -8.90 43.18
CA ILE B 938 38.40 -8.28 41.95
C ILE B 938 39.08 -9.35 41.13
N THR B 939 38.68 -9.47 39.86
CA THR B 939 39.20 -10.47 38.95
C THR B 939 40.11 -9.83 37.91
N VAL B 940 41.30 -10.42 37.73
CA VAL B 940 42.26 -9.97 36.74
C VAL B 940 42.49 -11.11 35.76
N THR B 941 42.38 -10.82 34.47
CA THR B 941 42.49 -11.81 33.42
C THR B 941 43.58 -11.41 32.43
N VAL B 942 44.36 -12.40 31.98
CA VAL B 942 45.39 -12.19 30.97
C VAL B 942 44.97 -12.96 29.73
N THR B 943 44.84 -12.25 28.60
CA THR B 943 44.38 -12.84 27.36
C THR B 943 45.50 -12.77 26.32
N ASN B 944 45.83 -13.92 25.73
CA ASN B 944 46.81 -14.00 24.66
C ASN B 944 46.10 -14.31 23.35
N SER B 945 46.38 -13.53 22.32
CA SER B 945 45.70 -13.63 21.04
C SER B 945 46.34 -14.66 20.11
N ASN B 946 47.08 -15.61 20.65
CA ASN B 946 47.66 -16.66 19.83
C ASN B 946 46.58 -17.66 19.41
N GLU B 947 46.97 -18.62 18.57
CA GLU B 947 46.03 -19.64 18.14
C GLU B 947 45.54 -20.47 19.32
N ARG B 948 46.43 -20.79 20.26
CA ARG B 948 46.06 -21.46 21.49
C ARG B 948 46.05 -20.44 22.62
N ARG B 949 44.93 -20.38 23.34
CA ARG B 949 44.72 -19.37 24.37
C ARG B 949 45.03 -19.94 25.75
N SER B 950 45.86 -19.21 26.50
CA SER B 950 46.18 -19.55 27.87
C SER B 950 45.60 -18.49 28.80
N LEU B 951 44.84 -18.93 29.80
CA LEU B 951 44.10 -18.04 30.69
C LEU B 951 44.67 -18.09 32.09
N ALA B 952 44.81 -16.92 32.71
CA ALA B 952 45.26 -16.79 34.08
C ALA B 952 44.21 -16.04 34.89
N ASN B 953 43.89 -16.55 36.07
CA ASN B 953 42.87 -15.96 36.93
C ASN B 953 43.43 -15.76 38.32
N GLU B 954 43.10 -14.62 38.93
CA GLU B 954 43.53 -14.31 40.29
C GLU B 954 42.45 -13.49 40.98
N THR B 955 42.30 -13.72 42.28
CA THR B 955 41.30 -13.00 43.09
C THR B 955 41.91 -12.65 44.44
N HIS B 956 41.35 -11.62 45.07
CA HIS B 956 41.82 -11.12 46.34
C HIS B 956 40.79 -11.44 47.44
N THR B 957 41.05 -10.93 48.64
CA THR B 957 40.13 -11.08 49.76
C THR B 957 39.68 -9.69 50.22
N LEU B 958 38.38 -9.54 50.47
CA LEU B 958 37.79 -8.25 50.77
C LEU B 958 36.81 -8.39 51.92
N GLN B 959 37.11 -7.75 53.05
CA GLN B 959 36.24 -7.75 54.22
C GLN B 959 36.69 -6.69 55.22
N PHE B 960 35.77 -5.83 55.69
CA PHE B 960 36.17 -4.67 56.47
C PHE B 960 35.47 -4.52 57.81
N ARG B 961 34.27 -5.09 58.00
CA ARG B 961 33.53 -5.00 59.26
C ARG B 961 33.17 -3.54 59.60
N HIS B 962 32.50 -2.86 58.67
CA HIS B 962 31.88 -1.56 58.94
C HIS B 962 30.80 -1.33 57.90
N GLY B 963 29.54 -1.42 58.31
CA GLY B 963 28.42 -1.23 57.41
C GLY B 963 28.31 0.17 56.86
C1 NAG C . -26.05 -19.49 5.35
C2 NAG C . -26.86 -18.26 5.78
C3 NAG C . -28.26 -18.66 6.22
C4 NAG C . -28.94 -19.53 5.17
C5 NAG C . -28.03 -20.70 4.79
C6 NAG C . -28.59 -21.55 3.67
C7 NAG C . -25.58 -16.36 6.68
C8 NAG C . -24.92 -15.78 7.90
N2 NAG C . -26.17 -17.55 6.84
O3 NAG C . -29.03 -17.48 6.43
O4 NAG C . -30.15 -20.05 5.69
O5 NAG C . -26.77 -20.19 4.35
O6 NAG C . -27.63 -22.51 3.24
O7 NAG C . -25.57 -15.78 5.59
C1 NAG C . -31.29 -19.53 4.99
C2 NAG C . -32.49 -20.43 5.28
C3 NAG C . -33.75 -19.89 4.63
C4 NAG C . -33.97 -18.43 5.01
C5 NAG C . -32.72 -17.62 4.70
C6 NAG C . -32.82 -16.18 5.15
C7 NAG C . -31.61 -22.71 5.61
C8 NAG C . -31.43 -24.06 5.00
N2 NAG C . -32.23 -21.80 4.85
O3 NAG C . -34.87 -20.68 5.02
O4 NAG C . -35.08 -17.91 4.28
O5 NAG C . -31.59 -18.19 5.39
O6 NAG C . -31.71 -15.41 4.69
O7 NAG C . -31.21 -22.45 6.74
C1 BMA C . -36.12 -17.55 5.21
C2 BMA C . -37.26 -16.85 4.41
C3 BMA C . -38.43 -16.56 5.34
C4 BMA C . -38.86 -17.79 6.13
C5 BMA C . -37.64 -18.40 6.85
C6 BMA C . -37.97 -19.68 7.61
O2 BMA C . -37.74 -17.70 3.39
O3 BMA C . -39.53 -16.02 4.63
O4 BMA C . -39.85 -17.46 7.08
O5 BMA C . -36.63 -18.71 5.88
O6 BMA C . -36.80 -20.10 8.30
MG MG D . -29.10 3.40 0.77
CA CA E . -25.38 0.34 -3.54
CA CA F . -34.51 9.19 5.66
#